data_8Y1O
#
_entry.id   8Y1O
#
_cell.length_a   1.00
_cell.length_b   1.00
_cell.length_c   1.00
_cell.angle_alpha   90.00
_cell.angle_beta   90.00
_cell.angle_gamma   90.00
#
_symmetry.space_group_name_H-M   'P 1'
#
_entity_poly.entity_id   1
_entity_poly.type   'polypeptide(L)'
_entity_poly.pdbx_seq_one_letter_code
;MAFWTQLMLLLWKNFMYRRRQPVQLLVELLWPLFLFFILVAVRHSHPPLEHHECHFPNKPLPSAGTVPWLQGLICNVNNT
CFPQLTPGEEPGRLSNFNDSLVSRLLADARTVLGGASAHRTLAGLGKLIATLRAARSTAQPQPTKQSPLEPPMLDVAELL
TSLLRTESLGLALGQAQEPLHSLLEAAEDLAQELLALRSLVELRALLQRPRGTSGPLELLSEALCSVRGPSSTVGPSLNW
YEASDLMELVGQEPESALPDSSLSPACSELIGALDSHPLSRLLWRRLKPLILGKLLFAPDTPFTRKLMAQVNRTFEELTL
LRDVREVWEMLGPRIFTFMNDSSNVAMLQRLLQMQDEGRRQPRPGGRDHMEALRSFLDPGSGGYSWQDAHADVGHLVGTL
GRVTECLSLDKLEAAPSEAALVSRALQLLAEHRFWAGVVFLGPEDSSDPTEHPTPDLGPGHVRIKIRMDIDVVTRTNKIR
DRFWDPGPAADPLTDLRYVWGGFVYLQDLVERAAVRVLSGANPRAGLYLQQMPYPCYVDDVFLRVLSRSLPLFLTLAWIY
SVTLTVKAVVREKETRLRDTMRAMGLSRAVLWLGWFLSCLGPFLLSAALLVLVLKLGDILPYSHPGVVFLFLAAFAVATV
TQSFLLSAFFSRANLAAACGGLAYFSLYLPYVLCVAWRDRLPAGGRVAASLLSPVAFGFGCESLALLEEQGEGAQWHNVG
TRPTADVFSLAQVSGLLLLDAALYGLATWYLEAVCPGQYGIPEPWNFPFRRSYWCGPRPPKSPAPCPTPLDPKVLVEEAP
PGLSPGVSVRSLEKRFPGSPQPALRGLSLDFYQGHITAFLGHNGAGKTTTLSILSGLFPPSGGSAFILGHDVRSSMAAIR
PHLGVCPQYNVLFDMLTVDEHVWFYGRLKGLSAAVVGPEQDRLLQDVGLVSKQSVQTRHLSGGMQRKLSVAIAFVGGSQV
VILDQPTAGVDPASRRGIWELLLKYREGRTLILSTHHLDEAELLGDRVAVVAGGRLCCCGSPLFLRRHLGSGYYLTLVKA
RLPLTTNEKADTDMEGSVDTRQEKKNGSQGSRVGTPQLLALVQHWVPGARLVEELPHELVLVLPYTGAHDGSFATLFREL
DTRLAELRLTGYGISDTSLEEIFLKVVEECAADTDMEDGSCGQHLCTGIAGLDVTLRLKMPPQETALENGEPAGSAPETD
QGSGPDAVGRVQGWALTRQQLQALLLKRFLLARRSRRGLFAQIVLPALFVGLALVFSLIVPPFGHYPALRLSPTMYGAQV
SFFSEDAPGDPGRARLLEALLQEAGLEEPPVQHSSHRFSAPEVPAEVAKVLASGNWTPESPSPACQCSRPGARRLLPDCP
AAAGGPPPPQAVTGSGEVVQNLTGRNLSDFLVKTYPRLVRQGLKTKKWVNEVRYGGFSLGGRDPGLPSGQELGRSVEELW
ALLSPLPGGALDRVLKNLTAWAHSLDAQDSLKIWFNNKGWHSMVAFVNRASNAILRAHLPPGPARHAHSITTLNHPLNLT
KEQLSEGALMASSVDVLVSICVVFAMSFVPASFTLVLIEERVTRAKHLQLMGGLSPTLYWLGNFLWDMCNYLVPACIVVL
IFLAFQQRAYVAPANLPALLLLLLLYGWSITPLMYPASFFFSVPSTAYVVLTCINLFIGINGSMATFVLELFSDQKLQEV
SRILKQVFLIFPHFCLGRGLIDMVRNQAMADAFERLGDRQFQSPLRWEVVGKNLLAMVIQGPLFLLFTLLLQHRSQLLPQ
PRVRSLPLLGEEDEDVARERERVVQGATQGDVLVLRNLTKVYRGQRMPAVDRLCLGIPPGECFGLLGVNGAGKTSTFRMV
TGDTLASRGEAVLAGHSVAREPSAAHLSMGYCPQSDAIFELLTGREHLELLARLRGVPEAQVAQTAGSGLARLGLSWYAD
RPAGTYSGGNKRKLATALALVGDPAVVFLDQPTTGMDPSARRFLWNSLLAVVREGRSVMLTSHSMEECEALCSRLAIMVN
GRFRCLGSPQHLKGRFAAGHTLTLRVPAARSQPAAAFVAAEFPGAELREAHGGRLRFQLPPGGRCALARVFGELAVHGAE
HGVEDFSVSQTMLEEVFLYFSKDQGKDEDTEEQKEAGVGVDPAPGLQHPKRVSQFLDDPSTAETVL
;
_entity_poly.pdbx_strand_id   A
#
# COMPACT_ATOMS: atom_id res chain seq x y z
N PHE A 3 26.83 23.92 -22.61
CA PHE A 3 25.59 23.18 -22.46
C PHE A 3 25.81 21.69 -22.65
N TRP A 4 26.26 21.30 -23.84
CA TRP A 4 26.37 19.89 -24.18
C TRP A 4 27.53 19.21 -23.47
N THR A 5 28.51 19.96 -22.95
CA THR A 5 29.59 19.33 -22.20
C THR A 5 29.11 18.94 -20.81
N GLN A 6 28.50 19.89 -20.09
CA GLN A 6 28.08 19.63 -18.72
C GLN A 6 26.89 18.68 -18.65
N LEU A 7 26.07 18.60 -19.70
CA LEU A 7 24.98 17.64 -19.73
C LEU A 7 25.52 16.21 -19.71
N MET A 8 26.45 15.90 -20.61
CA MET A 8 27.04 14.57 -20.64
C MET A 8 27.90 14.33 -19.41
N LEU A 9 28.52 15.37 -18.86
CA LEU A 9 29.30 15.18 -17.65
C LEU A 9 28.39 14.83 -16.48
N LEU A 10 27.24 15.51 -16.36
CA LEU A 10 26.29 15.19 -15.30
C LEU A 10 25.71 13.80 -15.49
N LEU A 11 25.47 13.40 -16.74
CA LEU A 11 25.01 12.04 -17.00
C LEU A 11 26.03 11.01 -16.54
N TRP A 12 27.32 11.28 -16.80
CA TRP A 12 28.39 10.41 -16.32
C TRP A 12 28.43 10.38 -14.80
N LYS A 13 28.25 11.54 -14.17
CA LYS A 13 28.26 11.64 -12.71
C LYS A 13 27.12 10.84 -12.09
N ASN A 14 25.93 10.91 -12.69
CA ASN A 14 24.80 10.13 -12.19
C ASN A 14 24.95 8.64 -12.47
N PHE A 15 25.54 8.27 -13.60
CA PHE A 15 25.75 6.85 -13.89
C PHE A 15 26.78 6.23 -12.95
N MET A 16 27.79 7.00 -12.54
CA MET A 16 28.79 6.50 -11.61
C MET A 16 28.21 6.20 -10.23
N TYR A 17 27.10 6.87 -9.87
CA TYR A 17 26.42 6.57 -8.62
C TYR A 17 25.91 5.14 -8.59
N ARG A 18 25.17 4.74 -9.63
CA ARG A 18 24.67 3.38 -9.73
C ARG A 18 25.78 2.38 -10.02
N ARG A 19 26.84 2.80 -10.71
CA ARG A 19 27.98 1.89 -10.93
C ARG A 19 28.70 1.61 -9.62
N ARG A 20 28.75 2.58 -8.71
CA ARG A 20 29.37 2.39 -7.41
C ARG A 20 28.45 1.66 -6.44
N GLN A 21 27.14 1.70 -6.63
CA GLN A 21 26.17 1.01 -5.78
C GLN A 21 25.47 -0.05 -6.63
N PRO A 22 26.05 -1.26 -6.73
CA PRO A 22 25.51 -2.24 -7.68
C PRO A 22 24.33 -3.05 -7.16
N VAL A 23 24.23 -3.28 -5.85
CA VAL A 23 23.19 -4.17 -5.33
C VAL A 23 21.81 -3.54 -5.44
N GLN A 24 21.69 -2.22 -5.31
CA GLN A 24 20.41 -1.55 -5.52
C GLN A 24 19.96 -1.69 -6.97
N LEU A 25 20.89 -1.52 -7.91
CA LEU A 25 20.57 -1.69 -9.33
C LEU A 25 20.17 -3.13 -9.63
N LEU A 26 20.89 -4.10 -9.05
CA LEU A 26 20.57 -5.50 -9.30
C LEU A 26 19.21 -5.91 -8.74
N VAL A 27 18.89 -5.52 -7.51
CA VAL A 27 17.56 -5.79 -6.99
C VAL A 27 16.50 -4.99 -7.73
N GLU A 28 16.86 -3.82 -8.29
CA GLU A 28 15.94 -3.08 -9.14
C GLU A 28 15.61 -3.87 -10.39
N LEU A 29 16.63 -4.45 -11.02
CA LEU A 29 16.38 -5.22 -12.24
C LEU A 29 15.68 -6.53 -11.98
N LEU A 30 15.87 -7.14 -10.80
CA LEU A 30 15.36 -8.48 -10.56
C LEU A 30 14.13 -8.52 -9.64
N TRP A 31 13.61 -7.37 -9.20
CA TRP A 31 12.34 -7.40 -8.47
C TRP A 31 11.11 -7.47 -9.38
N PRO A 32 10.94 -6.61 -10.40
CA PRO A 32 9.78 -6.77 -11.28
C PRO A 32 9.84 -8.02 -12.13
N LEU A 33 11.04 -8.53 -12.43
CA LEU A 33 11.15 -9.81 -13.11
C LEU A 33 10.57 -10.93 -12.26
N PHE A 34 10.82 -10.91 -10.95
CA PHE A 34 10.23 -11.90 -10.06
C PHE A 34 8.71 -11.73 -9.96
N LEU A 35 8.24 -10.48 -9.88
CA LEU A 35 6.81 -10.24 -9.81
C LEU A 35 6.09 -10.72 -11.07
N PHE A 36 6.65 -10.44 -12.23
CA PHE A 36 5.99 -10.85 -13.45
C PHE A 36 6.24 -12.31 -13.80
N PHE A 37 7.26 -12.94 -13.20
CA PHE A 37 7.34 -14.39 -13.25
C PHE A 37 6.25 -15.03 -12.40
N ILE A 38 5.91 -14.43 -11.27
CA ILE A 38 4.75 -14.88 -10.50
C ILE A 38 3.48 -14.73 -11.34
N LEU A 39 3.34 -13.61 -12.04
CA LEU A 39 2.18 -13.41 -12.90
C LEU A 39 2.13 -14.41 -14.06
N VAL A 40 3.26 -14.73 -14.67
CA VAL A 40 3.26 -15.71 -15.76
C VAL A 40 3.06 -17.13 -15.23
N ALA A 41 3.44 -17.41 -13.99
CA ALA A 41 3.07 -18.69 -13.38
C ALA A 41 1.58 -18.78 -13.15
N VAL A 42 0.95 -17.66 -12.76
CA VAL A 42 -0.50 -17.62 -12.63
C VAL A 42 -1.16 -17.85 -13.98
N ARG A 43 -0.62 -17.24 -15.04
CA ARG A 43 -1.16 -17.45 -16.38
C ARG A 43 -1.00 -18.89 -16.85
N HIS A 44 0.15 -19.50 -16.58
CA HIS A 44 0.33 -20.90 -16.96
C HIS A 44 -0.47 -21.86 -16.09
N SER A 45 -0.89 -21.43 -14.90
CA SER A 45 -1.73 -22.28 -14.06
C SER A 45 -3.17 -22.35 -14.59
N HIS A 46 -3.63 -21.31 -15.27
CA HIS A 46 -5.00 -21.24 -15.78
C HIS A 46 -4.92 -21.11 -17.30
N PRO A 47 -4.86 -22.23 -18.03
CA PRO A 47 -4.80 -22.16 -19.48
C PRO A 47 -6.14 -21.71 -20.06
N PRO A 48 -6.15 -21.12 -21.24
CA PRO A 48 -7.42 -20.76 -21.87
C PRO A 48 -8.19 -22.00 -22.30
N LEU A 49 -9.51 -21.89 -22.27
CA LEU A 49 -10.40 -22.99 -22.62
C LEU A 49 -11.41 -22.51 -23.64
N GLU A 50 -11.52 -23.24 -24.74
CA GLU A 50 -12.47 -22.93 -25.80
C GLU A 50 -13.67 -23.86 -25.74
N HIS A 51 -14.69 -23.53 -26.54
CA HIS A 51 -15.89 -24.34 -26.59
C HIS A 51 -16.50 -24.23 -27.98
N HIS A 52 -17.32 -25.21 -28.33
CA HIS A 52 -18.03 -25.21 -29.59
C HIS A 52 -19.35 -24.45 -29.43
N GLU A 53 -20.06 -24.25 -30.54
CA GLU A 53 -21.38 -23.64 -30.47
C GLU A 53 -22.33 -24.59 -29.74
N CYS A 54 -23.06 -24.05 -28.77
CA CYS A 54 -23.78 -24.86 -27.80
C CYS A 54 -25.28 -24.71 -28.01
N HIS A 55 -25.96 -25.82 -28.26
CA HIS A 55 -27.41 -25.91 -28.26
C HIS A 55 -27.86 -26.85 -27.15
N PHE A 56 -29.14 -26.74 -26.78
CA PHE A 56 -29.60 -27.49 -25.63
C PHE A 56 -30.92 -28.19 -25.92
N PRO A 57 -31.12 -29.38 -25.36
CA PRO A 57 -32.34 -30.14 -25.65
C PRO A 57 -33.56 -29.56 -24.96
N ASN A 58 -34.72 -29.90 -25.53
CA ASN A 58 -35.99 -29.42 -24.99
C ASN A 58 -36.31 -30.09 -23.67
N LYS A 59 -36.83 -29.31 -22.73
CA LYS A 59 -37.24 -29.85 -21.43
C LYS A 59 -38.74 -29.64 -21.26
N PRO A 60 -39.57 -30.68 -21.42
CA PRO A 60 -41.01 -30.51 -21.28
C PRO A 60 -41.42 -30.28 -19.84
N LEU A 61 -42.60 -29.70 -19.66
CA LEU A 61 -43.18 -29.46 -18.36
C LEU A 61 -44.44 -30.30 -18.21
N PRO A 62 -44.80 -30.70 -16.99
CA PRO A 62 -45.94 -31.62 -16.81
C PRO A 62 -47.30 -31.06 -17.16
N SER A 63 -47.39 -29.83 -17.69
CA SER A 63 -48.63 -29.39 -18.31
C SER A 63 -48.75 -29.85 -19.75
N ALA A 64 -47.72 -30.49 -20.29
CA ALA A 64 -47.74 -31.01 -21.65
C ALA A 64 -48.12 -32.49 -21.70
N GLY A 65 -48.59 -33.04 -20.58
CA GLY A 65 -48.92 -34.44 -20.50
C GLY A 65 -48.22 -35.08 -19.33
N THR A 66 -47.97 -36.37 -19.42
CA THR A 66 -47.17 -37.00 -18.39
C THR A 66 -45.94 -37.69 -18.95
N VAL A 67 -46.07 -38.44 -20.03
CA VAL A 67 -44.96 -39.18 -20.63
C VAL A 67 -43.83 -38.28 -21.14
N PRO A 68 -44.07 -37.16 -21.85
CA PRO A 68 -42.93 -36.29 -22.19
C PRO A 68 -42.26 -35.65 -20.99
N TRP A 69 -42.99 -35.42 -19.89
CA TRP A 69 -42.37 -34.84 -18.70
C TRP A 69 -41.36 -35.79 -18.08
N LEU A 70 -41.75 -37.06 -17.94
CA LEU A 70 -40.83 -38.08 -17.45
C LEU A 70 -39.68 -38.09 -18.46
N GLN A 71 -40.01 -38.39 -19.72
CA GLN A 71 -39.02 -38.36 -20.78
C GLN A 71 -37.93 -37.30 -20.66
N GLY A 72 -38.31 -36.03 -20.52
CA GLY A 72 -37.35 -34.97 -20.34
C GLY A 72 -36.60 -35.04 -19.03
N LEU A 73 -37.27 -35.48 -17.96
CA LEU A 73 -36.59 -35.58 -16.66
C LEU A 73 -35.56 -36.71 -16.65
N ILE A 74 -35.93 -37.89 -17.13
CA ILE A 74 -35.02 -39.02 -17.12
C ILE A 74 -33.91 -38.85 -18.15
N CYS A 75 -34.25 -38.46 -19.37
CA CYS A 75 -33.25 -38.39 -20.43
C CYS A 75 -32.38 -37.14 -20.28
N ASN A 76 -32.99 -35.95 -20.24
CA ASN A 76 -32.24 -34.70 -20.23
C ASN A 76 -31.96 -34.26 -18.79
N VAL A 77 -31.19 -35.09 -18.10
CA VAL A 77 -30.80 -34.78 -16.73
C VAL A 77 -29.39 -34.16 -16.74
N ASN A 78 -28.53 -34.66 -17.62
CA ASN A 78 -27.17 -34.14 -17.72
C ASN A 78 -27.12 -32.77 -18.37
N ASN A 79 -28.11 -32.45 -19.20
CA ASN A 79 -28.20 -31.21 -19.98
C ASN A 79 -26.95 -31.01 -20.83
N THR A 80 -26.62 -32.06 -21.58
CA THR A 80 -25.43 -32.06 -22.41
C THR A 80 -25.55 -31.06 -23.55
N CYS A 81 -24.41 -30.48 -23.92
CA CYS A 81 -24.36 -29.56 -25.05
C CYS A 81 -24.54 -30.33 -26.35
N PHE A 82 -24.82 -29.58 -27.42
CA PHE A 82 -24.97 -30.21 -28.72
C PHE A 82 -24.43 -29.29 -29.81
N PRO A 83 -23.28 -29.62 -30.40
CA PRO A 83 -22.77 -28.80 -31.51
C PRO A 83 -23.65 -28.81 -32.73
N GLN A 84 -24.41 -29.88 -32.96
CA GLN A 84 -25.41 -29.89 -34.00
C GLN A 84 -26.73 -29.38 -33.46
N LEU A 85 -27.70 -29.17 -34.35
CA LEU A 85 -29.00 -28.64 -33.96
C LEU A 85 -29.88 -29.73 -33.40
N THR A 86 -30.41 -29.52 -32.20
CA THR A 86 -31.39 -30.42 -31.65
C THR A 86 -32.72 -30.25 -32.39
N PRO A 87 -33.45 -31.34 -32.63
CA PRO A 87 -34.72 -31.24 -33.37
C PRO A 87 -35.80 -30.46 -32.65
N GLY A 88 -35.67 -30.24 -31.35
CA GLY A 88 -36.65 -29.48 -30.59
C GLY A 88 -36.59 -28.00 -30.77
N GLU A 89 -35.66 -27.49 -31.57
CA GLU A 89 -35.59 -26.07 -31.86
C GLU A 89 -36.05 -25.72 -33.27
N GLU A 90 -36.28 -26.71 -34.12
CA GLU A 90 -36.88 -26.46 -35.41
C GLU A 90 -38.32 -25.98 -35.22
N PRO A 91 -38.81 -25.08 -36.08
CA PRO A 91 -40.15 -24.51 -35.88
C PRO A 91 -41.28 -25.53 -35.92
N GLY A 92 -41.15 -26.61 -36.68
CA GLY A 92 -42.22 -27.58 -36.79
C GLY A 92 -42.33 -28.50 -35.60
N ARG A 93 -41.31 -29.32 -35.37
CA ARG A 93 -41.35 -30.32 -34.32
C ARG A 93 -41.28 -29.68 -32.94
N LEU A 94 -41.88 -30.34 -31.97
CA LEU A 94 -41.80 -29.94 -30.57
C LEU A 94 -41.13 -31.00 -29.72
N SER A 95 -41.58 -32.24 -29.78
CA SER A 95 -40.86 -33.34 -29.18
C SER A 95 -39.71 -33.76 -30.10
N ASN A 96 -38.65 -34.28 -29.50
CA ASN A 96 -37.44 -34.64 -30.23
C ASN A 96 -37.03 -36.07 -29.93
N PHE A 97 -37.98 -36.99 -29.96
CA PHE A 97 -37.71 -38.37 -29.55
C PHE A 97 -38.39 -39.36 -30.49
N ASN A 98 -38.23 -39.14 -31.80
CA ASN A 98 -38.65 -40.14 -32.77
C ASN A 98 -37.85 -41.43 -32.62
N ASP A 99 -36.58 -41.32 -32.24
CA ASP A 99 -35.74 -42.50 -32.05
C ASP A 99 -36.01 -43.23 -30.75
N SER A 100 -36.77 -42.63 -29.83
CA SER A 100 -37.04 -43.27 -28.55
C SER A 100 -38.03 -44.42 -28.72
N LEU A 101 -37.89 -45.44 -27.87
CA LEU A 101 -38.74 -46.62 -27.97
C LEU A 101 -40.14 -46.36 -27.45
N VAL A 102 -40.29 -45.49 -26.43
CA VAL A 102 -41.60 -45.24 -25.85
C VAL A 102 -42.49 -44.45 -26.80
N SER A 103 -41.94 -43.40 -27.43
CA SER A 103 -42.71 -42.66 -28.42
C SER A 103 -43.00 -43.51 -29.64
N ARG A 104 -42.07 -44.41 -29.99
CA ARG A 104 -42.32 -45.38 -31.05
C ARG A 104 -43.49 -46.29 -30.69
N LEU A 105 -43.56 -46.73 -29.43
CA LEU A 105 -44.67 -47.57 -28.99
C LEU A 105 -45.99 -46.81 -29.02
N LEU A 106 -45.97 -45.55 -28.60
CA LEU A 106 -47.19 -44.72 -28.62
C LEU A 106 -47.69 -44.53 -30.04
N ALA A 107 -46.78 -44.16 -30.96
CA ALA A 107 -47.17 -43.97 -32.36
C ALA A 107 -47.58 -45.27 -33.01
N ASP A 108 -46.94 -46.39 -32.65
CA ASP A 108 -47.31 -47.67 -33.22
C ASP A 108 -48.69 -48.10 -32.75
N ALA A 109 -49.00 -47.89 -31.46
CA ALA A 109 -50.34 -48.19 -30.96
C ALA A 109 -51.38 -47.32 -31.63
N ARG A 110 -51.08 -46.03 -31.80
CA ARG A 110 -52.05 -45.14 -32.46
C ARG A 110 -52.16 -45.41 -33.95
N THR A 111 -51.18 -46.06 -34.57
CA THR A 111 -51.23 -46.33 -36.00
C THR A 111 -51.70 -47.73 -36.35
N VAL A 112 -51.72 -48.67 -35.39
CA VAL A 112 -52.30 -49.98 -35.63
C VAL A 112 -53.64 -50.18 -34.93
N LEU A 113 -54.00 -49.31 -33.99
CA LEU A 113 -55.31 -49.38 -33.37
C LEU A 113 -56.34 -48.49 -34.07
N GLY A 114 -55.89 -47.62 -34.98
CA GLY A 114 -56.80 -46.76 -35.71
C GLY A 114 -57.63 -47.48 -36.75
N GLY A 115 -57.01 -48.43 -37.45
CA GLY A 115 -57.70 -49.19 -38.48
C GLY A 115 -58.53 -50.35 -37.99
N ALA A 116 -58.41 -50.71 -36.72
CA ALA A 116 -59.19 -51.80 -36.14
C ALA A 116 -60.46 -51.26 -35.47
N SER A 117 -61.27 -50.58 -36.27
CA SER A 117 -62.55 -50.05 -35.82
C SER A 117 -63.71 -50.97 -36.17
N ALA A 118 -63.81 -51.38 -37.44
CA ALA A 118 -64.86 -52.30 -37.84
C ALA A 118 -64.59 -53.73 -37.39
N HIS A 119 -63.31 -54.10 -37.25
CA HIS A 119 -62.93 -55.48 -36.96
C HIS A 119 -63.28 -55.91 -35.54
N ARG A 120 -63.54 -54.97 -34.63
CA ARG A 120 -63.98 -55.30 -33.29
C ARG A 120 -65.47 -55.05 -33.08
N THR A 121 -66.04 -54.05 -33.76
CA THR A 121 -67.49 -53.87 -33.71
C THR A 121 -68.20 -55.02 -34.41
N LEU A 122 -67.56 -55.64 -35.41
CA LEU A 122 -68.10 -56.86 -36.00
C LEU A 122 -68.19 -57.97 -34.97
N ALA A 123 -67.14 -58.13 -34.15
CA ALA A 123 -67.17 -59.12 -33.08
C ALA A 123 -68.22 -58.78 -32.03
N GLY A 124 -68.38 -57.49 -31.71
CA GLY A 124 -69.40 -57.05 -30.79
C GLY A 124 -70.82 -57.36 -31.25
N LEU A 125 -71.12 -57.03 -32.51
CA LEU A 125 -72.46 -57.32 -33.03
C LEU A 125 -72.67 -58.83 -33.20
N GLY A 126 -71.62 -59.57 -33.53
CA GLY A 126 -71.74 -61.02 -33.59
C GLY A 126 -72.02 -61.63 -32.23
N LYS A 127 -71.36 -61.13 -31.18
CA LYS A 127 -71.65 -61.58 -29.83
C LYS A 127 -73.06 -61.21 -29.41
N LEU A 128 -73.53 -60.01 -29.78
CA LEU A 128 -74.87 -59.60 -29.44
C LEU A 128 -75.93 -60.46 -30.13
N ILE A 129 -75.75 -60.75 -31.42
CA ILE A 129 -76.72 -61.60 -32.10
C ILE A 129 -76.60 -63.06 -31.68
N ALA A 130 -75.42 -63.51 -31.25
CA ALA A 130 -75.29 -64.86 -30.69
C ALA A 130 -76.02 -64.96 -29.36
N THR A 131 -75.94 -63.92 -28.52
CA THR A 131 -76.69 -63.89 -27.28
C THR A 131 -78.19 -63.80 -27.54
N LEU A 132 -78.59 -63.10 -28.61
CA LEU A 132 -80.01 -63.00 -28.95
C LEU A 132 -80.55 -64.33 -29.47
N ARG A 133 -79.79 -65.04 -30.29
CA ARG A 133 -80.23 -66.33 -30.81
C ARG A 133 -80.15 -67.45 -29.77
N ALA A 134 -79.21 -67.35 -28.82
CA ALA A 134 -79.07 -68.40 -27.81
C ALA A 134 -80.23 -68.36 -26.82
N ALA A 135 -80.66 -67.18 -26.42
CA ALA A 135 -81.76 -67.04 -25.47
C ALA A 135 -82.99 -66.44 -26.13
N GLN A 177 -72.72 -69.63 -41.06
CA GLN A 177 -71.69 -69.32 -40.06
C GLN A 177 -70.72 -68.26 -40.60
N GLU A 178 -71.29 -67.17 -41.11
CA GLU A 178 -70.48 -66.04 -41.56
C GLU A 178 -69.62 -65.39 -40.47
N PRO A 179 -70.11 -65.09 -39.25
CA PRO A 179 -69.23 -64.42 -38.28
C PRO A 179 -67.99 -65.20 -37.86
N LEU A 180 -68.02 -66.54 -37.91
CA LEU A 180 -66.84 -67.32 -37.56
C LEU A 180 -65.68 -67.04 -38.52
N HIS A 181 -65.92 -67.16 -39.82
CA HIS A 181 -64.88 -66.87 -40.79
C HIS A 181 -64.58 -65.38 -40.89
N SER A 182 -65.58 -64.52 -40.66
CA SER A 182 -65.34 -63.08 -40.66
C SER A 182 -64.41 -62.67 -39.54
N LEU A 183 -64.63 -63.17 -38.33
CA LEU A 183 -63.72 -62.90 -37.22
C LEU A 183 -62.39 -63.63 -37.38
N LEU A 184 -62.36 -64.77 -38.07
CA LEU A 184 -61.09 -65.41 -38.39
C LEU A 184 -60.24 -64.52 -39.29
N GLU A 185 -60.85 -63.95 -40.33
CA GLU A 185 -60.12 -63.04 -41.22
C GLU A 185 -59.74 -61.74 -40.51
N ALA A 186 -60.63 -61.22 -39.65
CA ALA A 186 -60.31 -60.01 -38.88
C ALA A 186 -59.15 -60.26 -37.91
N ALA A 187 -59.13 -61.43 -37.26
CA ALA A 187 -58.02 -61.77 -36.38
C ALA A 187 -56.74 -62.01 -37.16
N GLU A 188 -56.85 -62.56 -38.37
CA GLU A 188 -55.68 -62.66 -39.25
C GLU A 188 -55.10 -61.29 -39.58
N ASP A 189 -55.97 -60.35 -39.96
CA ASP A 189 -55.54 -59.00 -40.29
C ASP A 189 -54.93 -58.29 -39.08
N LEU A 190 -55.55 -58.44 -37.91
CA LEU A 190 -55.03 -57.80 -36.70
C LEU A 190 -53.72 -58.44 -36.26
N ALA A 191 -53.58 -59.76 -36.38
CA ALA A 191 -52.34 -60.41 -36.00
C ALA A 191 -51.19 -60.04 -36.94
N GLN A 192 -51.47 -59.93 -38.24
CA GLN A 192 -50.44 -59.49 -39.17
C GLN A 192 -50.13 -58.00 -39.06
N GLU A 193 -51.10 -57.20 -38.60
CA GLU A 193 -50.83 -55.80 -38.32
C GLU A 193 -49.98 -55.64 -37.07
N LEU A 194 -50.25 -56.44 -36.04
CA LEU A 194 -49.48 -56.37 -34.80
C LEU A 194 -48.07 -56.90 -35.00
N LEU A 195 -47.93 -58.05 -35.67
CA LEU A 195 -46.63 -58.69 -35.84
C LEU A 195 -45.71 -57.93 -36.78
N ALA A 196 -46.22 -56.98 -37.55
CA ALA A 196 -45.38 -56.14 -38.41
C ALA A 196 -44.94 -54.87 -37.69
N LEU A 197 -44.38 -55.03 -36.50
CA LEU A 197 -43.89 -53.91 -35.69
C LEU A 197 -42.60 -54.33 -35.02
N ARG A 198 -41.53 -53.57 -35.25
CA ARG A 198 -40.22 -53.90 -34.72
C ARG A 198 -40.03 -53.49 -33.27
N SER A 199 -40.88 -52.61 -32.74
CA SER A 199 -40.70 -52.12 -31.38
C SER A 199 -41.05 -53.18 -30.33
N LEU A 200 -42.05 -54.01 -30.61
CA LEU A 200 -42.43 -55.04 -29.64
C LEU A 200 -41.35 -56.10 -29.51
N VAL A 201 -40.65 -56.42 -30.61
CA VAL A 201 -39.52 -57.34 -30.54
C VAL A 201 -38.40 -56.75 -29.70
N GLU A 202 -38.18 -55.43 -29.84
CA GLU A 202 -37.16 -54.76 -29.05
C GLU A 202 -37.49 -54.78 -27.56
N LEU A 203 -38.74 -54.48 -27.21
CA LEU A 203 -39.10 -54.49 -25.79
C LEU A 203 -39.20 -55.91 -25.25
N ARG A 204 -39.49 -56.89 -26.10
CA ARG A 204 -39.49 -58.28 -25.65
C ARG A 204 -38.08 -58.79 -25.40
N ALA A 205 -37.12 -58.41 -26.23
CA ALA A 205 -35.73 -58.75 -25.97
C ALA A 205 -35.19 -57.98 -24.77
N LEU A 206 -35.64 -56.75 -24.56
CA LEU A 206 -35.16 -55.96 -23.43
C LEU A 206 -35.75 -56.43 -22.11
N LEU A 207 -37.03 -56.82 -22.11
CA LEU A 207 -37.68 -57.27 -20.89
C LEU A 207 -37.35 -58.71 -20.52
N GLN A 208 -36.97 -59.52 -21.50
CA GLN A 208 -36.49 -60.88 -21.23
C GLN A 208 -34.97 -60.88 -21.04
N ARG A 209 -34.54 -60.02 -20.11
CA ARG A 209 -33.14 -59.83 -19.76
C ARG A 209 -33.02 -59.91 -18.25
N PRO A 210 -31.86 -60.30 -17.73
CA PRO A 210 -31.70 -60.43 -16.28
C PRO A 210 -31.73 -59.08 -15.58
N ARG A 211 -31.79 -59.14 -14.25
CA ARG A 211 -31.92 -57.98 -13.38
C ARG A 211 -30.62 -57.71 -12.64
N GLY A 212 -29.50 -57.83 -13.33
CA GLY A 212 -28.19 -57.84 -12.69
C GLY A 212 -27.42 -56.55 -12.71
N THR A 213 -26.46 -56.44 -13.65
CA THR A 213 -25.40 -55.44 -13.60
C THR A 213 -25.92 -54.01 -13.71
N SER A 214 -26.88 -53.76 -14.60
CA SER A 214 -27.28 -52.37 -14.85
C SER A 214 -28.23 -51.86 -13.76
N GLY A 215 -29.41 -52.45 -13.66
CA GLY A 215 -30.40 -52.00 -12.69
C GLY A 215 -31.68 -51.56 -13.37
N PRO A 216 -32.59 -50.96 -12.59
CA PRO A 216 -33.90 -50.58 -13.14
C PRO A 216 -33.85 -49.27 -13.94
N LEU A 217 -33.03 -48.31 -13.50
CA LEU A 217 -32.99 -47.02 -14.17
C LEU A 217 -32.40 -47.11 -15.57
N GLU A 218 -31.34 -47.92 -15.73
CA GLU A 218 -30.80 -48.13 -17.06
C GLU A 218 -31.77 -48.87 -17.97
N LEU A 219 -32.52 -49.82 -17.40
CA LEU A 219 -33.56 -50.51 -18.17
C LEU A 219 -34.66 -49.55 -18.61
N LEU A 220 -35.01 -48.58 -17.77
CA LEU A 220 -35.98 -47.56 -18.16
C LEU A 220 -35.41 -46.65 -19.24
N SER A 221 -34.20 -46.13 -19.03
CA SER A 221 -33.62 -45.15 -19.94
C SER A 221 -33.18 -45.75 -21.26
N GLU A 222 -33.02 -47.07 -21.35
CA GLU A 222 -32.71 -47.70 -22.63
C GLU A 222 -33.87 -47.55 -23.60
N ALA A 223 -35.11 -47.71 -23.12
CA ALA A 223 -36.29 -47.53 -23.94
C ALA A 223 -36.85 -46.11 -23.86
N LEU A 224 -36.35 -45.28 -22.95
CA LEU A 224 -36.78 -43.89 -22.90
C LEU A 224 -35.91 -42.97 -23.74
N CYS A 225 -34.60 -43.21 -23.76
CA CYS A 225 -33.67 -42.36 -24.51
C CYS A 225 -32.96 -43.15 -25.60
N SER A 264 -42.52 -51.05 2.64
CA SER A 264 -42.52 -52.31 1.90
C SER A 264 -41.10 -52.69 1.48
N PRO A 265 -40.75 -53.98 1.60
CA PRO A 265 -39.40 -54.42 1.23
C PRO A 265 -39.08 -54.28 -0.25
N ALA A 266 -40.08 -54.26 -1.13
CA ALA A 266 -39.82 -53.99 -2.54
C ALA A 266 -39.28 -52.59 -2.75
N CYS A 267 -39.80 -51.61 -2.01
CA CYS A 267 -39.26 -50.26 -2.07
C CYS A 267 -37.85 -50.20 -1.51
N SER A 268 -37.55 -50.98 -0.47
CA SER A 268 -36.20 -51.05 0.05
C SER A 268 -35.23 -51.63 -0.97
N GLU A 269 -35.66 -52.68 -1.68
CA GLU A 269 -34.83 -53.24 -2.74
C GLU A 269 -34.65 -52.26 -3.90
N LEU A 270 -35.70 -51.51 -4.24
CA LEU A 270 -35.57 -50.49 -5.28
C LEU A 270 -34.59 -49.39 -4.87
N ILE A 271 -34.66 -48.94 -3.62
CA ILE A 271 -33.76 -47.92 -3.12
C ILE A 271 -32.32 -48.44 -3.06
N GLY A 272 -32.14 -49.70 -2.68
CA GLY A 272 -30.83 -50.31 -2.72
C GLY A 272 -30.27 -50.44 -4.13
N ALA A 273 -31.15 -50.72 -5.10
CA ALA A 273 -30.71 -50.73 -6.50
C ALA A 273 -30.32 -49.34 -6.97
N LEU A 274 -31.04 -48.31 -6.54
CA LEU A 274 -30.67 -46.93 -6.88
C LEU A 274 -29.34 -46.54 -6.24
N ASP A 275 -29.11 -46.97 -5.01
CA ASP A 275 -27.86 -46.65 -4.32
C ASP A 275 -26.71 -47.58 -4.70
N SER A 276 -26.99 -48.65 -5.45
CA SER A 276 -25.92 -49.57 -5.84
C SER A 276 -24.97 -48.94 -6.84
N HIS A 277 -25.48 -48.09 -7.72
CA HIS A 277 -24.64 -47.46 -8.72
C HIS A 277 -24.66 -45.94 -8.54
N PRO A 278 -23.50 -45.28 -8.69
CA PRO A 278 -23.48 -43.82 -8.50
C PRO A 278 -24.32 -43.05 -9.49
N LEU A 279 -24.46 -43.55 -10.72
CA LEU A 279 -25.35 -42.92 -11.69
C LEU A 279 -26.79 -42.95 -11.22
N SER A 280 -27.28 -44.13 -10.83
CA SER A 280 -28.63 -44.24 -10.29
C SER A 280 -28.77 -43.48 -8.97
N ARG A 281 -27.69 -43.39 -8.20
CA ARG A 281 -27.70 -42.60 -6.97
C ARG A 281 -27.95 -41.13 -7.25
N LEU A 282 -27.23 -40.56 -8.23
CA LEU A 282 -27.43 -39.16 -8.52
C LEU A 282 -28.74 -38.89 -9.24
N LEU A 283 -29.24 -39.85 -10.02
CA LEU A 283 -30.58 -39.68 -10.60
C LEU A 283 -31.68 -39.77 -9.56
N TRP A 284 -31.51 -40.60 -8.52
CA TRP A 284 -32.45 -40.58 -7.42
C TRP A 284 -32.33 -39.31 -6.59
N ARG A 285 -31.13 -38.72 -6.56
CA ARG A 285 -30.95 -37.45 -5.86
C ARG A 285 -31.65 -36.29 -6.53
N ARG A 286 -32.01 -36.42 -7.81
CA ARG A 286 -32.91 -35.47 -8.46
C ARG A 286 -34.37 -35.91 -8.38
N LEU A 287 -34.65 -37.03 -7.71
CA LEU A 287 -36.00 -37.59 -7.70
C LEU A 287 -36.57 -37.86 -6.31
N LYS A 288 -35.74 -38.05 -5.29
CA LYS A 288 -36.27 -38.29 -3.94
C LYS A 288 -37.04 -37.12 -3.32
N PRO A 289 -36.82 -35.83 -3.65
CA PRO A 289 -37.81 -34.84 -3.23
C PRO A 289 -39.10 -34.89 -4.03
N LEU A 290 -39.07 -35.40 -5.26
CA LEU A 290 -40.29 -35.50 -6.04
C LEU A 290 -41.15 -36.68 -5.59
N ILE A 291 -40.52 -37.77 -5.15
CA ILE A 291 -41.28 -38.96 -4.77
C ILE A 291 -41.82 -38.84 -3.35
N LEU A 292 -40.93 -38.55 -2.40
CA LEU A 292 -41.27 -38.55 -0.99
C LEU A 292 -41.52 -37.16 -0.42
N GLY A 293 -41.71 -36.17 -1.28
CA GLY A 293 -41.93 -34.81 -0.85
C GLY A 293 -43.37 -34.55 -0.45
N LYS A 294 -43.65 -33.27 -0.18
CA LYS A 294 -44.97 -32.84 0.28
C LYS A 294 -45.38 -31.56 -0.43
N LEU A 295 -46.69 -31.32 -0.45
CA LEU A 295 -47.28 -30.05 -0.84
C LEU A 295 -48.15 -29.58 0.33
N LEU A 296 -47.68 -28.56 1.04
CA LEU A 296 -48.35 -28.10 2.26
C LEU A 296 -48.88 -26.70 2.02
N PHE A 297 -50.16 -26.61 1.66
CA PHE A 297 -50.80 -25.32 1.40
C PHE A 297 -51.38 -24.76 2.69
N ALA A 298 -51.02 -23.52 3.00
CA ALA A 298 -51.27 -22.99 4.35
C ALA A 298 -52.72 -22.54 4.57
N PRO A 299 -53.34 -21.67 3.77
CA PRO A 299 -54.74 -21.35 4.03
C PRO A 299 -55.64 -22.50 3.58
N ASP A 300 -56.73 -22.68 4.31
CA ASP A 300 -57.60 -23.84 4.13
C ASP A 300 -59.03 -23.43 3.85
N THR A 301 -59.21 -22.30 3.18
CA THR A 301 -60.52 -21.93 2.67
C THR A 301 -60.88 -22.85 1.51
N PRO A 302 -62.19 -23.00 1.21
CA PRO A 302 -62.59 -23.87 0.08
C PRO A 302 -62.06 -23.45 -1.28
N PHE A 303 -61.65 -22.18 -1.45
CA PHE A 303 -60.94 -21.79 -2.65
C PHE A 303 -59.61 -22.53 -2.76
N THR A 304 -58.85 -22.58 -1.67
CA THR A 304 -57.60 -23.35 -1.65
C THR A 304 -57.86 -24.84 -1.80
N ARG A 305 -58.96 -25.34 -1.25
CA ARG A 305 -59.31 -26.75 -1.43
C ARG A 305 -59.64 -27.06 -2.88
N LYS A 306 -60.33 -26.14 -3.57
CA LYS A 306 -60.55 -26.29 -5.01
C LYS A 306 -59.24 -26.28 -5.78
N LEU A 307 -58.35 -25.36 -5.39
CA LEU A 307 -57.02 -25.31 -6.00
C LEU A 307 -56.30 -26.64 -5.84
N MET A 308 -56.32 -27.20 -4.64
CA MET A 308 -55.57 -28.42 -4.40
C MET A 308 -56.25 -29.65 -5.00
N ALA A 309 -57.58 -29.68 -5.02
CA ALA A 309 -58.31 -30.75 -5.70
C ALA A 309 -58.20 -30.67 -7.22
N GLN A 310 -57.78 -29.52 -7.74
CA GLN A 310 -57.43 -29.47 -9.15
C GLN A 310 -55.95 -29.77 -9.42
N VAL A 311 -55.02 -29.50 -8.48
CA VAL A 311 -53.61 -29.74 -8.80
C VAL A 311 -53.26 -31.18 -8.48
N ASN A 312 -54.05 -31.88 -7.66
CA ASN A 312 -53.68 -33.28 -7.41
C ASN A 312 -54.17 -34.22 -8.51
N ARG A 313 -54.81 -33.70 -9.57
CA ARG A 313 -55.28 -34.53 -10.66
C ARG A 313 -54.14 -35.13 -11.48
N THR A 314 -52.93 -34.58 -11.38
CA THR A 314 -51.75 -35.22 -11.93
C THR A 314 -51.05 -36.12 -10.92
N PHE A 315 -51.54 -36.15 -9.69
CA PHE A 315 -50.98 -37.01 -8.64
C PHE A 315 -51.87 -38.22 -8.36
N GLU A 316 -53.14 -37.99 -8.09
CA GLU A 316 -54.05 -39.09 -7.78
C GLU A 316 -54.36 -39.95 -9.01
N GLU A 317 -54.34 -39.35 -10.20
CA GLU A 317 -54.56 -40.08 -11.43
C GLU A 317 -53.25 -40.58 -12.06
N LEU A 318 -52.11 -40.31 -11.44
CA LEU A 318 -50.85 -40.81 -11.98
C LEU A 318 -50.70 -42.30 -11.77
N THR A 319 -51.14 -42.80 -10.62
CA THR A 319 -50.98 -44.20 -10.25
C THR A 319 -52.17 -45.06 -10.67
N LEU A 320 -52.94 -44.62 -11.68
CA LEU A 320 -54.10 -45.37 -12.12
C LEU A 320 -53.75 -46.72 -12.72
N LEU A 321 -52.50 -46.90 -13.16
CA LEU A 321 -52.03 -48.21 -13.61
C LEU A 321 -52.08 -49.23 -12.48
N ARG A 322 -51.93 -48.78 -11.22
CA ARG A 322 -52.17 -49.64 -10.07
C ARG A 322 -53.55 -50.27 -10.15
N ASP A 323 -54.55 -49.46 -10.52
CA ASP A 323 -55.90 -49.98 -10.72
C ASP A 323 -55.91 -51.03 -11.83
N VAL A 324 -55.25 -50.76 -12.97
CA VAL A 324 -55.29 -51.76 -14.02
C VAL A 324 -54.48 -52.99 -13.63
N ARG A 325 -53.56 -52.84 -12.65
CA ARG A 325 -52.90 -53.99 -12.07
C ARG A 325 -53.91 -54.96 -11.47
N GLU A 326 -54.83 -54.47 -10.63
CA GLU A 326 -55.80 -55.40 -10.10
C GLU A 326 -56.83 -55.80 -11.15
N VAL A 327 -56.90 -55.08 -12.28
CA VAL A 327 -57.69 -55.54 -13.41
C VAL A 327 -57.12 -56.87 -13.91
N TRP A 328 -55.79 -56.96 -13.99
CA TRP A 328 -55.19 -58.26 -14.30
C TRP A 328 -55.55 -59.28 -13.23
N GLU A 329 -55.62 -58.84 -11.97
CA GLU A 329 -55.99 -59.74 -10.88
C GLU A 329 -57.46 -60.14 -10.90
N MET A 330 -58.31 -59.57 -11.77
CA MET A 330 -59.61 -60.19 -11.98
C MET A 330 -59.80 -60.68 -13.41
N LEU A 331 -58.79 -60.56 -14.27
CA LEU A 331 -58.92 -61.02 -15.64
C LEU A 331 -57.83 -61.98 -16.07
N GLY A 332 -56.64 -61.89 -15.50
CA GLY A 332 -55.54 -62.75 -15.87
C GLY A 332 -55.74 -64.20 -15.48
N PRO A 333 -55.79 -64.48 -14.17
CA PRO A 333 -56.09 -65.86 -13.73
C PRO A 333 -57.45 -66.36 -14.18
N ARG A 334 -58.46 -65.48 -14.27
CA ARG A 334 -59.82 -65.90 -14.57
C ARG A 334 -59.92 -66.55 -15.94
N ILE A 335 -59.43 -65.86 -16.98
CA ILE A 335 -59.38 -66.47 -18.30
C ILE A 335 -58.38 -67.64 -18.31
N PHE A 336 -57.40 -67.62 -17.40
CA PHE A 336 -56.53 -68.78 -17.23
C PHE A 336 -57.32 -69.99 -16.78
N THR A 337 -58.31 -69.80 -15.90
CA THR A 337 -59.17 -70.91 -15.51
C THR A 337 -60.07 -71.37 -16.65
N PHE A 338 -60.20 -70.58 -17.72
CA PHE A 338 -60.89 -71.01 -18.92
C PHE A 338 -59.93 -71.46 -20.00
N MET A 339 -58.64 -71.61 -19.68
CA MET A 339 -57.65 -72.00 -20.69
C MET A 339 -57.06 -73.37 -20.43
N ASN A 340 -56.56 -73.63 -19.23
CA ASN A 340 -55.88 -74.90 -18.95
C ASN A 340 -56.88 -76.05 -18.89
N ASP A 341 -56.57 -77.13 -19.60
CA ASP A 341 -57.39 -78.34 -19.68
C ASP A 341 -58.80 -78.06 -20.19
N SER A 342 -58.96 -77.02 -20.99
CA SER A 342 -60.25 -76.60 -21.50
C SER A 342 -60.13 -76.20 -22.97
N SER A 343 -59.42 -77.03 -23.76
CA SER A 343 -59.24 -76.76 -25.18
C SER A 343 -60.48 -77.10 -26.00
N ASN A 344 -61.49 -77.74 -25.41
CA ASN A 344 -62.69 -78.10 -26.14
C ASN A 344 -63.48 -76.86 -26.57
N VAL A 345 -63.57 -75.85 -25.70
CA VAL A 345 -64.30 -74.64 -26.04
C VAL A 345 -63.49 -73.69 -26.91
N ALA A 346 -62.20 -73.93 -27.07
CA ALA A 346 -61.35 -73.07 -27.88
C ALA A 346 -61.02 -73.64 -29.26
N MET A 347 -61.10 -74.97 -29.42
CA MET A 347 -60.77 -75.57 -30.70
C MET A 347 -61.86 -75.33 -31.75
N LEU A 348 -63.12 -75.23 -31.31
CA LEU A 348 -64.24 -75.17 -32.24
C LEU A 348 -64.21 -73.90 -33.09
N GLN A 349 -64.01 -72.74 -32.46
CA GLN A 349 -63.98 -71.50 -33.21
C GLN A 349 -62.67 -71.31 -33.96
N ARG A 350 -61.55 -71.77 -33.40
CA ARG A 350 -60.26 -71.58 -34.03
C ARG A 350 -60.00 -72.56 -35.18
N LEU A 351 -60.76 -73.65 -35.26
CA LEU A 351 -60.57 -74.60 -36.34
C LEU A 351 -61.48 -74.32 -37.54
N LEU A 352 -62.73 -73.97 -37.29
CA LEU A 352 -63.68 -73.72 -38.36
C LEU A 352 -63.52 -72.31 -38.93
N GLU A 371 -54.10 -70.14 -43.27
CA GLU A 371 -53.00 -69.40 -42.67
C GLU A 371 -53.41 -68.81 -41.32
N ALA A 372 -54.63 -69.12 -40.88
CA ALA A 372 -55.13 -68.61 -39.62
C ALA A 372 -54.46 -69.31 -38.42
N LEU A 373 -54.41 -70.64 -38.45
CA LEU A 373 -53.88 -71.39 -37.31
C LEU A 373 -52.38 -71.21 -37.13
N ARG A 374 -51.63 -70.99 -38.21
CA ARG A 374 -50.22 -70.64 -38.06
C ARG A 374 -50.02 -69.20 -37.60
N SER A 375 -51.02 -68.34 -37.79
CA SER A 375 -50.99 -67.00 -37.25
C SER A 375 -51.40 -66.94 -35.78
N PHE A 376 -52.30 -67.84 -35.36
CA PHE A 376 -52.70 -67.90 -33.96
C PHE A 376 -51.68 -68.65 -33.09
N LEU A 377 -50.75 -69.37 -33.72
CA LEU A 377 -49.65 -70.09 -33.05
C LEU A 377 -50.19 -71.11 -32.04
N ASP A 378 -50.82 -72.15 -32.60
CA ASP A 378 -51.25 -73.31 -31.84
C ASP A 378 -50.07 -73.89 -31.05
N PRO A 379 -50.16 -74.01 -29.74
CA PRO A 379 -48.96 -74.21 -28.92
C PRO A 379 -48.33 -75.59 -29.08
N GLY A 380 -47.02 -75.62 -28.89
CA GLY A 380 -46.23 -76.84 -28.91
C GLY A 380 -44.90 -76.62 -28.24
N SER A 381 -43.84 -77.25 -28.75
CA SER A 381 -42.51 -77.00 -28.22
C SER A 381 -41.94 -75.68 -28.71
N GLY A 382 -42.28 -75.27 -29.94
CA GLY A 382 -41.73 -74.06 -30.51
C GLY A 382 -42.73 -72.94 -30.66
N GLY A 383 -44.01 -73.27 -30.79
CA GLY A 383 -45.04 -72.26 -30.91
C GLY A 383 -45.52 -71.76 -29.57
N TYR A 384 -45.29 -70.48 -29.29
CA TYR A 384 -45.64 -69.87 -28.00
C TYR A 384 -46.59 -68.71 -28.24
N SER A 385 -47.83 -68.85 -27.78
CA SER A 385 -48.82 -67.78 -27.90
C SER A 385 -49.66 -67.53 -26.65
N TRP A 386 -49.83 -68.49 -25.75
CA TRP A 386 -50.76 -68.33 -24.64
C TRP A 386 -50.08 -68.36 -23.28
N GLN A 387 -49.29 -69.40 -22.99
CA GLN A 387 -48.59 -69.46 -21.71
C GLN A 387 -47.53 -68.38 -21.62
N ASP A 388 -46.81 -68.14 -22.72
CA ASP A 388 -45.83 -67.05 -22.76
C ASP A 388 -46.51 -65.69 -22.58
N ALA A 389 -47.66 -65.49 -23.22
CA ALA A 389 -48.36 -64.22 -23.11
C ALA A 389 -48.85 -63.98 -21.69
N HIS A 390 -49.44 -65.01 -21.07
CA HIS A 390 -49.91 -64.89 -19.69
C HIS A 390 -48.75 -64.63 -18.73
N ALA A 391 -47.66 -65.39 -18.87
CA ALA A 391 -46.51 -65.24 -17.97
C ALA A 391 -45.85 -63.88 -18.14
N ASP A 392 -45.66 -63.42 -19.37
CA ASP A 392 -45.00 -62.14 -19.61
C ASP A 392 -45.88 -60.97 -19.22
N VAL A 393 -47.19 -61.04 -19.47
CA VAL A 393 -48.09 -59.96 -19.08
C VAL A 393 -48.20 -59.87 -17.56
N GLY A 394 -48.30 -61.02 -16.89
CA GLY A 394 -48.29 -61.02 -15.43
C GLY A 394 -46.99 -60.50 -14.85
N HIS A 395 -45.86 -60.90 -15.44
CA HIS A 395 -44.56 -60.42 -14.97
C HIS A 395 -44.41 -58.92 -15.16
N LEU A 396 -44.84 -58.39 -16.31
CA LEU A 396 -44.72 -56.96 -16.55
C LEU A 396 -45.67 -56.15 -15.68
N VAL A 397 -46.90 -56.63 -15.47
CA VAL A 397 -47.81 -55.88 -14.62
C VAL A 397 -47.38 -55.94 -13.16
N GLY A 398 -46.78 -57.06 -12.73
CA GLY A 398 -46.20 -57.11 -11.41
C GLY A 398 -44.99 -56.20 -11.26
N THR A 399 -44.16 -56.13 -12.30
CA THR A 399 -43.01 -55.23 -12.29
C THR A 399 -43.45 -53.77 -12.20
N LEU A 400 -44.48 -53.40 -12.97
CA LEU A 400 -44.98 -52.03 -12.93
C LEU A 400 -45.67 -51.72 -11.60
N GLY A 401 -46.40 -52.69 -11.03
CA GLY A 401 -47.00 -52.48 -9.73
C GLY A 401 -45.98 -52.33 -8.61
N ARG A 402 -44.92 -53.15 -8.64
CA ARG A 402 -43.86 -53.03 -7.66
C ARG A 402 -43.01 -51.78 -7.84
N VAL A 403 -42.88 -51.30 -9.08
CA VAL A 403 -42.23 -50.01 -9.31
C VAL A 403 -43.10 -48.89 -8.77
N THR A 404 -44.42 -49.00 -8.94
CA THR A 404 -45.37 -48.02 -8.44
C THR A 404 -45.93 -48.42 -7.08
N GLU A 405 -45.10 -49.01 -6.23
CA GLU A 405 -45.54 -49.38 -4.90
C GLU A 405 -45.44 -48.20 -3.93
N CYS A 406 -44.29 -47.53 -3.91
CA CYS A 406 -43.96 -46.56 -2.88
C CYS A 406 -43.93 -45.12 -3.39
N LEU A 407 -44.86 -44.76 -4.27
CA LEU A 407 -45.15 -43.35 -4.41
C LEU A 407 -46.02 -42.91 -3.24
N SER A 408 -46.17 -41.59 -3.09
CA SER A 408 -46.89 -41.06 -1.94
C SER A 408 -48.37 -41.43 -1.97
N LEU A 409 -49.03 -41.16 -3.11
CA LEU A 409 -50.46 -41.26 -3.40
C LEU A 409 -51.25 -40.16 -2.69
N ASP A 410 -50.67 -39.51 -1.70
CA ASP A 410 -51.06 -38.17 -1.27
C ASP A 410 -49.83 -37.49 -0.70
N LYS A 411 -49.06 -36.82 -1.54
CA LYS A 411 -48.04 -35.91 -1.03
C LYS A 411 -48.67 -34.60 -0.61
N LEU A 412 -49.85 -34.31 -1.13
CA LEU A 412 -50.61 -33.15 -0.74
C LEU A 412 -51.11 -33.32 0.70
N GLU A 413 -50.67 -32.43 1.59
CA GLU A 413 -51.14 -32.40 2.96
C GLU A 413 -51.59 -30.99 3.28
N ALA A 414 -51.86 -30.70 4.56
CA ALA A 414 -52.32 -29.37 4.91
C ALA A 414 -51.77 -28.98 6.28
N ALA A 415 -51.75 -27.69 6.53
CA ALA A 415 -51.34 -27.10 7.80
C ALA A 415 -51.93 -25.70 7.90
N PRO A 416 -52.69 -25.39 8.94
CA PRO A 416 -53.40 -24.10 8.99
C PRO A 416 -52.55 -22.93 9.48
N SER A 417 -51.27 -23.15 9.79
CA SER A 417 -50.41 -22.10 10.30
C SER A 417 -49.11 -22.07 9.52
N GLU A 418 -48.66 -20.85 9.19
CA GLU A 418 -47.41 -20.69 8.46
C GLU A 418 -46.20 -21.04 9.33
N ALA A 419 -46.26 -20.72 10.63
CA ALA A 419 -45.21 -21.16 11.53
C ALA A 419 -45.21 -22.68 11.70
N ALA A 420 -46.40 -23.29 11.79
CA ALA A 420 -46.48 -24.74 11.79
C ALA A 420 -46.03 -25.32 10.45
N LEU A 421 -46.29 -24.60 9.36
CA LEU A 421 -45.77 -25.00 8.06
C LEU A 421 -44.24 -25.02 8.06
N VAL A 422 -43.62 -23.98 8.63
CA VAL A 422 -42.16 -23.92 8.68
C VAL A 422 -41.61 -25.04 9.57
N SER A 423 -42.25 -25.28 10.71
CA SER A 423 -41.79 -26.35 11.62
C SER A 423 -41.93 -27.72 10.98
N ARG A 424 -43.06 -27.98 10.31
CA ARG A 424 -43.27 -29.24 9.63
C ARG A 424 -42.29 -29.42 8.47
N ALA A 425 -41.99 -28.34 7.76
CA ALA A 425 -40.99 -28.39 6.70
C ALA A 425 -39.61 -28.70 7.26
N LEU A 426 -39.27 -28.10 8.41
CA LEU A 426 -37.99 -28.39 9.05
C LEU A 426 -37.90 -29.85 9.47
N GLN A 427 -38.99 -30.39 10.04
CA GLN A 427 -39.00 -31.80 10.44
C GLN A 427 -38.88 -32.72 9.24
N LEU A 428 -39.68 -32.48 8.20
CA LEU A 428 -39.62 -33.29 7.00
C LEU A 428 -38.30 -33.17 6.27
N LEU A 429 -37.60 -32.04 6.41
CA LEU A 429 -36.22 -31.94 5.95
C LEU A 429 -35.29 -32.78 6.81
N ALA A 430 -35.53 -32.81 8.13
CA ALA A 430 -34.71 -33.61 9.03
C ALA A 430 -34.85 -35.10 8.76
N GLU A 431 -36.01 -35.57 8.29
CA GLU A 431 -36.13 -36.95 7.83
C GLU A 431 -36.17 -37.07 6.32
N HIS A 432 -35.87 -35.99 5.59
CA HIS A 432 -35.74 -35.97 4.12
C HIS A 432 -37.03 -36.42 3.44
N ARG A 433 -38.11 -35.70 3.73
CA ARG A 433 -39.40 -36.00 3.12
C ARG A 433 -40.17 -34.73 2.75
N PHE A 434 -39.47 -33.66 2.40
CA PHE A 434 -40.09 -32.39 2.07
C PHE A 434 -39.77 -32.00 0.64
N TRP A 435 -40.75 -31.43 -0.06
CA TRP A 435 -40.54 -30.90 -1.40
C TRP A 435 -40.67 -29.38 -1.41
N ALA A 436 -41.83 -28.84 -1.06
CA ALA A 436 -42.08 -27.42 -1.20
C ALA A 436 -43.32 -27.04 -0.42
N GLY A 437 -43.46 -25.74 -0.17
CA GLY A 437 -44.63 -25.23 0.52
C GLY A 437 -45.34 -24.16 -0.28
N VAL A 438 -46.56 -24.46 -0.72
CA VAL A 438 -47.40 -23.48 -1.37
C VAL A 438 -48.06 -22.63 -0.29
N VAL A 439 -48.03 -21.31 -0.48
CA VAL A 439 -48.68 -20.39 0.45
C VAL A 439 -49.64 -19.52 -0.36
N PHE A 440 -50.92 -19.60 -0.04
CA PHE A 440 -51.94 -18.79 -0.71
C PHE A 440 -52.18 -17.48 0.04
N LEU A 441 -51.09 -16.75 0.27
CA LEU A 441 -51.16 -15.47 0.94
C LEU A 441 -51.81 -14.47 -0.01
N GLY A 442 -53.11 -14.22 0.19
CA GLY A 442 -53.85 -13.34 -0.67
C GLY A 442 -53.64 -11.88 -0.32
N PRO A 443 -54.75 -11.11 -0.28
CA PRO A 443 -54.67 -9.68 0.05
C PRO A 443 -54.37 -9.43 1.53
N GLY A 460 -60.69 -12.31 -6.26
CA GLY A 460 -59.99 -11.49 -7.23
C GLY A 460 -58.71 -12.13 -7.73
N HIS A 461 -57.61 -11.41 -7.63
CA HIS A 461 -56.33 -11.93 -8.06
C HIS A 461 -55.78 -12.94 -7.05
N VAL A 462 -54.78 -13.70 -7.49
CA VAL A 462 -54.19 -14.77 -6.70
C VAL A 462 -52.71 -14.49 -6.54
N ARG A 463 -52.23 -14.56 -5.30
CA ARG A 463 -50.80 -14.45 -5.01
C ARG A 463 -50.33 -15.77 -4.43
N ILE A 464 -49.21 -16.28 -4.95
CA ILE A 464 -48.74 -17.62 -4.63
C ILE A 464 -47.29 -17.52 -4.18
N LYS A 465 -46.99 -18.05 -3.00
CA LYS A 465 -45.63 -18.14 -2.52
C LYS A 465 -45.17 -19.59 -2.58
N ILE A 466 -43.93 -19.80 -2.99
CA ILE A 466 -43.30 -21.12 -2.99
C ILE A 466 -42.14 -21.07 -2.01
N ARG A 467 -42.10 -22.02 -1.08
CA ARG A 467 -41.07 -22.05 -0.05
C ARG A 467 -40.40 -23.42 -0.07
N MET A 468 -39.19 -23.49 -0.62
CA MET A 468 -38.39 -24.70 -0.60
C MET A 468 -37.03 -24.39 0.01
N ASP A 469 -36.22 -25.44 0.17
CA ASP A 469 -34.93 -25.31 0.84
C ASP A 469 -33.92 -24.59 -0.05
N ILE A 470 -32.88 -24.05 0.60
CA ILE A 470 -31.82 -23.31 -0.08
C ILE A 470 -31.01 -24.21 -1.00
N ASP A 471 -30.77 -25.45 -0.61
CA ASP A 471 -30.14 -26.41 -1.52
C ASP A 471 -30.96 -26.66 -2.78
N VAL A 472 -32.27 -26.41 -2.74
CA VAL A 472 -33.19 -26.73 -3.84
C VAL A 472 -33.44 -25.54 -4.75
N VAL A 473 -33.42 -24.32 -4.22
CA VAL A 473 -33.79 -23.12 -4.98
C VAL A 473 -32.59 -22.20 -5.09
N THR A 474 -32.48 -21.52 -6.23
CA THR A 474 -31.49 -20.47 -6.41
C THR A 474 -31.70 -19.34 -5.40
N ARG A 475 -30.59 -18.76 -4.96
CA ARG A 475 -30.64 -17.61 -4.06
C ARG A 475 -31.36 -16.45 -4.73
N THR A 476 -32.19 -15.75 -3.97
CA THR A 476 -33.09 -14.74 -4.53
C THR A 476 -32.75 -13.33 -4.09
N ASN A 477 -31.55 -13.10 -3.56
CA ASN A 477 -31.20 -11.74 -3.16
C ASN A 477 -30.93 -10.85 -4.36
N LYS A 478 -30.20 -11.36 -5.36
CA LYS A 478 -29.88 -10.61 -6.56
C LYS A 478 -30.46 -11.31 -7.78
N ILE A 479 -30.49 -10.58 -8.89
CA ILE A 479 -31.14 -11.05 -10.11
C ILE A 479 -30.12 -11.55 -11.13
N ARG A 480 -29.12 -10.75 -11.44
CA ARG A 480 -28.07 -11.14 -12.37
C ARG A 480 -26.92 -11.76 -11.59
N ASP A 481 -25.78 -11.98 -12.24
CA ASP A 481 -24.58 -12.40 -11.56
C ASP A 481 -23.83 -11.17 -11.04
N ARG A 482 -22.62 -11.36 -10.53
CA ARG A 482 -21.77 -10.24 -10.17
C ARG A 482 -20.46 -10.21 -10.94
N PHE A 483 -19.98 -11.36 -11.43
CA PHE A 483 -18.84 -11.41 -12.33
C PHE A 483 -19.24 -12.30 -13.50
N TRP A 484 -19.29 -11.71 -14.68
CA TRP A 484 -20.00 -12.27 -15.83
C TRP A 484 -19.17 -13.36 -16.50
N ASP A 485 -19.67 -14.59 -16.48
CA ASP A 485 -18.92 -15.59 -17.23
C ASP A 485 -19.47 -15.69 -18.66
N PRO A 486 -18.59 -15.78 -19.67
CA PRO A 486 -19.02 -15.65 -21.06
C PRO A 486 -19.51 -16.94 -21.69
N GLY A 487 -20.37 -17.66 -20.98
CA GLY A 487 -20.93 -18.88 -21.49
C GLY A 487 -22.43 -18.96 -21.28
N PRO A 488 -23.08 -19.96 -21.87
CA PRO A 488 -24.51 -20.16 -21.61
C PRO A 488 -24.83 -20.50 -20.17
N ALA A 489 -23.84 -21.01 -19.43
CA ALA A 489 -23.96 -21.36 -18.01
C ALA A 489 -25.09 -22.36 -17.78
N ALA A 490 -24.92 -23.53 -18.37
CA ALA A 490 -25.87 -24.63 -18.20
C ALA A 490 -25.09 -25.82 -17.66
N ASP A 491 -24.89 -25.83 -16.35
CA ASP A 491 -24.38 -26.99 -15.63
C ASP A 491 -25.44 -27.32 -14.59
N PRO A 492 -26.11 -28.48 -14.71
CA PRO A 492 -27.31 -28.72 -13.88
C PRO A 492 -27.04 -28.79 -12.39
N LEU A 493 -25.81 -29.00 -11.95
CA LEU A 493 -25.52 -28.98 -10.53
C LEU A 493 -25.41 -27.56 -9.99
N THR A 494 -24.80 -26.66 -10.75
CA THR A 494 -24.39 -25.37 -10.19
C THR A 494 -25.53 -24.35 -10.18
N ASP A 495 -26.00 -23.95 -11.36
CA ASP A 495 -26.92 -22.82 -11.46
C ASP A 495 -28.31 -23.18 -11.93
N LEU A 496 -28.48 -24.30 -12.62
CA LEU A 496 -29.82 -24.85 -12.77
C LEU A 496 -30.26 -25.40 -11.43
N ARG A 497 -31.28 -24.79 -10.84
CA ARG A 497 -31.91 -25.31 -9.64
C ARG A 497 -33.41 -25.34 -9.75
N TYR A 498 -33.98 -24.73 -10.78
CA TYR A 498 -35.40 -24.72 -11.02
C TYR A 498 -35.89 -25.96 -11.76
N VAL A 499 -34.99 -26.88 -12.11
CA VAL A 499 -35.35 -28.07 -12.87
C VAL A 499 -35.16 -29.34 -12.03
N TRP A 500 -33.94 -29.62 -11.60
CA TRP A 500 -33.72 -30.82 -10.80
C TRP A 500 -34.25 -30.66 -9.39
N GLY A 501 -34.24 -29.43 -8.87
CA GLY A 501 -34.81 -29.17 -7.57
C GLY A 501 -36.31 -29.37 -7.50
N GLY A 502 -37.02 -28.99 -8.56
CA GLY A 502 -38.45 -29.19 -8.58
C GLY A 502 -39.25 -27.95 -8.29
N PHE A 503 -38.79 -26.80 -8.77
CA PHE A 503 -39.60 -25.59 -8.65
C PHE A 503 -40.60 -25.50 -9.79
N VAL A 504 -40.12 -25.43 -11.03
CA VAL A 504 -41.00 -25.08 -12.15
C VAL A 504 -42.01 -26.19 -12.45
N TYR A 505 -41.75 -27.43 -12.06
CA TYR A 505 -42.77 -28.46 -12.18
C TYR A 505 -43.97 -28.14 -11.30
N LEU A 506 -43.71 -27.88 -10.03
CA LEU A 506 -44.75 -27.51 -9.09
C LEU A 506 -45.32 -26.21 -9.67
N GLN A 507 -44.49 -25.17 -9.74
CA GLN A 507 -44.93 -23.89 -10.28
C GLN A 507 -45.94 -23.95 -11.42
N ASP A 508 -45.63 -24.70 -12.46
CA ASP A 508 -46.57 -24.81 -13.57
C ASP A 508 -47.78 -25.66 -13.21
N LEU A 509 -47.62 -26.62 -12.30
CA LEU A 509 -48.78 -27.40 -11.87
C LEU A 509 -49.80 -26.53 -11.14
N VAL A 510 -49.34 -25.74 -10.16
CA VAL A 510 -50.27 -24.86 -9.47
C VAL A 510 -50.74 -23.73 -10.39
N GLU A 511 -49.92 -23.35 -11.38
CA GLU A 511 -50.37 -22.33 -12.32
C GLU A 511 -51.53 -22.85 -13.15
N ARG A 512 -51.42 -24.08 -13.65
CA ARG A 512 -52.48 -24.67 -14.46
C ARG A 512 -53.72 -24.96 -13.63
N ALA A 513 -53.56 -25.35 -12.37
CA ALA A 513 -54.72 -25.50 -11.50
C ALA A 513 -55.42 -24.17 -11.26
N ALA A 514 -54.66 -23.09 -11.05
CA ALA A 514 -55.26 -21.79 -10.82
C ALA A 514 -55.97 -21.28 -12.05
N VAL A 515 -55.36 -21.42 -13.23
CA VAL A 515 -56.04 -20.99 -14.45
C VAL A 515 -57.23 -21.89 -14.79
N ARG A 516 -57.19 -23.16 -14.41
CA ARG A 516 -58.33 -24.04 -14.60
C ARG A 516 -59.50 -23.64 -13.72
N VAL A 517 -59.24 -23.27 -12.46
CA VAL A 517 -60.33 -22.91 -11.57
C VAL A 517 -60.81 -21.48 -11.79
N LEU A 518 -59.97 -20.60 -12.34
CA LEU A 518 -60.38 -19.22 -12.56
C LEU A 518 -60.96 -18.99 -13.95
N SER A 519 -60.64 -19.85 -14.92
CA SER A 519 -61.13 -19.65 -16.27
C SER A 519 -62.54 -20.21 -16.44
N GLY A 520 -62.83 -21.33 -15.78
CA GLY A 520 -64.05 -22.06 -16.07
C GLY A 520 -63.92 -22.99 -17.27
N ALA A 521 -62.71 -23.23 -17.75
CA ALA A 521 -62.46 -24.10 -18.89
C ALA A 521 -61.21 -24.90 -18.61
N ASN A 522 -60.82 -25.74 -19.58
CA ASN A 522 -59.67 -26.62 -19.46
C ASN A 522 -58.74 -26.38 -20.64
N PRO A 523 -57.81 -25.44 -20.53
CA PRO A 523 -56.84 -25.21 -21.62
C PRO A 523 -55.83 -26.34 -21.70
N ARG A 524 -55.69 -26.93 -22.87
CA ARG A 524 -54.71 -27.99 -23.08
C ARG A 524 -53.44 -27.40 -23.72
N ALA A 525 -52.81 -26.50 -22.98
CA ALA A 525 -51.65 -25.75 -23.44
C ALA A 525 -50.43 -26.14 -22.61
N GLY A 526 -49.62 -27.05 -23.14
CA GLY A 526 -48.42 -27.44 -22.45
C GLY A 526 -47.32 -26.41 -22.56
N LEU A 527 -46.21 -26.69 -21.90
CA LEU A 527 -45.05 -25.80 -21.90
C LEU A 527 -43.78 -26.59 -22.13
N TYR A 528 -42.93 -26.10 -23.03
CA TYR A 528 -41.65 -26.72 -23.34
C TYR A 528 -40.57 -25.70 -23.05
N LEU A 529 -39.87 -25.85 -21.94
CA LEU A 529 -38.75 -24.98 -21.64
C LEU A 529 -37.59 -25.29 -22.57
N GLN A 530 -36.93 -24.24 -23.06
CA GLN A 530 -35.88 -24.43 -24.04
C GLN A 530 -34.84 -23.33 -23.85
N GLN A 531 -33.58 -23.72 -23.76
CA GLN A 531 -32.50 -22.77 -23.56
C GLN A 531 -32.15 -22.06 -24.85
N MET A 532 -31.89 -20.77 -24.75
CA MET A 532 -31.41 -20.05 -25.91
C MET A 532 -29.98 -20.47 -26.19
N PRO A 533 -29.68 -20.94 -27.40
CA PRO A 533 -28.34 -21.46 -27.69
C PRO A 533 -27.28 -20.37 -27.70
N TYR A 534 -26.04 -20.80 -27.45
CA TYR A 534 -24.92 -19.90 -27.27
C TYR A 534 -23.89 -20.10 -28.38
N PRO A 535 -23.26 -19.02 -28.85
CA PRO A 535 -22.19 -19.17 -29.84
C PRO A 535 -20.93 -19.72 -29.20
N CYS A 536 -20.01 -20.17 -30.05
CA CYS A 536 -18.78 -20.81 -29.60
C CYS A 536 -17.90 -19.79 -28.90
N TYR A 537 -17.72 -19.95 -27.60
CA TYR A 537 -17.01 -19.00 -26.76
C TYR A 537 -15.68 -19.58 -26.30
N VAL A 538 -14.85 -18.71 -25.73
CA VAL A 538 -13.59 -19.09 -25.10
C VAL A 538 -13.59 -18.50 -23.70
N ASP A 539 -13.52 -19.37 -22.69
CA ASP A 539 -13.57 -18.94 -21.30
C ASP A 539 -12.15 -18.89 -20.74
N ASP A 540 -11.62 -17.68 -20.60
CA ASP A 540 -10.34 -17.44 -19.95
C ASP A 540 -10.56 -16.42 -18.85
N VAL A 541 -10.35 -16.83 -17.60
CA VAL A 541 -10.58 -15.90 -16.50
C VAL A 541 -9.46 -14.85 -16.42
N PHE A 542 -8.23 -15.22 -16.79
CA PHE A 542 -7.08 -14.33 -16.64
C PHE A 542 -7.24 -13.09 -17.51
N LEU A 543 -7.53 -13.29 -18.79
CA LEU A 543 -7.75 -12.17 -19.69
C LEU A 543 -9.02 -11.40 -19.36
N ARG A 544 -9.88 -11.92 -18.48
CA ARG A 544 -11.02 -11.14 -18.03
C ARG A 544 -10.66 -10.20 -16.89
N VAL A 545 -9.58 -10.49 -16.14
CA VAL A 545 -9.25 -9.71 -14.97
C VAL A 545 -7.94 -8.95 -15.15
N LEU A 546 -7.34 -8.99 -16.34
CA LEU A 546 -6.10 -8.28 -16.60
C LEU A 546 -6.25 -6.77 -16.48
N SER A 547 -7.46 -6.25 -16.72
CA SER A 547 -7.71 -4.83 -16.51
C SER A 547 -7.67 -4.44 -15.04
N ARG A 548 -7.77 -5.41 -14.14
CA ARG A 548 -7.73 -5.15 -12.70
C ARG A 548 -6.47 -5.71 -12.04
N SER A 549 -5.56 -6.27 -12.82
CA SER A 549 -4.36 -6.89 -12.26
C SER A 549 -3.08 -6.20 -12.69
N LEU A 550 -2.87 -6.03 -14.00
CA LEU A 550 -1.65 -5.44 -14.54
C LEU A 550 -1.37 -4.02 -14.07
N PRO A 551 -2.35 -3.10 -13.97
CA PRO A 551 -2.06 -1.80 -13.35
C PRO A 551 -1.68 -1.89 -11.87
N LEU A 552 -2.05 -2.96 -11.17
CA LEU A 552 -1.57 -3.12 -9.81
C LEU A 552 -0.19 -3.75 -9.79
N PHE A 553 0.06 -4.71 -10.67
CA PHE A 553 1.35 -5.39 -10.67
C PHE A 553 2.47 -4.53 -11.22
N LEU A 554 2.19 -3.61 -12.15
CA LEU A 554 3.22 -2.68 -12.58
C LEU A 554 3.52 -1.63 -11.52
N THR A 555 2.48 -1.15 -10.82
CA THR A 555 2.71 -0.20 -9.73
C THR A 555 3.50 -0.83 -8.60
N LEU A 556 3.17 -2.07 -8.22
CA LEU A 556 3.99 -2.79 -7.26
C LEU A 556 5.35 -3.15 -7.80
N ALA A 557 5.49 -3.22 -9.13
CA ALA A 557 6.80 -3.45 -9.72
C ALA A 557 7.65 -2.19 -9.67
N TRP A 558 7.01 -1.03 -9.68
CA TRP A 558 7.71 0.26 -9.67
C TRP A 558 7.31 1.09 -8.45
N ILE A 559 7.03 0.43 -7.33
CA ILE A 559 6.96 1.13 -6.06
C ILE A 559 8.33 1.23 -5.43
N TYR A 560 9.29 0.43 -5.87
CA TYR A 560 10.68 0.58 -5.44
C TYR A 560 11.42 1.57 -6.31
N SER A 561 11.29 1.44 -7.62
CA SER A 561 12.05 2.21 -8.59
C SER A 561 11.73 3.69 -8.60
N VAL A 562 10.67 4.12 -7.92
CA VAL A 562 10.44 5.54 -7.70
C VAL A 562 11.21 6.01 -6.46
N THR A 563 11.22 5.18 -5.41
CA THR A 563 11.85 5.54 -4.14
C THR A 563 13.37 5.58 -4.19
N LEU A 564 13.99 5.39 -5.34
CA LEU A 564 15.41 5.71 -5.52
C LEU A 564 15.61 6.94 -6.36
N THR A 565 14.55 7.44 -6.99
CA THR A 565 14.64 8.72 -7.67
C THR A 565 14.35 9.87 -6.70
N VAL A 566 13.28 9.75 -5.92
CA VAL A 566 13.00 10.74 -4.88
C VAL A 566 14.15 10.78 -3.87
N LYS A 567 14.66 9.60 -3.50
CA LYS A 567 15.77 9.53 -2.55
C LYS A 567 17.00 10.24 -3.07
N ALA A 568 17.42 9.93 -4.31
CA ALA A 568 18.60 10.55 -4.88
C ALA A 568 18.43 12.05 -5.10
N VAL A 569 17.28 12.48 -5.62
CA VAL A 569 17.10 13.90 -5.90
C VAL A 569 17.00 14.70 -4.60
N VAL A 570 16.28 14.20 -3.59
CA VAL A 570 16.23 14.91 -2.32
C VAL A 570 17.57 14.88 -1.59
N ARG A 571 18.33 13.78 -1.69
CA ARG A 571 19.66 13.72 -1.09
C ARG A 571 20.59 14.74 -1.73
N GLU A 572 20.52 14.90 -3.04
CA GLU A 572 21.31 15.94 -3.70
C GLU A 572 20.69 17.33 -3.55
N LYS A 573 19.48 17.43 -3.03
CA LYS A 573 18.93 18.71 -2.62
C LYS A 573 19.14 19.00 -1.14
N GLU A 574 19.71 18.06 -0.40
CA GLU A 574 19.83 18.18 1.05
C GLU A 574 21.23 18.51 1.50
N THR A 575 22.24 17.96 0.84
CA THR A 575 23.62 18.27 1.19
C THR A 575 24.07 19.61 0.62
N ARG A 576 23.16 20.30 -0.08
CA ARG A 576 23.32 21.65 -0.59
C ARG A 576 24.43 21.75 -1.62
N LEU A 577 24.81 20.62 -2.23
CA LEU A 577 25.78 20.68 -3.30
C LEU A 577 25.14 21.10 -4.61
N ARG A 578 23.82 20.91 -4.74
CA ARG A 578 23.12 21.41 -5.92
C ARG A 578 23.11 22.92 -5.96
N ASP A 579 23.05 23.57 -4.80
CA ASP A 579 23.22 25.03 -4.76
C ASP A 579 24.61 25.45 -5.20
N THR A 580 25.64 24.69 -4.84
CA THR A 580 26.99 24.99 -5.30
C THR A 580 27.11 24.82 -6.81
N MET A 581 26.55 23.73 -7.36
CA MET A 581 26.61 23.52 -8.80
C MET A 581 25.79 24.56 -9.56
N ARG A 582 24.66 24.99 -8.99
CA ARG A 582 23.88 26.06 -9.59
C ARG A 582 24.61 27.39 -9.53
N ALA A 583 25.41 27.61 -8.48
CA ALA A 583 26.14 28.86 -8.35
C ALA A 583 27.39 28.88 -9.20
N MET A 584 28.03 27.73 -9.41
CA MET A 584 29.34 27.68 -10.04
C MET A 584 29.27 27.54 -11.55
N GLY A 585 28.07 27.54 -12.14
CA GLY A 585 27.99 27.63 -13.59
C GLY A 585 26.85 26.91 -14.28
N LEU A 586 26.15 26.04 -13.56
CA LEU A 586 25.10 25.27 -14.20
C LEU A 586 23.79 26.05 -14.25
N SER A 587 22.91 25.61 -15.14
CA SER A 587 21.53 26.04 -15.15
C SER A 587 20.65 24.93 -14.61
N ARG A 588 19.53 25.34 -13.99
CA ARG A 588 18.59 24.36 -13.44
C ARG A 588 17.94 23.51 -14.53
N ALA A 589 17.78 24.07 -15.74
CA ALA A 589 17.28 23.28 -16.85
C ALA A 589 18.23 22.14 -17.20
N VAL A 590 19.54 22.41 -17.17
CA VAL A 590 20.52 21.35 -17.41
C VAL A 590 20.49 20.32 -16.31
N LEU A 591 20.27 20.74 -15.05
CA LEU A 591 20.17 19.81 -13.94
C LEU A 591 18.98 18.87 -14.11
N TRP A 592 17.80 19.43 -14.44
CA TRP A 592 16.64 18.58 -14.61
C TRP A 592 16.75 17.70 -15.85
N LEU A 593 17.38 18.21 -16.92
CA LEU A 593 17.60 17.38 -18.09
C LEU A 593 18.53 16.21 -17.78
N GLY A 594 19.59 16.47 -17.02
CA GLY A 594 20.50 15.40 -16.64
C GLY A 594 19.83 14.36 -15.74
N TRP A 595 19.07 14.82 -14.76
CA TRP A 595 18.37 13.90 -13.86
C TRP A 595 17.33 13.07 -14.61
N PHE A 596 16.58 13.70 -15.50
CA PHE A 596 15.55 12.99 -16.26
C PHE A 596 16.17 11.98 -17.21
N LEU A 597 17.22 12.36 -17.93
CA LEU A 597 17.87 11.43 -18.85
C LEU A 597 18.62 10.32 -18.11
N SER A 598 19.07 10.56 -16.88
CA SER A 598 19.74 9.52 -16.12
C SER A 598 18.77 8.58 -15.43
N CYS A 599 17.59 9.06 -15.06
CA CYS A 599 16.61 8.20 -14.42
C CYS A 599 15.71 7.48 -15.41
N LEU A 600 15.67 7.92 -16.68
CA LEU A 600 14.95 7.15 -17.67
C LEU A 600 15.62 5.82 -18.03
N GLY A 601 16.86 5.62 -17.62
CA GLY A 601 17.60 4.41 -17.90
C GLY A 601 16.98 3.15 -17.34
N PRO A 602 16.94 3.03 -16.00
CA PRO A 602 16.32 1.84 -15.39
C PRO A 602 14.85 1.68 -15.73
N PHE A 603 14.10 2.78 -15.87
CA PHE A 603 12.69 2.68 -16.22
C PHE A 603 12.50 2.06 -17.60
N LEU A 604 13.24 2.55 -18.59
CA LEU A 604 13.11 2.00 -19.94
C LEU A 604 13.66 0.59 -20.05
N LEU A 605 14.74 0.28 -19.32
CA LEU A 605 15.27 -1.08 -19.34
C LEU A 605 14.28 -2.06 -18.72
N SER A 606 13.68 -1.69 -17.59
CA SER A 606 12.65 -2.54 -16.99
C SER A 606 11.41 -2.61 -17.86
N ALA A 607 11.09 -1.54 -18.58
CA ALA A 607 9.96 -1.57 -19.48
C ALA A 607 10.21 -2.54 -20.64
N ALA A 608 11.42 -2.53 -21.20
CA ALA A 608 11.74 -3.47 -22.27
C ALA A 608 11.70 -4.91 -21.76
N LEU A 609 12.25 -5.15 -20.57
CA LEU A 609 12.23 -6.49 -19.99
C LEU A 609 10.81 -6.96 -19.71
N LEU A 610 9.97 -6.07 -19.18
CA LEU A 610 8.60 -6.40 -18.84
C LEU A 610 7.65 -6.27 -20.02
N VAL A 611 8.14 -5.89 -21.20
CA VAL A 611 7.42 -6.08 -22.45
C VAL A 611 7.75 -7.44 -23.07
N LEU A 612 9.03 -7.80 -23.02
CA LEU A 612 9.44 -9.13 -23.47
C LEU A 612 8.77 -10.22 -22.64
N VAL A 613 8.67 -10.03 -21.32
CA VAL A 613 8.02 -11.01 -20.46
C VAL A 613 6.55 -11.16 -20.82
N LEU A 614 5.84 -10.05 -21.03
CA LEU A 614 4.43 -10.13 -21.40
C LEU A 614 4.21 -10.77 -22.75
N LYS A 615 5.04 -10.47 -23.74
CA LYS A 615 4.80 -11.05 -25.05
C LYS A 615 5.19 -12.52 -25.09
N LEU A 616 6.35 -12.87 -24.54
CA LEU A 616 6.84 -14.24 -24.65
C LEU A 616 6.32 -15.16 -23.56
N GLY A 617 5.55 -14.63 -22.60
CA GLY A 617 4.90 -15.45 -21.61
C GLY A 617 3.44 -15.73 -21.89
N ASP A 618 2.95 -15.40 -23.09
CA ASP A 618 1.55 -15.58 -23.51
C ASP A 618 0.57 -14.82 -22.62
N ILE A 619 1.05 -13.82 -21.88
CA ILE A 619 0.17 -12.97 -21.10
C ILE A 619 -0.56 -12.01 -22.03
N LEU A 620 0.14 -11.43 -23.00
CA LEU A 620 -0.45 -10.62 -24.06
C LEU A 620 -0.04 -11.17 -25.43
N PRO A 621 -0.66 -12.25 -25.88
CA PRO A 621 -0.34 -12.78 -27.21
C PRO A 621 -0.94 -11.92 -28.32
N TYR A 622 -0.66 -12.32 -29.56
CA TYR A 622 -1.14 -11.68 -30.80
C TYR A 622 -0.69 -10.23 -30.94
N SER A 623 0.20 -9.75 -30.10
CA SER A 623 0.46 -8.32 -29.95
C SER A 623 1.87 -8.00 -30.40
N HIS A 624 1.99 -7.02 -31.29
CA HIS A 624 3.30 -6.50 -31.69
C HIS A 624 3.91 -5.78 -30.50
N PRO A 625 5.10 -6.17 -30.04
CA PRO A 625 5.67 -5.55 -28.84
C PRO A 625 6.05 -4.08 -28.99
N GLY A 626 6.10 -3.56 -30.21
CA GLY A 626 6.49 -2.16 -30.39
C GLY A 626 5.49 -1.18 -29.80
N VAL A 627 4.20 -1.40 -30.05
CA VAL A 627 3.18 -0.49 -29.55
C VAL A 627 3.04 -0.59 -28.03
N VAL A 628 3.09 -1.79 -27.47
CA VAL A 628 3.01 -1.93 -26.01
C VAL A 628 4.29 -1.42 -25.34
N PHE A 629 5.45 -1.50 -26.02
CA PHE A 629 6.67 -0.93 -25.46
C PHE A 629 6.63 0.60 -25.50
N LEU A 630 6.07 1.17 -26.57
CA LEU A 630 5.83 2.61 -26.59
C LEU A 630 4.85 3.02 -25.49
N PHE A 631 3.85 2.17 -25.23
CA PHE A 631 2.91 2.44 -24.14
C PHE A 631 3.60 2.43 -22.79
N LEU A 632 4.46 1.44 -22.53
CA LEU A 632 5.15 1.40 -21.25
C LEU A 632 6.20 2.51 -21.14
N ALA A 633 6.79 2.93 -22.25
CA ALA A 633 7.66 4.09 -22.22
C ALA A 633 6.87 5.37 -21.94
N ALA A 634 5.65 5.47 -22.46
CA ALA A 634 4.80 6.61 -22.15
C ALA A 634 4.38 6.60 -20.69
N PHE A 635 4.29 5.42 -20.08
CA PHE A 635 4.07 5.39 -18.64
C PHE A 635 5.33 5.73 -17.84
N ALA A 636 6.49 5.29 -18.31
CA ALA A 636 7.74 5.59 -17.59
C ALA A 636 8.05 7.08 -17.62
N VAL A 637 7.87 7.71 -18.79
CA VAL A 637 8.11 9.15 -18.92
C VAL A 637 7.07 9.97 -18.19
N ALA A 638 5.96 9.36 -17.77
CA ALA A 638 4.96 10.05 -16.98
C ALA A 638 5.05 9.73 -15.50
N THR A 639 5.77 8.67 -15.12
CA THR A 639 5.98 8.40 -13.71
C THR A 639 7.31 8.93 -13.18
N VAL A 640 8.32 9.11 -14.03
CA VAL A 640 9.56 9.68 -13.53
C VAL A 640 9.40 11.15 -13.16
N THR A 641 8.61 11.92 -13.92
CA THR A 641 8.34 13.29 -13.54
C THR A 641 7.31 13.39 -12.42
N GLN A 642 6.43 12.40 -12.28
CA GLN A 642 5.65 12.26 -11.06
C GLN A 642 6.55 12.11 -9.84
N SER A 643 7.58 11.28 -9.95
CA SER A 643 8.56 11.15 -8.88
C SER A 643 9.31 12.45 -8.64
N PHE A 644 9.62 13.20 -9.71
CA PHE A 644 10.26 14.50 -9.56
C PHE A 644 9.37 15.47 -8.80
N LEU A 645 8.08 15.52 -9.14
CA LEU A 645 7.15 16.39 -8.43
C LEU A 645 6.98 15.98 -6.98
N LEU A 646 6.97 14.68 -6.71
CA LEU A 646 6.93 14.21 -5.33
C LEU A 646 8.20 14.60 -4.58
N SER A 647 9.34 14.61 -5.27
CA SER A 647 10.60 14.95 -4.62
C SER A 647 10.73 16.43 -4.32
N ALA A 648 10.01 17.30 -5.03
CA ALA A 648 10.12 18.73 -4.80
C ALA A 648 9.42 19.17 -3.52
N PHE A 649 8.63 18.29 -2.89
CA PHE A 649 7.93 18.66 -1.66
C PHE A 649 8.89 18.78 -0.48
N PHE A 650 9.85 17.88 -0.39
CA PHE A 650 10.57 17.62 0.85
C PHE A 650 11.96 18.26 0.84
N SER A 651 12.62 18.16 1.99
CA SER A 651 14.03 18.51 2.12
C SER A 651 14.77 17.51 3.00
N ARG A 652 14.16 16.37 3.32
CA ARG A 652 14.75 15.38 4.21
C ARG A 652 14.90 14.08 3.43
N ALA A 653 16.09 13.47 3.48
CA ALA A 653 16.43 12.39 2.56
C ALA A 653 15.63 11.13 2.83
N ASN A 654 15.81 10.54 4.01
CA ASN A 654 15.14 9.26 4.29
C ASN A 654 13.65 9.44 4.48
N LEU A 655 13.22 10.60 4.98
CA LEU A 655 11.79 10.85 5.14
C LEU A 655 11.09 10.88 3.80
N ALA A 656 11.66 11.59 2.83
CA ALA A 656 11.08 11.60 1.49
C ALA A 656 11.20 10.25 0.80
N ALA A 657 12.30 9.54 1.04
CA ALA A 657 12.47 8.21 0.47
C ALA A 657 11.41 7.24 0.97
N ALA A 658 11.04 7.35 2.25
CA ALA A 658 9.97 6.52 2.78
C ALA A 658 8.60 6.98 2.31
N CYS A 659 8.36 8.29 2.29
CA CYS A 659 7.04 8.81 1.96
C CYS A 659 6.72 8.73 0.47
N GLY A 660 7.73 8.60 -0.38
CA GLY A 660 7.48 8.57 -1.81
C GLY A 660 6.70 7.37 -2.28
N GLY A 661 7.02 6.18 -1.76
CA GLY A 661 6.28 5.00 -2.12
C GLY A 661 4.84 5.04 -1.65
N LEU A 662 4.62 5.54 -0.42
CA LEU A 662 3.27 5.67 0.09
C LEU A 662 2.46 6.67 -0.73
N ALA A 663 3.05 7.82 -1.06
CA ALA A 663 2.33 8.81 -1.85
C ALA A 663 2.14 8.38 -3.30
N TYR A 664 2.99 7.49 -3.81
CA TYR A 664 2.76 6.95 -5.15
C TYR A 664 1.64 5.91 -5.14
N PHE A 665 1.68 4.97 -4.19
CA PHE A 665 0.66 3.93 -4.14
C PHE A 665 -0.68 4.45 -3.67
N SER A 666 -0.73 5.60 -3.00
CA SER A 666 -1.99 6.20 -2.63
C SER A 666 -2.64 6.95 -3.79
N LEU A 667 -1.97 7.07 -4.92
CA LEU A 667 -2.56 7.64 -6.11
C LEU A 667 -3.03 6.57 -7.10
N TYR A 668 -2.69 5.31 -6.86
CA TYR A 668 -3.22 4.24 -7.68
C TYR A 668 -4.66 3.92 -7.32
N LEU A 669 -5.03 4.04 -6.05
CA LEU A 669 -6.35 3.72 -5.52
C LEU A 669 -7.52 4.44 -6.18
N PRO A 670 -7.35 5.63 -6.77
CA PRO A 670 -8.40 6.14 -7.68
C PRO A 670 -8.74 5.19 -8.81
N TYR A 671 -7.78 4.44 -9.35
CA TYR A 671 -8.11 3.47 -10.40
C TYR A 671 -8.99 2.35 -9.85
N VAL A 672 -8.73 1.88 -8.63
CA VAL A 672 -9.59 0.86 -8.02
C VAL A 672 -10.97 1.42 -7.76
N LEU A 673 -11.04 2.66 -7.24
CA LEU A 673 -12.33 3.31 -7.00
C LEU A 673 -13.10 3.56 -8.30
N CYS A 674 -12.41 3.73 -9.42
CA CYS A 674 -13.07 3.91 -10.70
C CYS A 674 -13.47 2.61 -11.36
N VAL A 675 -12.68 1.55 -11.20
CA VAL A 675 -13.04 0.27 -11.82
C VAL A 675 -14.13 -0.41 -11.01
N ALA A 676 -14.27 -0.05 -9.74
CA ALA A 676 -15.35 -0.57 -8.92
C ALA A 676 -16.70 -0.03 -9.40
N TRP A 677 -16.75 1.25 -9.75
CA TRP A 677 -17.99 1.90 -10.13
C TRP A 677 -17.91 2.47 -11.55
N ARG A 678 -17.44 1.64 -12.49
CA ARG A 678 -17.17 2.10 -13.85
C ARG A 678 -18.45 2.52 -14.58
N ASP A 679 -19.55 1.80 -14.38
CA ASP A 679 -20.78 2.12 -15.10
C ASP A 679 -21.41 3.43 -14.64
N ARG A 680 -21.10 3.87 -13.43
CA ARG A 680 -21.78 5.04 -12.87
C ARG A 680 -21.28 6.35 -13.50
N LEU A 681 -19.95 6.49 -13.71
CA LEU A 681 -19.48 7.82 -14.06
C LEU A 681 -19.46 8.03 -15.59
N PRO A 682 -19.59 9.28 -16.04
CA PRO A 682 -19.54 9.54 -17.49
C PRO A 682 -18.12 9.67 -18.01
N ALA A 683 -17.99 10.03 -19.30
CA ALA A 683 -16.70 10.10 -19.95
C ALA A 683 -15.87 11.30 -19.52
N GLY A 684 -16.52 12.45 -19.30
CA GLY A 684 -15.80 13.64 -18.89
C GLY A 684 -15.13 13.51 -17.54
N GLY A 685 -15.83 12.91 -16.57
CA GLY A 685 -15.21 12.61 -15.29
C GLY A 685 -14.07 11.62 -15.41
N ARG A 686 -14.19 10.66 -16.33
CA ARG A 686 -13.10 9.72 -16.57
C ARG A 686 -11.86 10.42 -17.13
N VAL A 687 -12.08 11.36 -18.06
CA VAL A 687 -10.98 12.15 -18.60
C VAL A 687 -10.34 13.00 -17.50
N ALA A 688 -11.16 13.64 -16.68
CA ALA A 688 -10.65 14.50 -15.62
C ALA A 688 -9.89 13.71 -14.56
N ALA A 689 -10.37 12.53 -14.19
CA ALA A 689 -9.68 11.67 -13.23
C ALA A 689 -8.58 10.84 -13.86
N SER A 690 -8.39 10.94 -15.18
CA SER A 690 -7.25 10.34 -15.84
C SER A 690 -6.05 11.29 -15.89
N LEU A 691 -6.09 12.39 -15.14
CA LEU A 691 -4.97 13.32 -15.08
C LEU A 691 -3.89 12.89 -14.09
N LEU A 692 -4.08 11.77 -13.40
CA LEU A 692 -3.04 11.18 -12.58
C LEU A 692 -2.23 10.21 -13.42
N SER A 693 -1.07 9.80 -12.91
CA SER A 693 -0.20 8.90 -13.66
C SER A 693 -0.69 7.45 -13.73
N PRO A 694 -1.03 6.76 -12.62
CA PRO A 694 -1.39 5.35 -12.76
C PRO A 694 -2.81 5.12 -13.26
N VAL A 695 -3.74 6.02 -12.97
CA VAL A 695 -5.11 5.86 -13.48
C VAL A 695 -5.13 6.00 -14.99
N ALA A 696 -4.33 6.92 -15.53
CA ALA A 696 -4.19 7.02 -16.98
C ALA A 696 -3.50 5.80 -17.56
N PHE A 697 -2.68 5.10 -16.78
CA PHE A 697 -2.21 3.80 -17.22
C PHE A 697 -3.29 2.73 -17.03
N GLY A 698 -4.12 2.88 -16.01
CA GLY A 698 -5.15 1.87 -15.76
C GLY A 698 -6.19 1.80 -16.86
N PHE A 699 -6.67 2.95 -17.32
CA PHE A 699 -7.63 2.96 -18.42
C PHE A 699 -7.00 2.50 -19.72
N GLY A 700 -5.74 2.87 -19.95
CA GLY A 700 -5.04 2.36 -21.11
C GLY A 700 -4.87 0.86 -21.08
N CYS A 701 -4.61 0.29 -19.90
CA CYS A 701 -4.50 -1.16 -19.78
C CYS A 701 -5.85 -1.84 -19.94
N GLU A 702 -6.92 -1.20 -19.47
CA GLU A 702 -8.26 -1.73 -19.72
C GLU A 702 -8.58 -1.74 -21.20
N SER A 703 -8.22 -0.66 -21.90
CA SER A 703 -8.40 -0.62 -23.35
C SER A 703 -7.54 -1.64 -24.06
N LEU A 704 -6.32 -1.87 -23.57
CA LEU A 704 -5.45 -2.89 -24.16
C LEU A 704 -6.02 -4.29 -23.97
N ALA A 705 -6.52 -4.59 -22.77
CA ALA A 705 -7.09 -5.90 -22.51
C ALA A 705 -8.37 -6.12 -23.31
N LEU A 706 -9.21 -5.09 -23.42
CA LEU A 706 -10.45 -5.20 -24.17
C LEU A 706 -10.21 -5.18 -25.68
N LEU A 707 -9.11 -4.60 -26.14
CA LEU A 707 -8.71 -4.73 -27.54
C LEU A 707 -8.14 -6.10 -27.83
N GLU A 708 -7.38 -6.65 -26.89
CA GLU A 708 -6.97 -8.05 -26.96
C GLU A 708 -8.19 -8.97 -26.95
N GLU A 709 -9.29 -8.51 -26.36
CA GLU A 709 -10.43 -9.36 -26.09
C GLU A 709 -11.12 -9.77 -27.37
N GLN A 710 -11.06 -8.95 -28.41
CA GLN A 710 -11.58 -9.31 -29.72
C GLN A 710 -10.55 -10.04 -30.58
N GLY A 711 -9.57 -10.69 -29.96
CA GLY A 711 -8.60 -11.51 -30.66
C GLY A 711 -7.42 -10.79 -31.27
N GLU A 712 -7.64 -9.61 -31.84
CA GLU A 712 -6.56 -8.84 -32.44
C GLU A 712 -5.74 -8.20 -31.33
N GLY A 713 -4.49 -8.63 -31.20
CA GLY A 713 -3.58 -7.97 -30.28
C GLY A 713 -3.24 -6.57 -30.74
N ALA A 714 -2.59 -5.82 -29.85
CA ALA A 714 -2.28 -4.43 -30.14
C ALA A 714 -1.28 -4.33 -31.29
N GLN A 715 -1.71 -3.67 -32.37
CA GLN A 715 -0.90 -3.51 -33.56
C GLN A 715 -1.19 -2.15 -34.15
N TRP A 716 -0.47 -1.80 -35.21
CA TRP A 716 -0.53 -0.47 -35.78
C TRP A 716 -1.80 -0.21 -36.59
N HIS A 717 -2.66 -1.23 -36.78
CA HIS A 717 -3.90 -1.02 -37.52
C HIS A 717 -4.92 -0.26 -36.69
N ASN A 718 -4.99 -0.53 -35.38
CA ASN A 718 -6.12 -0.12 -34.56
C ASN A 718 -5.70 0.77 -33.38
N VAL A 719 -4.63 1.53 -33.52
CA VAL A 719 -4.23 2.43 -32.45
C VAL A 719 -5.20 3.61 -32.34
N GLY A 720 -5.62 4.15 -33.48
CA GLY A 720 -6.42 5.36 -33.51
C GLY A 720 -7.92 5.18 -33.42
N THR A 721 -8.40 3.96 -33.18
CA THR A 721 -9.83 3.69 -33.10
C THR A 721 -10.19 3.16 -31.71
N ARG A 722 -11.28 3.68 -31.16
CA ARG A 722 -11.79 3.18 -29.89
C ARG A 722 -12.29 1.75 -30.07
N PRO A 723 -11.84 0.79 -29.26
CA PRO A 723 -12.39 -0.57 -29.38
C PRO A 723 -13.87 -0.66 -29.04
N THR A 724 -14.34 0.14 -28.09
CA THR A 724 -15.76 0.21 -27.76
C THR A 724 -16.07 1.67 -27.41
N ALA A 725 -17.36 2.03 -27.45
CA ALA A 725 -17.85 3.40 -27.42
C ALA A 725 -17.59 4.14 -26.12
N ASP A 726 -17.17 3.47 -25.04
CA ASP A 726 -16.95 4.18 -23.79
C ASP A 726 -15.63 3.78 -23.15
N VAL A 727 -14.59 3.57 -23.95
CA VAL A 727 -13.24 3.37 -23.46
C VAL A 727 -12.29 4.19 -24.31
N PHE A 728 -11.08 4.41 -23.78
CA PHE A 728 -10.05 5.13 -24.50
C PHE A 728 -9.43 4.24 -25.57
N SER A 729 -8.60 4.84 -26.40
CA SER A 729 -7.76 4.12 -27.33
C SER A 729 -6.32 4.13 -26.82
N LEU A 730 -5.46 3.33 -27.47
CA LEU A 730 -4.05 3.38 -27.14
C LEU A 730 -3.43 4.72 -27.48
N ALA A 731 -3.77 5.28 -28.64
CA ALA A 731 -3.29 6.60 -29.02
C ALA A 731 -3.91 7.70 -28.16
N GLN A 732 -5.15 7.52 -27.72
CA GLN A 732 -5.79 8.53 -26.89
C GLN A 732 -5.35 8.46 -25.43
N VAL A 733 -4.59 7.44 -25.05
CA VAL A 733 -3.97 7.39 -23.73
C VAL A 733 -2.50 7.80 -23.79
N SER A 734 -1.77 7.33 -24.80
CA SER A 734 -0.35 7.66 -24.95
C SER A 734 -0.12 9.13 -25.24
N GLY A 735 -1.16 9.88 -25.61
CA GLY A 735 -1.07 11.32 -25.69
C GLY A 735 -1.48 11.98 -24.39
N LEU A 736 -2.19 11.23 -23.54
CA LEU A 736 -2.62 11.78 -22.25
C LEU A 736 -1.53 11.65 -21.19
N LEU A 737 -0.75 10.57 -21.23
CA LEU A 737 0.36 10.43 -20.30
C LEU A 737 1.43 11.49 -20.54
N LEU A 738 1.69 11.85 -21.80
CA LEU A 738 2.59 12.95 -22.08
C LEU A 738 2.05 14.27 -21.56
N LEU A 739 0.74 14.48 -21.64
CA LEU A 739 0.13 15.68 -21.07
C LEU A 739 0.30 15.70 -19.56
N ASP A 740 0.12 14.56 -18.90
CA ASP A 740 0.34 14.49 -17.46
C ASP A 740 1.80 14.74 -17.10
N ALA A 741 2.73 14.23 -17.91
CA ALA A 741 4.15 14.50 -17.70
C ALA A 741 4.47 15.98 -17.84
N ALA A 742 3.90 16.63 -18.86
CA ALA A 742 4.10 18.07 -19.03
C ALA A 742 3.50 18.86 -17.88
N LEU A 743 2.32 18.48 -17.40
CA LEU A 743 1.73 19.15 -16.24
C LEU A 743 2.58 18.97 -14.99
N TYR A 744 3.13 17.78 -14.76
CA TYR A 744 3.99 17.56 -13.61
C TYR A 744 5.28 18.36 -13.70
N GLY A 745 5.86 18.43 -14.90
CA GLY A 745 7.06 19.24 -15.07
C GLY A 745 6.80 20.72 -14.87
N LEU A 746 5.68 21.21 -15.40
CA LEU A 746 5.31 22.61 -15.20
C LEU A 746 5.02 22.91 -13.73
N ALA A 747 4.38 21.99 -13.02
CA ALA A 747 4.14 22.17 -11.60
C ALA A 747 5.42 22.14 -10.79
N THR A 748 6.39 21.29 -11.17
CA THR A 748 7.69 21.33 -10.52
C THR A 748 8.42 22.65 -10.78
N TRP A 749 8.33 23.15 -12.01
CA TRP A 749 8.90 24.45 -12.35
C TRP A 749 8.27 25.57 -11.55
N TYR A 750 6.96 25.51 -11.32
CA TYR A 750 6.28 26.51 -10.50
C TYR A 750 6.65 26.38 -9.02
N LEU A 751 6.71 25.15 -8.51
CA LEU A 751 6.92 24.91 -7.09
C LEU A 751 8.38 25.05 -6.69
N GLU A 752 9.30 25.10 -7.64
CA GLU A 752 10.67 25.48 -7.32
C GLU A 752 10.78 26.91 -6.82
N ALA A 753 9.76 27.74 -7.07
CA ALA A 753 9.70 29.10 -6.54
C ALA A 753 9.01 29.18 -5.18
N VAL A 754 8.87 28.05 -4.48
CA VAL A 754 8.40 28.10 -3.10
C VAL A 754 9.53 28.51 -2.17
N CYS A 755 10.77 28.46 -2.67
CA CYS A 755 11.93 28.92 -1.93
C CYS A 755 12.55 30.12 -2.65
N PRO A 756 12.09 31.33 -2.39
CA PRO A 756 12.63 32.50 -3.09
C PRO A 756 14.00 32.90 -2.57
N GLY A 757 15.04 32.60 -3.34
CA GLY A 757 16.39 32.92 -2.93
C GLY A 757 16.99 31.88 -2.01
N GLN A 758 16.39 31.70 -0.83
CA GLN A 758 16.91 30.78 0.18
C GLN A 758 16.48 29.35 -0.17
N TYR A 759 16.69 28.43 0.78
CA TYR A 759 16.38 27.03 0.57
C TYR A 759 15.05 26.67 1.22
N GLY A 760 14.48 25.55 0.78
CA GLY A 760 13.25 25.03 1.35
C GLY A 760 12.02 25.85 0.99
N LYS A 793 33.80 56.02 12.39
CA LYS A 793 33.16 54.93 11.66
C LYS A 793 33.86 54.67 10.32
N VAL A 794 34.62 55.65 9.86
CA VAL A 794 35.29 55.57 8.57
C VAL A 794 36.79 55.49 8.79
N LEU A 795 37.22 54.94 9.92
CA LEU A 795 38.64 54.77 10.24
C LEU A 795 39.18 53.56 9.50
N VAL A 796 39.32 53.72 8.19
CA VAL A 796 39.74 52.65 7.29
C VAL A 796 40.80 53.19 6.35
N GLU A 797 41.69 52.30 5.90
CA GLU A 797 42.75 52.66 4.98
C GLU A 797 42.84 51.60 3.88
N GLU A 798 42.83 52.06 2.64
CA GLU A 798 43.00 51.20 1.47
C GLU A 798 44.17 51.74 0.65
N ALA A 799 45.38 51.33 1.02
CA ALA A 799 46.59 51.78 0.33
C ALA A 799 47.72 50.79 0.58
N PRO A 800 47.77 49.70 -0.19
CA PRO A 800 48.93 48.82 -0.15
C PRO A 800 49.98 49.27 -1.15
N PRO A 801 51.25 48.89 -0.96
CA PRO A 801 52.24 49.14 -2.02
C PRO A 801 51.90 48.45 -3.32
N GLY A 802 51.36 47.24 -3.25
CA GLY A 802 50.82 46.58 -4.43
C GLY A 802 49.32 46.69 -4.51
N LEU A 803 48.83 47.62 -5.32
CA LEU A 803 47.40 47.85 -5.46
C LEU A 803 46.87 47.04 -6.63
N SER A 804 45.80 46.28 -6.39
CA SER A 804 45.24 45.40 -7.41
C SER A 804 43.79 45.08 -7.08
N PRO A 805 42.86 45.98 -7.36
CA PRO A 805 41.45 45.72 -7.02
C PRO A 805 40.78 44.75 -8.00
N GLY A 806 41.19 43.48 -7.90
CA GLY A 806 40.58 42.45 -8.72
C GLY A 806 39.13 42.20 -8.40
N VAL A 807 38.76 42.31 -7.13
CA VAL A 807 37.35 42.24 -6.73
C VAL A 807 37.01 43.51 -5.97
N SER A 808 36.54 44.53 -6.69
CA SER A 808 36.18 45.81 -6.10
C SER A 808 34.67 45.88 -5.99
N VAL A 809 34.19 46.22 -4.80
CA VAL A 809 32.76 46.16 -4.53
C VAL A 809 32.36 47.40 -3.74
N ARG A 810 31.20 47.97 -4.06
CA ARG A 810 30.75 49.23 -3.48
C ARG A 810 29.27 49.14 -3.10
N SER A 811 28.99 49.14 -1.79
CA SER A 811 27.69 49.50 -1.21
C SER A 811 26.55 48.60 -1.70
N LEU A 812 26.62 47.34 -1.26
CA LEU A 812 25.59 46.36 -1.56
C LEU A 812 24.42 46.58 -0.63
N GLU A 813 23.22 46.47 -1.17
CA GLU A 813 22.01 46.42 -0.35
C GLU A 813 21.18 45.22 -0.78
N LYS A 814 20.97 44.30 0.16
CA LYS A 814 20.11 43.15 -0.06
C LYS A 814 19.09 43.08 1.08
N ARG A 815 17.99 42.40 0.81
CA ARG A 815 16.82 42.45 1.68
C ARG A 815 16.13 41.09 1.64
N PHE A 816 16.24 40.31 2.71
CA PHE A 816 15.42 39.11 2.82
C PHE A 816 13.95 39.50 2.99
N PRO A 817 13.02 38.80 2.34
CA PRO A 817 11.60 39.19 2.49
C PRO A 817 11.07 39.09 3.90
N GLY A 818 11.57 38.15 4.71
CA GLY A 818 11.08 37.98 6.06
C GLY A 818 11.77 38.80 7.12
N SER A 819 13.03 39.16 6.91
CA SER A 819 13.73 40.07 7.82
C SER A 819 13.06 41.44 7.77
N PRO A 820 12.97 42.17 8.88
CA PRO A 820 12.59 43.58 8.75
C PRO A 820 13.76 44.49 8.40
N GLN A 821 14.95 44.19 8.94
CA GLN A 821 16.16 44.90 8.59
C GLN A 821 16.73 44.38 7.27
N PRO A 822 17.54 45.18 6.57
CA PRO A 822 18.22 44.66 5.37
C PRO A 822 19.17 43.52 5.67
N ALA A 823 19.35 42.68 4.65
CA ALA A 823 20.27 41.55 4.75
C ALA A 823 21.69 42.02 5.02
N LEU A 824 22.11 43.09 4.35
CA LEU A 824 23.37 43.72 4.65
C LEU A 824 23.29 45.19 4.26
N ARG A 825 24.20 45.98 4.85
CA ARG A 825 24.30 47.40 4.59
C ARG A 825 25.43 47.64 3.60
N GLY A 826 25.68 48.92 3.31
CA GLY A 826 26.66 49.28 2.29
C GLY A 826 28.09 49.19 2.81
N LEU A 827 28.99 48.78 1.90
CA LEU A 827 30.42 48.68 2.17
C LEU A 827 31.15 48.91 0.86
N SER A 828 32.27 49.61 0.93
CA SER A 828 32.96 50.09 -0.26
C SER A 828 34.41 49.63 -0.35
N LEU A 829 34.80 48.62 0.44
CA LEU A 829 36.19 48.18 0.44
C LEU A 829 36.48 47.30 -0.77
N ASP A 830 37.76 47.23 -1.12
CA ASP A 830 38.23 46.40 -2.22
C ASP A 830 39.38 45.52 -1.76
N PHE A 831 39.55 44.39 -2.43
CA PHE A 831 40.56 43.40 -2.09
C PHE A 831 41.70 43.43 -3.11
N TYR A 832 42.81 42.81 -2.74
CA TYR A 832 44.03 42.84 -3.54
C TYR A 832 44.60 41.44 -3.68
N GLN A 833 45.05 41.09 -4.88
CA GLN A 833 45.76 39.83 -5.09
C GLN A 833 47.15 39.93 -4.49
N GLY A 834 47.67 38.78 -4.06
CA GLY A 834 48.86 38.76 -3.23
C GLY A 834 48.58 38.95 -1.76
N HIS A 835 47.32 39.22 -1.40
CA HIS A 835 46.88 39.34 -0.02
C HIS A 835 45.88 38.23 0.28
N ILE A 836 45.65 37.99 1.57
CA ILE A 836 44.56 37.14 2.03
C ILE A 836 43.75 38.01 2.97
N THR A 837 42.73 38.68 2.44
CA THR A 837 41.95 39.61 3.25
C THR A 837 40.95 38.84 4.08
N ALA A 838 41.24 38.72 5.38
CA ALA A 838 40.32 38.05 6.29
C ALA A 838 39.06 38.88 6.48
N PHE A 839 37.95 38.18 6.73
CA PHE A 839 36.62 38.79 6.76
C PHE A 839 35.90 38.28 8.01
N LEU A 840 36.05 39.01 9.11
CA LEU A 840 35.42 38.61 10.36
C LEU A 840 34.05 39.25 10.51
N GLY A 841 33.15 38.53 11.19
CA GLY A 841 31.80 39.00 11.37
C GLY A 841 31.09 38.27 12.47
N HIS A 842 29.77 38.18 12.33
CA HIS A 842 28.91 37.48 13.27
C HIS A 842 28.26 36.28 12.60
N ASN A 843 27.49 35.52 13.38
CA ASN A 843 26.94 34.25 12.92
C ASN A 843 25.84 34.46 11.89
N GLY A 844 26.21 34.43 10.62
CA GLY A 844 25.27 34.62 9.53
C GLY A 844 24.87 36.05 9.26
N ALA A 845 25.43 37.01 10.00
CA ALA A 845 25.09 38.42 9.86
C ALA A 845 26.09 39.17 8.99
N GLY A 846 26.68 38.49 8.01
CA GLY A 846 27.66 39.10 7.13
C GLY A 846 28.77 38.17 6.73
N LYS A 847 28.86 37.01 7.40
CA LYS A 847 29.88 36.03 7.08
C LYS A 847 29.48 35.11 5.94
N THR A 848 28.25 35.19 5.45
CA THR A 848 27.80 34.35 4.35
C THR A 848 27.16 35.14 3.22
N THR A 849 26.41 36.19 3.54
CA THR A 849 25.61 36.89 2.54
C THR A 849 26.48 37.67 1.56
N THR A 850 27.53 38.34 2.04
CA THR A 850 28.40 39.10 1.15
C THR A 850 29.16 38.16 0.21
N LEU A 851 29.62 37.03 0.73
CA LEU A 851 30.34 36.08 -0.11
C LEU A 851 29.39 35.37 -1.06
N SER A 852 28.10 35.29 -0.72
CA SER A 852 27.11 34.77 -1.65
C SER A 852 26.81 35.76 -2.78
N ILE A 853 26.61 37.04 -2.45
CA ILE A 853 26.27 38.01 -3.48
C ILE A 853 27.46 38.29 -4.39
N LEU A 854 28.69 38.26 -3.87
CA LEU A 854 29.83 38.39 -4.75
C LEU A 854 30.15 37.09 -5.49
N SER A 855 29.50 35.99 -5.13
CA SER A 855 29.55 34.78 -5.94
C SER A 855 28.44 34.81 -6.98
N GLY A 856 28.21 33.70 -7.65
CA GLY A 856 27.24 33.64 -8.72
C GLY A 856 25.82 33.27 -8.34
N LEU A 857 25.52 33.19 -7.04
CA LEU A 857 24.19 32.72 -6.65
C LEU A 857 23.18 33.86 -6.55
N PHE A 858 23.42 34.83 -5.68
CA PHE A 858 22.44 35.88 -5.47
C PHE A 858 22.53 36.92 -6.59
N PRO A 859 21.40 37.40 -7.08
CA PRO A 859 21.41 38.47 -8.10
C PRO A 859 21.64 39.82 -7.46
N PRO A 860 22.41 40.69 -8.10
CA PRO A 860 22.67 42.05 -7.55
C PRO A 860 21.67 43.10 -8.03
N SER A 861 20.46 43.04 -7.46
CA SER A 861 19.48 44.08 -7.73
C SER A 861 19.89 45.40 -7.10
N GLY A 862 20.62 45.35 -5.98
CA GLY A 862 21.15 46.55 -5.37
C GLY A 862 22.63 46.44 -5.08
N GLY A 863 23.39 47.46 -5.46
CA GLY A 863 24.82 47.48 -5.24
C GLY A 863 25.61 47.20 -6.50
N SER A 864 26.87 47.63 -6.48
CA SER A 864 27.80 47.47 -7.61
C SER A 864 28.87 46.47 -7.22
N ALA A 865 29.04 45.44 -8.04
CA ALA A 865 29.91 44.31 -7.72
C ALA A 865 30.80 43.95 -8.91
N PHE A 866 31.47 44.95 -9.48
CA PHE A 866 32.33 44.73 -10.65
C PHE A 866 33.51 43.84 -10.27
N ILE A 867 33.54 42.64 -10.81
CA ILE A 867 34.59 41.68 -10.57
C ILE A 867 35.53 41.70 -11.76
N LEU A 868 36.78 42.14 -11.52
CA LEU A 868 37.78 42.34 -12.57
C LEU A 868 37.26 43.27 -13.67
N GLY A 869 36.54 44.31 -13.26
CA GLY A 869 36.03 45.32 -14.15
C GLY A 869 34.56 45.16 -14.49
N HIS A 870 34.07 43.92 -14.62
CA HIS A 870 32.71 43.66 -15.04
C HIS A 870 31.92 43.04 -13.89
N ASP A 871 30.62 43.32 -13.89
CA ASP A 871 29.74 42.90 -12.82
C ASP A 871 29.05 41.57 -13.15
N VAL A 872 28.38 41.04 -12.13
CA VAL A 872 27.49 39.90 -12.28
C VAL A 872 26.37 40.18 -13.27
N ARG A 873 25.85 41.39 -13.27
CA ARG A 873 24.66 41.72 -14.06
C ARG A 873 24.92 41.71 -15.56
N SER A 874 26.18 41.70 -16.00
CA SER A 874 26.47 41.73 -17.43
C SER A 874 27.14 40.47 -17.95
N SER A 875 28.33 40.12 -17.44
CA SER A 875 29.14 39.08 -18.10
C SER A 875 28.77 37.67 -17.66
N MET A 876 29.10 37.34 -16.42
CA MET A 876 28.89 36.04 -15.76
C MET A 876 29.43 34.85 -16.58
N ALA A 877 30.35 35.07 -17.51
CA ALA A 877 30.79 33.95 -18.33
C ALA A 877 32.30 33.77 -18.33
N ALA A 878 33.06 34.85 -18.39
CA ALA A 878 34.52 34.76 -18.42
C ALA A 878 35.15 34.79 -17.04
N ILE A 879 34.42 35.24 -16.03
CA ILE A 879 34.96 35.28 -14.68
C ILE A 879 35.10 33.90 -14.06
N ARG A 880 34.30 32.93 -14.49
CA ARG A 880 34.25 31.58 -13.92
C ARG A 880 35.57 30.84 -14.04
N PRO A 881 36.29 30.89 -15.18
CA PRO A 881 37.65 30.35 -15.17
C PRO A 881 38.59 31.05 -14.21
N HIS A 882 38.35 32.32 -13.89
CA HIS A 882 39.17 33.07 -12.95
C HIS A 882 38.60 33.10 -11.54
N LEU A 883 37.52 32.37 -11.29
CA LEU A 883 36.87 32.34 -9.98
C LEU A 883 36.79 30.91 -9.45
N GLY A 884 37.00 30.79 -8.14
CA GLY A 884 36.72 29.55 -7.43
C GLY A 884 36.12 29.84 -6.08
N VAL A 885 35.27 28.92 -5.60
CA VAL A 885 34.54 29.12 -4.36
C VAL A 885 34.65 27.87 -3.49
N CYS A 886 34.45 28.06 -2.20
CA CYS A 886 34.33 26.98 -1.24
C CYS A 886 33.45 27.41 -0.06
N PRO A 887 32.19 26.98 -0.02
CA PRO A 887 31.30 27.42 1.06
C PRO A 887 31.54 26.71 2.38
N GLN A 888 30.68 26.98 3.36
CA GLN A 888 30.86 26.45 4.71
C GLN A 888 30.72 24.93 4.74
N TYR A 889 29.76 24.39 4.01
CA TYR A 889 29.55 22.95 4.00
C TYR A 889 30.47 22.29 2.98
N ASN A 890 30.60 20.97 3.10
CA ASN A 890 31.42 20.21 2.16
C ASN A 890 30.76 20.19 0.79
N VAL A 891 31.59 20.11 -0.25
CA VAL A 891 31.13 20.26 -1.63
C VAL A 891 31.50 18.94 -2.31
N LEU A 892 31.44 17.85 -1.54
CA LEU A 892 31.99 16.60 -2.03
C LEU A 892 30.84 15.70 -2.49
N PHE A 893 31.16 14.72 -3.33
CA PHE A 893 30.23 13.67 -3.71
C PHE A 893 30.46 12.47 -2.80
N ASP A 894 29.39 11.89 -2.27
CA ASP A 894 29.56 10.86 -1.26
C ASP A 894 30.08 9.55 -1.84
N MET A 895 29.59 9.13 -3.01
CA MET A 895 29.94 7.83 -3.58
C MET A 895 30.97 7.92 -4.69
N LEU A 896 31.60 9.06 -4.89
CA LEU A 896 32.61 9.22 -5.93
C LEU A 896 33.97 8.89 -5.33
N THR A 897 35.06 9.21 -6.04
CA THR A 897 36.38 9.25 -5.39
C THR A 897 37.03 10.54 -5.85
N VAL A 898 38.29 10.65 -5.45
CA VAL A 898 39.10 11.87 -5.57
C VAL A 898 39.69 12.27 -6.90
N ASP A 899 40.20 11.32 -7.66
CA ASP A 899 40.87 11.69 -8.89
C ASP A 899 39.88 12.12 -9.97
N GLU A 900 38.83 11.35 -10.18
CA GLU A 900 37.82 11.83 -11.11
C GLU A 900 36.94 12.91 -10.50
N HIS A 901 37.00 13.13 -9.19
CA HIS A 901 36.35 14.29 -8.59
C HIS A 901 37.03 15.59 -9.04
N VAL A 902 38.36 15.66 -8.89
CA VAL A 902 39.06 16.85 -9.34
C VAL A 902 39.02 16.94 -10.86
N TRP A 903 39.03 15.78 -11.55
CA TRP A 903 38.81 15.79 -13.00
C TRP A 903 37.44 16.35 -13.37
N PHE A 904 36.41 15.98 -12.62
CA PHE A 904 35.05 16.49 -12.84
C PHE A 904 35.01 18.00 -12.73
N TYR A 905 35.54 18.54 -11.62
CA TYR A 905 35.48 19.98 -11.42
C TYR A 905 36.36 20.73 -12.42
N GLY A 906 37.50 20.16 -12.79
CA GLY A 906 38.34 20.80 -13.79
C GLY A 906 37.70 20.81 -15.17
N ARG A 907 37.09 19.69 -15.58
CA ARG A 907 36.41 19.62 -16.85
C ARG A 907 35.18 20.52 -16.90
N LEU A 908 34.51 20.72 -15.78
CA LEU A 908 33.39 21.65 -15.84
C LEU A 908 33.88 23.08 -15.84
N LYS A 909 34.98 23.38 -15.15
CA LYS A 909 35.46 24.75 -15.03
C LYS A 909 35.94 25.33 -16.36
N GLY A 910 36.10 24.51 -17.40
CA GLY A 910 36.56 24.95 -18.69
C GLY A 910 37.89 24.39 -19.08
N LEU A 911 38.60 23.74 -18.17
CA LEU A 911 39.85 23.08 -18.51
C LEU A 911 39.58 21.87 -19.39
N SER A 912 40.41 21.69 -20.40
CA SER A 912 40.24 20.59 -21.34
C SER A 912 40.76 19.28 -20.76
N ALA A 913 40.38 18.18 -21.41
CA ALA A 913 40.81 16.86 -20.98
C ALA A 913 42.31 16.63 -21.21
N ALA A 914 42.91 17.37 -22.14
CA ALA A 914 44.34 17.22 -22.38
C ALA A 914 45.19 17.96 -21.36
N VAL A 915 44.59 18.82 -20.55
CA VAL A 915 45.32 19.65 -19.59
C VAL A 915 44.81 19.48 -18.17
N VAL A 916 43.91 18.53 -17.93
CA VAL A 916 43.40 18.34 -16.58
C VAL A 916 44.39 17.52 -15.74
N GLY A 917 45.05 16.55 -16.36
CA GLY A 917 45.99 15.68 -15.69
C GLY A 917 47.18 16.38 -15.05
N PRO A 918 47.87 17.26 -15.81
CA PRO A 918 48.92 18.10 -15.20
C PRO A 918 48.42 19.04 -14.12
N GLU A 919 47.13 19.37 -14.09
CA GLU A 919 46.56 20.00 -12.92
C GLU A 919 46.24 18.98 -11.83
N GLN A 920 45.77 17.80 -12.24
CA GLN A 920 45.25 16.82 -11.29
C GLN A 920 46.34 16.29 -10.37
N ASP A 921 47.54 16.02 -10.91
CA ASP A 921 48.57 15.39 -10.09
C ASP A 921 49.08 16.36 -9.04
N ARG A 922 49.32 17.62 -9.41
CA ARG A 922 49.79 18.59 -8.44
C ARG A 922 48.69 18.99 -7.47
N LEU A 923 47.41 18.90 -7.88
CA LEU A 923 46.34 19.13 -6.92
C LEU A 923 46.25 18.00 -5.90
N LEU A 924 46.39 16.75 -6.33
CA LEU A 924 46.30 15.64 -5.39
C LEU A 924 47.55 15.52 -4.53
N GLN A 925 48.69 16.06 -4.98
CA GLN A 925 49.87 16.04 -4.14
C GLN A 925 50.03 17.29 -3.28
N ASP A 926 49.38 18.40 -3.65
CA ASP A 926 49.40 19.60 -2.82
C ASP A 926 48.65 19.39 -1.52
N VAL A 927 47.49 18.72 -1.60
CA VAL A 927 46.76 18.30 -0.41
C VAL A 927 47.48 17.17 0.31
N GLY A 928 48.33 16.40 -0.38
CA GLY A 928 49.00 15.28 0.23
C GLY A 928 48.11 14.06 0.34
N LEU A 929 47.55 13.65 -0.78
CA LEU A 929 46.61 12.54 -0.83
C LEU A 929 47.00 11.55 -1.92
N VAL A 930 48.29 11.47 -2.22
CA VAL A 930 48.77 10.46 -3.15
C VAL A 930 48.59 9.07 -2.58
N SER A 931 48.75 8.92 -1.26
CA SER A 931 48.47 7.64 -0.63
C SER A 931 46.98 7.33 -0.61
N LYS A 932 46.14 8.37 -0.57
CA LYS A 932 44.69 8.19 -0.44
C LYS A 932 43.95 8.46 -1.75
N GLN A 933 44.65 8.40 -2.89
CA GLN A 933 43.99 8.45 -4.18
C GLN A 933 43.99 7.11 -4.91
N SER A 934 44.92 6.21 -4.59
CA SER A 934 44.96 4.89 -5.19
C SER A 934 44.07 3.89 -4.46
N VAL A 935 43.69 4.18 -3.22
CA VAL A 935 42.70 3.37 -2.52
C VAL A 935 41.28 3.70 -2.96
N GLN A 936 41.07 4.87 -3.57
CA GLN A 936 39.82 5.27 -4.21
C GLN A 936 38.66 5.31 -3.22
N THR A 937 38.87 5.97 -2.09
CA THR A 937 37.89 6.03 -1.01
C THR A 937 37.40 7.47 -0.81
N ARG A 938 36.11 7.60 -0.53
CA ARG A 938 35.53 8.88 -0.16
C ARG A 938 34.89 8.86 1.22
N HIS A 939 33.97 7.93 1.48
CA HIS A 939 33.27 7.88 2.75
C HIS A 939 34.13 7.32 3.87
N LEU A 940 35.25 6.67 3.53
CA LEU A 940 36.11 6.05 4.53
C LEU A 940 37.11 7.03 5.15
N SER A 941 37.15 8.27 4.67
CA SER A 941 37.96 9.33 5.26
C SER A 941 37.04 10.45 5.71
N GLY A 942 37.16 10.84 6.98
CA GLY A 942 36.28 11.85 7.54
C GLY A 942 37.02 12.93 8.32
N GLY A 943 36.57 14.18 8.19
CA GLY A 943 37.23 15.33 8.77
C GLY A 943 38.37 15.87 7.93
N MET A 944 39.11 14.99 7.26
CA MET A 944 40.14 15.37 6.31
C MET A 944 39.54 16.03 5.08
N GLN A 945 38.30 15.68 4.72
CA GLN A 945 37.67 16.08 3.47
C GLN A 945 37.55 17.59 3.30
N ARG A 946 37.63 18.36 4.39
CA ARG A 946 37.64 19.82 4.29
C ARG A 946 38.79 20.30 3.42
N LYS A 947 39.94 19.63 3.50
CA LYS A 947 41.04 19.92 2.59
C LYS A 947 40.61 19.73 1.14
N LEU A 948 39.95 18.62 0.85
CA LEU A 948 39.42 18.42 -0.49
C LEU A 948 38.24 19.32 -0.79
N SER A 949 37.68 20.01 0.21
CA SER A 949 36.73 21.05 -0.11
C SER A 949 37.40 22.34 -0.57
N VAL A 950 38.65 22.57 -0.18
CA VAL A 950 39.28 23.85 -0.50
C VAL A 950 40.19 23.70 -1.71
N ALA A 951 40.78 22.51 -1.88
CA ALA A 951 41.60 22.24 -3.06
C ALA A 951 40.76 22.24 -4.33
N ILE A 952 39.49 21.85 -4.24
CA ILE A 952 38.58 21.97 -5.37
C ILE A 952 38.42 23.43 -5.79
N ALA A 953 38.55 24.37 -4.85
CA ALA A 953 38.51 25.78 -5.21
C ALA A 953 39.74 26.23 -5.99
N PHE A 954 40.79 25.40 -6.08
CA PHE A 954 42.02 25.78 -6.78
C PHE A 954 42.22 24.98 -8.07
N VAL A 955 41.18 24.33 -8.58
CA VAL A 955 41.37 23.46 -9.74
C VAL A 955 41.55 24.23 -11.04
N GLY A 956 41.08 25.47 -11.11
CA GLY A 956 41.23 26.24 -12.33
C GLY A 956 42.43 27.15 -12.37
N GLY A 957 43.22 27.18 -11.29
CA GLY A 957 44.23 28.22 -11.16
C GLY A 957 43.59 29.59 -11.08
N SER A 958 42.47 29.70 -10.38
CA SER A 958 41.65 30.90 -10.44
C SER A 958 42.31 32.06 -9.71
N GLN A 959 42.18 33.25 -10.30
CA GLN A 959 42.79 34.43 -9.72
C GLN A 959 42.07 34.87 -8.44
N VAL A 960 40.76 34.65 -8.37
CA VAL A 960 39.97 35.02 -7.20
C VAL A 960 39.39 33.75 -6.59
N VAL A 961 39.73 33.50 -5.33
CA VAL A 961 39.22 32.36 -4.58
C VAL A 961 38.49 32.90 -3.36
N ILE A 962 37.28 32.39 -3.15
CA ILE A 962 36.42 32.84 -2.06
C ILE A 962 36.10 31.65 -1.17
N LEU A 963 36.71 31.63 0.01
CA LEU A 963 36.41 30.61 1.00
C LEU A 963 35.29 31.09 1.89
N ASP A 964 34.82 30.20 2.76
CA ASP A 964 33.80 30.55 3.74
C ASP A 964 33.92 29.58 4.90
N GLN A 965 34.54 30.04 5.99
CA GLN A 965 34.75 29.26 7.20
C GLN A 965 35.43 27.90 6.92
N PRO A 966 36.69 27.92 6.45
CA PRO A 966 37.33 26.66 6.04
C PRO A 966 37.94 25.87 7.18
N THR A 967 37.72 26.28 8.43
CA THR A 967 38.43 25.70 9.57
C THR A 967 37.46 25.35 10.70
N ALA A 968 36.23 24.96 10.36
CA ALA A 968 35.24 24.69 11.40
C ALA A 968 35.30 23.24 11.89
N GLY A 969 35.08 22.29 10.98
CA GLY A 969 34.99 20.90 11.36
C GLY A 969 36.23 20.10 11.05
N VAL A 970 37.40 20.68 11.30
CA VAL A 970 38.68 20.06 10.99
C VAL A 970 39.48 19.89 12.27
N ASP A 971 40.17 18.75 12.38
CA ASP A 971 41.07 18.47 13.49
C ASP A 971 42.26 19.42 13.41
N PRO A 972 42.82 19.84 14.55
CA PRO A 972 44.03 20.67 14.54
C PRO A 972 45.23 20.09 13.80
N ALA A 973 45.32 18.77 13.61
CA ALA A 973 46.43 18.22 12.85
C ALA A 973 46.38 18.60 11.38
N SER A 974 45.18 18.90 10.85
CA SER A 974 45.04 19.33 9.47
C SER A 974 44.77 20.82 9.34
N ARG A 975 44.60 21.53 10.46
CA ARG A 975 44.53 22.99 10.41
C ARG A 975 45.82 23.57 9.84
N ARG A 976 46.96 23.07 10.32
CA ARG A 976 48.25 23.47 9.75
C ARG A 976 48.39 23.02 8.31
N GLY A 977 47.79 21.89 7.95
CA GLY A 977 47.83 21.45 6.56
C GLY A 977 47.11 22.38 5.62
N ILE A 978 45.88 22.78 5.98
CA ILE A 978 45.15 23.71 5.12
C ILE A 978 45.79 25.09 5.14
N TRP A 979 46.39 25.47 6.27
CA TRP A 979 47.08 26.75 6.34
C TRP A 979 48.32 26.77 5.46
N GLU A 980 49.09 25.68 5.44
CA GLU A 980 50.20 25.56 4.51
C GLU A 980 49.73 25.49 3.07
N LEU A 981 48.55 24.91 2.82
CA LEU A 981 48.00 24.91 1.46
C LEU A 981 47.68 26.34 0.99
N LEU A 982 47.04 27.13 1.85
CA LEU A 982 46.77 28.52 1.49
C LEU A 982 48.06 29.33 1.35
N LEU A 983 49.03 29.09 2.23
CA LEU A 983 50.32 29.77 2.12
C LEU A 983 51.04 29.41 0.82
N LYS A 984 50.89 28.15 0.38
CA LYS A 984 51.41 27.75 -0.92
C LYS A 984 50.69 28.46 -2.05
N TYR A 985 49.37 28.62 -1.93
CA TYR A 985 48.58 29.23 -2.99
C TYR A 985 48.27 30.70 -2.74
N ARG A 986 49.04 31.37 -1.88
CA ARG A 986 48.78 32.77 -1.57
C ARG A 986 49.38 33.76 -2.55
N GLU A 987 50.28 33.31 -3.43
CA GLU A 987 51.01 34.22 -4.30
C GLU A 987 50.26 34.41 -5.61
N GLY A 988 49.90 35.67 -5.90
CA GLY A 988 49.26 36.00 -7.16
C GLY A 988 47.78 35.73 -7.23
N ARG A 989 47.13 35.43 -6.11
CA ARG A 989 45.71 35.12 -6.12
C ARG A 989 45.01 35.94 -5.04
N THR A 990 43.79 36.36 -5.35
CA THR A 990 42.98 37.13 -4.38
C THR A 990 42.24 36.14 -3.50
N LEU A 991 42.67 36.00 -2.26
CA LEU A 991 42.07 35.07 -1.32
C LEU A 991 41.10 35.81 -0.40
N ILE A 992 39.85 35.37 -0.37
CA ILE A 992 38.88 35.95 0.55
C ILE A 992 38.50 34.89 1.58
N LEU A 993 39.13 34.95 2.74
CA LEU A 993 39.00 33.93 3.78
C LEU A 993 38.15 34.50 4.91
N SER A 994 36.86 34.21 4.89
CA SER A 994 35.93 34.72 5.89
C SER A 994 35.84 33.72 7.05
N THR A 995 36.94 33.59 7.77
CA THR A 995 36.94 32.76 8.96
C THR A 995 36.16 33.45 10.07
N HIS A 996 35.47 32.64 10.87
CA HIS A 996 34.74 33.14 12.02
C HIS A 996 35.58 33.15 13.29
N HIS A 997 36.85 32.75 13.18
CA HIS A 997 37.75 32.67 14.32
C HIS A 997 38.82 33.74 14.21
N LEU A 998 39.37 34.12 15.36
CA LEU A 998 40.32 35.24 15.44
C LEU A 998 41.74 34.80 15.72
N ASP A 999 42.03 33.50 15.68
CA ASP A 999 43.36 33.00 16.01
C ASP A 999 44.19 32.69 14.77
N GLU A 1000 43.69 33.01 13.58
CA GLU A 1000 44.43 32.78 12.35
C GLU A 1000 44.50 34.00 11.43
N ALA A 1001 43.63 35.00 11.61
CA ALA A 1001 43.68 36.20 10.79
C ALA A 1001 44.96 37.01 11.03
N GLU A 1002 45.59 36.86 12.17
CA GLU A 1002 46.88 37.50 12.42
C GLU A 1002 48.02 36.79 11.70
N LEU A 1003 47.83 35.54 11.30
CA LEU A 1003 48.85 34.78 10.58
C LEU A 1003 48.60 34.83 9.08
N LEU A 1004 47.42 34.37 8.65
CA LEU A 1004 47.12 34.32 7.22
C LEU A 1004 46.78 35.70 6.66
N GLY A 1005 46.17 36.56 7.45
CA GLY A 1005 45.64 37.81 6.94
C GLY A 1005 46.66 38.92 6.72
N ASP A 1006 46.94 39.24 5.46
CA ASP A 1006 47.70 40.45 5.16
C ASP A 1006 46.89 41.69 5.52
N ARG A 1007 45.57 41.61 5.35
CA ARG A 1007 44.65 42.65 5.81
C ARG A 1007 43.43 41.97 6.41
N VAL A 1008 42.78 42.67 7.33
CA VAL A 1008 41.63 42.13 8.06
C VAL A 1008 40.51 43.17 8.02
N ALA A 1009 39.34 42.75 7.58
CA ALA A 1009 38.15 43.57 7.60
C ALA A 1009 37.15 42.97 8.57
N VAL A 1010 36.48 43.83 9.34
CA VAL A 1010 35.54 43.42 10.37
C VAL A 1010 34.18 44.01 10.04
N VAL A 1011 33.16 43.15 9.99
CA VAL A 1011 31.79 43.57 9.73
C VAL A 1011 30.94 43.13 10.92
N ALA A 1012 29.84 43.85 11.14
CA ALA A 1012 28.92 43.53 12.22
C ALA A 1012 27.52 43.89 11.74
N GLY A 1013 26.63 42.90 11.66
CA GLY A 1013 25.27 43.11 11.24
C GLY A 1013 25.10 43.60 9.82
N GLY A 1014 26.13 43.48 8.98
CA GLY A 1014 26.12 44.05 7.65
C GLY A 1014 26.82 45.40 7.53
N ARG A 1015 27.24 45.98 8.65
CA ARG A 1015 27.92 47.27 8.64
C ARG A 1015 29.40 47.07 8.92
N LEU A 1016 30.24 47.58 8.02
CA LEU A 1016 31.68 47.49 8.21
C LEU A 1016 32.11 48.41 9.34
N CYS A 1017 32.91 47.88 10.28
CA CYS A 1017 33.41 48.69 11.38
C CYS A 1017 34.78 49.28 11.04
N CYS A 1018 35.74 48.43 10.73
CA CYS A 1018 37.08 48.86 10.36
C CYS A 1018 37.74 47.79 9.51
N CYS A 1019 38.75 48.20 8.75
CA CYS A 1019 39.49 47.28 7.91
C CYS A 1019 40.93 47.76 7.79
N GLY A 1020 41.86 46.82 7.75
CA GLY A 1020 43.26 47.17 7.60
C GLY A 1020 44.16 46.02 8.04
N SER A 1021 45.46 46.30 7.97
CA SER A 1021 46.45 45.38 8.48
C SER A 1021 46.35 45.32 10.01
N PRO A 1022 46.70 44.19 10.63
CA PRO A 1022 46.49 44.05 12.08
C PRO A 1022 47.51 44.78 12.94
N LEU A 1023 48.29 45.68 12.36
CA LEU A 1023 49.30 46.42 13.10
C LEU A 1023 48.67 47.63 13.79
N PHE A 1024 49.52 48.54 14.28
CA PHE A 1024 49.09 49.71 15.05
C PHE A 1024 48.15 50.63 14.27
N LEU A 1025 48.24 50.61 12.93
CA LEU A 1025 47.37 51.43 12.10
C LEU A 1025 45.89 51.08 12.27
N ARG A 1026 45.60 49.85 12.73
CA ARG A 1026 44.25 49.49 13.15
C ARG A 1026 44.16 49.17 14.64
N ARG A 1027 45.28 48.96 15.31
CA ARG A 1027 45.28 48.69 16.75
C ARG A 1027 45.33 50.01 17.51
N HIS A 1028 44.23 50.74 17.43
CA HIS A 1028 44.08 52.03 18.11
C HIS A 1028 43.35 51.84 19.43
N LEU A 1029 44.09 51.34 20.42
CA LEU A 1029 43.57 51.11 21.76
C LEU A 1029 44.47 51.79 22.78
N GLY A 1030 43.85 52.27 23.86
CA GLY A 1030 44.61 52.93 24.92
C GLY A 1030 45.56 51.98 25.64
N SER A 1031 45.08 50.79 25.97
CA SER A 1031 45.91 49.78 26.61
C SER A 1031 46.75 49.10 25.53
N GLY A 1032 47.87 49.74 25.19
CA GLY A 1032 48.70 49.29 24.09
C GLY A 1032 49.43 47.98 24.34
N TYR A 1033 50.18 47.90 25.45
CA TYR A 1033 51.01 46.74 25.73
C TYR A 1033 50.77 46.28 27.16
N TYR A 1034 50.87 44.97 27.38
CA TYR A 1034 50.59 44.37 28.68
C TYR A 1034 51.82 43.63 29.16
N LEU A 1035 52.32 44.00 30.33
CA LEU A 1035 53.50 43.40 30.92
C LEU A 1035 53.09 42.38 31.96
N THR A 1036 53.70 41.19 31.92
CA THR A 1036 53.43 40.12 32.86
C THR A 1036 54.75 39.73 33.52
N LEU A 1037 54.86 40.02 34.81
CA LEU A 1037 55.99 39.57 35.63
C LEU A 1037 55.50 38.36 36.42
N VAL A 1038 56.05 37.19 36.12
CA VAL A 1038 55.52 35.94 36.64
C VAL A 1038 56.40 35.43 37.76
N LYS A 1039 55.81 34.62 38.64
CA LYS A 1039 56.52 33.94 39.71
C LYS A 1039 56.18 32.45 39.67
N ALA A 1040 57.08 31.65 40.19
CA ALA A 1040 56.90 30.20 40.21
C ALA A 1040 55.79 29.79 41.18
N VAL A 1073 58.90 40.81 43.87
CA VAL A 1073 57.86 40.85 44.90
C VAL A 1073 57.61 42.29 45.31
N GLY A 1074 56.35 42.73 45.18
CA GLY A 1074 55.98 44.08 45.54
C GLY A 1074 55.51 44.90 44.36
N THR A 1075 54.20 45.14 44.30
CA THR A 1075 53.64 45.99 43.25
C THR A 1075 54.13 47.45 43.26
N PRO A 1076 54.14 48.19 44.39
CA PRO A 1076 54.42 49.63 44.27
C PRO A 1076 55.86 49.97 43.98
N GLN A 1077 56.82 49.13 44.36
CA GLN A 1077 58.22 49.42 44.03
C GLN A 1077 58.48 49.30 42.53
N LEU A 1078 57.94 48.25 41.90
CA LEU A 1078 58.08 48.12 40.45
C LEU A 1078 57.26 49.15 39.70
N LEU A 1079 56.08 49.51 40.23
CA LEU A 1079 55.30 50.58 39.64
C LEU A 1079 56.06 51.91 39.71
N ALA A 1080 56.72 52.18 40.84
CA ALA A 1080 57.56 53.36 40.96
C ALA A 1080 58.76 53.30 40.02
N LEU A 1081 59.35 52.11 39.83
CA LEU A 1081 60.50 51.99 38.93
C LEU A 1081 60.09 52.33 37.50
N VAL A 1082 58.95 51.81 37.06
CA VAL A 1082 58.39 52.20 35.77
C VAL A 1082 58.13 53.70 35.74
N GLN A 1083 57.60 54.25 36.84
CA GLN A 1083 57.27 55.67 36.91
C GLN A 1083 58.50 56.57 36.83
N HIS A 1084 59.64 56.17 37.39
CA HIS A 1084 60.84 56.96 37.09
C HIS A 1084 61.26 56.79 35.64
N TRP A 1085 61.10 55.59 35.06
CA TRP A 1085 61.50 55.47 33.66
C TRP A 1085 60.43 56.04 32.72
N VAL A 1086 59.24 55.46 32.72
CA VAL A 1086 58.14 55.98 31.91
C VAL A 1086 56.93 56.23 32.81
N PRO A 1087 56.61 57.48 33.13
CA PRO A 1087 55.49 57.76 34.05
C PRO A 1087 54.13 57.31 33.55
N GLY A 1088 53.95 57.13 32.24
CA GLY A 1088 52.73 56.54 31.74
C GLY A 1088 52.67 55.06 32.01
N ALA A 1089 51.80 54.64 32.93
CA ALA A 1089 51.72 53.25 33.34
C ALA A 1089 50.32 52.98 33.87
N ARG A 1090 50.00 51.69 34.00
CA ARG A 1090 48.69 51.26 34.48
C ARG A 1090 48.81 49.86 35.05
N LEU A 1091 48.49 49.71 36.33
CA LEU A 1091 48.53 48.42 37.00
C LEU A 1091 47.11 47.87 37.06
N VAL A 1092 46.86 46.78 36.34
CA VAL A 1092 45.51 46.25 36.23
C VAL A 1092 45.35 44.97 37.06
N GLU A 1093 46.39 44.13 37.12
CA GLU A 1093 46.22 42.84 37.78
C GLU A 1093 47.39 42.57 38.72
N GLU A 1094 47.06 42.21 39.95
CA GLU A 1094 48.05 41.91 40.99
C GLU A 1094 47.73 40.57 41.65
N LEU A 1095 47.43 39.58 40.82
CA LEU A 1095 47.13 38.23 41.29
C LEU A 1095 48.40 37.53 41.76
N PRO A 1096 48.27 36.47 42.56
CA PRO A 1096 49.45 35.69 42.93
C PRO A 1096 50.15 35.08 41.72
N HIS A 1097 51.49 35.12 41.75
CA HIS A 1097 52.41 34.51 40.79
C HIS A 1097 52.30 35.08 39.38
N GLU A 1098 51.57 36.19 39.19
CA GLU A 1098 51.55 36.90 37.92
C GLU A 1098 51.08 38.33 38.17
N LEU A 1099 51.88 39.30 37.73
CA LEU A 1099 51.56 40.72 37.85
C LEU A 1099 51.42 41.28 36.45
N VAL A 1100 50.25 41.84 36.14
CA VAL A 1100 50.00 42.42 34.83
C VAL A 1100 49.88 43.92 34.97
N LEU A 1101 50.85 44.62 34.39
CA LEU A 1101 50.88 46.05 34.17
C LEU A 1101 50.40 46.36 32.76
N VAL A 1102 50.03 47.60 32.52
CA VAL A 1102 49.70 48.08 31.18
C VAL A 1102 50.58 49.28 30.86
N LEU A 1103 51.42 49.13 29.84
CA LEU A 1103 52.15 50.26 29.28
C LEU A 1103 51.34 50.83 28.13
N PRO A 1104 50.91 52.08 28.19
CA PRO A 1104 50.14 52.66 27.09
C PRO A 1104 51.02 52.91 25.88
N TYR A 1105 50.38 52.88 24.71
CA TYR A 1105 51.06 53.25 23.47
C TYR A 1105 51.31 54.75 23.38
N THR A 1106 50.63 55.55 24.21
CA THR A 1106 50.88 56.98 24.30
C THR A 1106 52.30 57.21 24.82
N GLY A 1107 53.16 57.75 23.96
CA GLY A 1107 54.57 57.81 24.27
C GLY A 1107 55.28 56.57 23.81
N ALA A 1108 55.11 56.21 22.55
CA ALA A 1108 55.69 54.99 21.98
C ALA A 1108 57.14 55.24 21.55
N HIS A 1109 57.97 55.53 22.54
CA HIS A 1109 59.40 55.74 22.33
C HIS A 1109 60.14 54.44 22.68
N ASP A 1110 60.68 53.77 21.67
CA ASP A 1110 61.40 52.53 21.87
C ASP A 1110 62.67 52.72 22.69
N GLY A 1111 63.30 53.90 22.60
CA GLY A 1111 64.43 54.20 23.46
C GLY A 1111 64.04 54.28 24.93
N SER A 1112 62.87 54.86 25.23
CA SER A 1112 62.38 54.90 26.59
C SER A 1112 62.10 53.50 27.14
N PHE A 1113 61.51 52.63 26.31
CA PHE A 1113 61.28 51.25 26.73
C PHE A 1113 62.59 50.51 26.93
N ALA A 1114 63.59 50.80 26.09
CA ALA A 1114 64.90 50.16 26.24
C ALA A 1114 65.59 50.61 27.54
N THR A 1115 65.54 51.91 27.84
CA THR A 1115 66.15 52.38 29.07
C THR A 1115 65.37 51.94 30.31
N LEU A 1116 64.07 51.67 30.18
CA LEU A 1116 63.34 51.04 31.27
C LEU A 1116 63.76 49.59 31.45
N PHE A 1117 63.85 48.84 30.34
CA PHE A 1117 64.14 47.42 30.42
C PHE A 1117 65.59 47.12 30.75
N ARG A 1118 66.51 48.08 30.59
CA ARG A 1118 67.87 47.88 31.08
C ARG A 1118 67.88 47.75 32.60
N GLU A 1119 67.25 48.71 33.29
CA GLU A 1119 67.13 48.62 34.74
C GLU A 1119 66.25 47.44 35.17
N LEU A 1120 65.23 47.12 34.37
CA LEU A 1120 64.42 45.94 34.68
C LEU A 1120 65.22 44.65 34.55
N ASP A 1121 66.12 44.57 33.56
CA ASP A 1121 66.99 43.41 33.43
C ASP A 1121 67.98 43.32 34.59
N THR A 1122 68.54 44.45 35.02
CA THR A 1122 69.43 44.44 36.17
C THR A 1122 68.70 44.18 37.48
N ARG A 1123 67.38 44.40 37.54
CA ARG A 1123 66.62 44.21 38.76
C ARG A 1123 65.88 42.87 38.82
N LEU A 1124 65.65 42.21 37.67
CA LEU A 1124 64.82 41.02 37.62
C LEU A 1124 65.43 39.82 38.36
N ALA A 1125 66.76 39.74 38.45
CA ALA A 1125 67.37 38.62 39.15
C ALA A 1125 67.13 38.72 40.65
N GLU A 1126 67.14 39.94 41.20
CA GLU A 1126 66.94 40.16 42.63
C GLU A 1126 65.51 40.59 42.97
N LEU A 1127 64.62 40.62 41.99
CA LEU A 1127 63.23 41.01 42.21
C LEU A 1127 62.36 39.86 42.70
N ARG A 1128 62.93 38.66 42.86
CA ARG A 1128 62.22 37.45 43.28
C ARG A 1128 61.05 37.13 42.34
N LEU A 1129 61.27 37.32 41.04
CA LEU A 1129 60.30 36.97 40.02
C LEU A 1129 60.82 35.90 39.07
N THR A 1130 62.02 36.11 38.50
CA THR A 1130 62.68 35.20 37.57
C THR A 1130 61.78 34.85 36.38
N GLY A 1131 61.19 35.88 35.78
CA GLY A 1131 60.32 35.69 34.64
C GLY A 1131 59.69 36.97 34.14
N TYR A 1132 59.53 37.07 32.82
CA TYR A 1132 58.92 38.25 32.21
C TYR A 1132 58.33 37.87 30.86
N GLY A 1133 57.24 38.52 30.50
CA GLY A 1133 56.65 38.37 29.18
C GLY A 1133 55.68 39.50 28.89
N ILE A 1134 55.85 40.16 27.75
CA ILE A 1134 55.12 41.41 27.47
C ILE A 1134 54.45 41.26 26.12
N SER A 1135 53.12 41.32 26.11
CA SER A 1135 52.35 41.19 24.89
C SER A 1135 52.00 42.56 24.33
N ASP A 1136 51.88 42.62 23.00
CA ASP A 1136 51.30 43.77 22.35
C ASP A 1136 49.77 43.59 22.35
N THR A 1137 49.06 44.52 21.72
CA THR A 1137 47.60 44.45 21.69
C THR A 1137 47.16 43.29 20.80
N SER A 1138 46.32 42.41 21.35
CA SER A 1138 45.80 41.31 20.57
C SER A 1138 44.60 41.77 19.73
N LEU A 1139 44.24 40.96 18.74
CA LEU A 1139 43.11 41.27 17.90
C LEU A 1139 41.78 41.10 18.63
N GLU A 1140 41.75 40.30 19.70
CA GLU A 1140 40.51 40.04 20.42
C GLU A 1140 39.99 41.30 21.12
N GLU A 1141 40.87 42.04 21.78
CA GLU A 1141 40.41 43.22 22.51
C GLU A 1141 40.07 44.38 21.58
N ILE A 1142 40.79 44.55 20.47
CA ILE A 1142 40.40 45.59 19.53
C ILE A 1142 39.10 45.20 18.81
N PHE A 1143 38.88 43.88 18.59
CA PHE A 1143 37.60 43.43 18.08
C PHE A 1143 36.47 43.72 19.05
N LEU A 1144 36.70 43.48 20.33
CA LEU A 1144 35.71 43.78 21.36
C LEU A 1144 35.48 45.28 21.51
N LYS A 1145 36.49 46.09 21.18
CA LYS A 1145 36.31 47.54 21.20
C LYS A 1145 35.47 48.01 20.01
N VAL A 1146 35.69 47.42 18.83
CA VAL A 1146 35.02 47.90 17.62
C VAL A 1146 33.69 47.23 17.35
N VAL A 1147 33.34 46.17 18.09
CA VAL A 1147 32.07 45.50 17.81
C VAL A 1147 30.88 46.36 18.22
N GLU A 1148 30.99 47.07 19.35
CA GLU A 1148 29.87 47.88 19.84
C GLU A 1148 29.72 49.20 19.09
N GLU A 1149 30.73 49.61 18.32
CA GLU A 1149 30.61 50.87 17.58
C GLU A 1149 29.65 50.74 16.41
N CYS A 1150 29.59 49.59 15.77
CA CYS A 1150 28.66 49.37 14.67
C CYS A 1150 27.26 49.08 15.20
N TRP A 1214 12.37 9.26 48.01
CA TRP A 1214 11.00 9.06 47.55
C TRP A 1214 10.48 10.32 46.86
N ALA A 1215 10.56 11.45 47.55
CA ALA A 1215 10.09 12.72 46.99
C ALA A 1215 10.99 13.20 45.87
N LEU A 1216 12.29 12.95 45.97
CA LEU A 1216 13.21 13.31 44.88
C LEU A 1216 12.92 12.53 43.62
N THR A 1217 12.66 11.22 43.75
CA THR A 1217 12.20 10.45 42.60
C THR A 1217 10.88 10.97 42.07
N ARG A 1218 9.99 11.41 42.96
CA ARG A 1218 8.69 11.95 42.53
C ARG A 1218 8.86 13.21 41.70
N GLN A 1219 9.75 14.12 42.11
CA GLN A 1219 9.97 15.29 41.27
C GLN A 1219 10.76 14.97 40.01
N GLN A 1220 11.54 13.88 40.00
CA GLN A 1220 12.07 13.39 38.74
C GLN A 1220 10.95 12.97 37.79
N LEU A 1221 9.93 12.29 38.31
CA LEU A 1221 8.77 11.93 37.47
C LEU A 1221 8.02 13.17 37.01
N GLN A 1222 7.88 14.18 37.88
CA GLN A 1222 7.23 15.43 37.49
C GLN A 1222 7.99 16.11 36.35
N ALA A 1223 9.32 16.17 36.47
CA ALA A 1223 10.14 16.77 35.41
C ALA A 1223 10.02 16.00 34.12
N LEU A 1224 10.03 14.66 34.18
CA LEU A 1224 9.91 13.85 32.98
C LEU A 1224 8.56 14.03 32.30
N LEU A 1225 7.47 14.00 33.08
CA LEU A 1225 6.14 14.14 32.49
C LEU A 1225 5.93 15.54 31.92
N LEU A 1226 6.40 16.57 32.62
CA LEU A 1226 6.22 17.92 32.11
C LEU A 1226 7.10 18.21 30.90
N LYS A 1227 8.34 17.67 30.88
CA LYS A 1227 9.16 17.84 29.70
C LYS A 1227 8.51 17.16 28.51
N ARG A 1228 8.04 15.91 28.65
CA ARG A 1228 7.38 15.23 27.54
C ARG A 1228 6.09 15.94 27.12
N PHE A 1229 5.36 16.52 28.09
CA PHE A 1229 4.15 17.28 27.78
C PHE A 1229 4.47 18.49 26.92
N LEU A 1230 5.52 19.23 27.25
CA LEU A 1230 5.89 20.37 26.43
C LEU A 1230 6.49 19.94 25.09
N LEU A 1231 7.12 18.76 25.02
CA LEU A 1231 7.53 18.26 23.70
C LEU A 1231 6.33 17.98 22.82
N ALA A 1232 5.31 17.36 23.39
CA ALA A 1232 4.15 16.99 22.59
C ALA A 1232 3.37 18.22 22.16
N ARG A 1233 3.16 19.17 23.08
CA ARG A 1233 2.14 20.19 22.91
C ARG A 1233 2.43 21.21 21.81
N ARG A 1234 3.67 21.28 21.30
CA ARG A 1234 3.97 22.30 20.30
C ARG A 1234 3.83 21.77 18.87
N SER A 1235 4.21 20.52 18.62
CA SER A 1235 4.12 19.93 17.29
C SER A 1235 2.66 19.60 17.00
N ARG A 1236 1.92 20.62 16.57
CA ARG A 1236 0.46 20.52 16.45
C ARG A 1236 0.05 19.54 15.37
N ARG A 1237 0.56 19.70 14.14
CA ARG A 1237 0.09 18.87 13.04
C ARG A 1237 0.59 17.43 13.13
N GLY A 1238 1.75 17.19 13.76
CA GLY A 1238 2.21 15.82 13.93
C GLY A 1238 1.33 15.01 14.85
N LEU A 1239 0.98 15.56 16.02
CA LEU A 1239 0.05 14.87 16.92
C LEU A 1239 -1.34 14.83 16.31
N PHE A 1240 -1.72 15.88 15.57
CA PHE A 1240 -3.02 15.89 14.88
C PHE A 1240 -3.12 14.73 13.90
N ALA A 1241 -2.11 14.52 13.06
CA ALA A 1241 -2.10 13.35 12.19
C ALA A 1241 -2.11 12.07 13.01
N GLN A 1242 -1.06 11.85 13.80
CA GLN A 1242 -0.84 10.57 14.48
C GLN A 1242 -1.89 10.22 15.54
N ILE A 1243 -2.81 11.13 15.86
CA ILE A 1243 -3.94 10.82 16.75
C ILE A 1243 -5.26 10.77 15.98
N VAL A 1244 -5.57 11.82 15.21
CA VAL A 1244 -6.84 11.88 14.51
C VAL A 1244 -7.01 10.86 13.38
N LEU A 1245 -5.95 10.56 12.59
CA LEU A 1245 -6.15 9.66 11.46
C LEU A 1245 -6.54 8.23 11.85
N PRO A 1246 -5.92 7.56 12.84
CA PRO A 1246 -6.35 6.18 13.10
C PRO A 1246 -7.70 6.07 13.81
N ALA A 1247 -7.91 6.90 14.84
CA ALA A 1247 -9.12 6.82 15.65
C ALA A 1247 -10.37 7.19 14.87
N LEU A 1248 -10.28 8.16 13.96
CA LEU A 1248 -11.38 8.44 13.05
C LEU A 1248 -11.36 7.57 11.81
N PHE A 1249 -10.20 6.95 11.50
CA PHE A 1249 -10.12 6.06 10.36
C PHE A 1249 -10.90 4.78 10.59
N VAL A 1250 -10.83 4.24 11.81
CA VAL A 1250 -11.64 3.07 12.17
C VAL A 1250 -13.12 3.39 12.05
N GLY A 1251 -13.53 4.55 12.57
CA GLY A 1251 -14.92 4.94 12.50
C GLY A 1251 -15.41 5.16 11.08
N LEU A 1252 -14.60 5.82 10.26
CA LEU A 1252 -14.98 6.05 8.86
C LEU A 1252 -15.04 4.74 8.08
N ALA A 1253 -14.10 3.83 8.32
CA ALA A 1253 -14.10 2.55 7.64
C ALA A 1253 -15.32 1.71 8.03
N LEU A 1254 -15.68 1.72 9.32
CA LEU A 1254 -16.88 0.99 9.74
C LEU A 1254 -18.16 1.65 9.23
N VAL A 1255 -18.21 2.99 9.19
CA VAL A 1255 -19.44 3.66 8.80
C VAL A 1255 -19.62 3.71 7.28
N PHE A 1256 -18.56 3.49 6.51
CA PHE A 1256 -18.68 3.46 5.06
C PHE A 1256 -18.37 2.07 4.49
N SER A 1257 -18.18 1.07 5.34
CA SER A 1257 -17.95 -0.31 4.91
C SER A 1257 -19.21 -1.14 5.07
N LEU A 1258 -20.38 -0.51 4.93
CA LEU A 1258 -21.66 -1.20 4.94
C LEU A 1258 -22.11 -1.63 3.55
N ILE A 1259 -21.25 -1.46 2.54
CA ILE A 1259 -21.56 -1.92 1.19
C ILE A 1259 -21.54 -3.45 1.10
N VAL A 1260 -20.89 -4.13 2.03
CA VAL A 1260 -20.95 -5.59 2.09
C VAL A 1260 -22.36 -6.02 2.47
N PRO A 1261 -23.01 -6.89 1.72
CA PRO A 1261 -24.42 -7.23 1.99
C PRO A 1261 -24.57 -7.99 3.29
N PRO A 1262 -25.58 -7.65 4.09
CA PRO A 1262 -25.81 -8.37 5.36
C PRO A 1262 -26.35 -9.76 5.10
N PHE A 1263 -25.57 -10.77 5.48
CA PHE A 1263 -25.98 -12.16 5.31
C PHE A 1263 -27.08 -12.50 6.31
N GLY A 1264 -28.03 -13.32 5.86
CA GLY A 1264 -29.14 -13.71 6.71
C GLY A 1264 -30.32 -14.23 5.94
N HIS A 1265 -31.51 -13.70 6.24
CA HIS A 1265 -32.73 -14.11 5.56
C HIS A 1265 -32.71 -13.68 4.10
N TYR A 1266 -33.47 -14.41 3.29
CA TYR A 1266 -33.58 -14.07 1.88
C TYR A 1266 -34.97 -13.52 1.58
N PRO A 1267 -35.05 -12.39 0.90
CA PRO A 1267 -36.35 -11.74 0.70
C PRO A 1267 -37.22 -12.47 -0.30
N ALA A 1268 -38.53 -12.26 -0.15
CA ALA A 1268 -39.47 -12.69 -1.16
C ALA A 1268 -39.28 -11.87 -2.43
N LEU A 1269 -39.53 -12.50 -3.57
CA LEU A 1269 -39.29 -11.89 -4.86
C LEU A 1269 -40.54 -12.00 -5.72
N ARG A 1270 -40.98 -10.89 -6.29
CA ARG A 1270 -42.02 -10.94 -7.30
C ARG A 1270 -41.46 -11.57 -8.56
N LEU A 1271 -42.30 -12.33 -9.26
CA LEU A 1271 -41.87 -13.06 -10.44
C LEU A 1271 -42.62 -12.55 -11.66
N SER A 1272 -41.89 -11.87 -12.55
CA SER A 1272 -42.36 -11.43 -13.84
C SER A 1272 -41.14 -11.04 -14.66
N PRO A 1273 -41.25 -10.97 -15.99
CA PRO A 1273 -40.15 -10.41 -16.78
C PRO A 1273 -40.01 -8.90 -16.63
N THR A 1274 -40.97 -8.23 -16.01
CA THR A 1274 -40.92 -6.79 -15.84
C THR A 1274 -39.89 -6.34 -14.80
N MET A 1275 -39.33 -7.27 -14.02
CA MET A 1275 -38.32 -6.87 -13.05
C MET A 1275 -36.93 -6.80 -13.66
N TYR A 1276 -36.78 -7.19 -14.92
CA TYR A 1276 -35.48 -7.12 -15.59
C TYR A 1276 -35.27 -5.80 -16.32
N GLY A 1277 -36.23 -4.89 -16.27
CA GLY A 1277 -36.12 -3.64 -17.00
C GLY A 1277 -36.48 -3.81 -18.46
N ALA A 1278 -36.00 -2.89 -19.27
CA ALA A 1278 -36.23 -2.94 -20.71
C ALA A 1278 -35.48 -4.10 -21.33
N GLN A 1279 -36.13 -4.79 -22.26
CA GLN A 1279 -35.58 -6.00 -22.86
C GLN A 1279 -36.25 -6.23 -24.20
N VAL A 1280 -35.87 -7.32 -24.87
CA VAL A 1280 -36.55 -7.72 -26.10
C VAL A 1280 -37.11 -9.12 -25.88
N SER A 1281 -38.09 -9.47 -26.71
CA SER A 1281 -38.71 -10.79 -26.68
C SER A 1281 -39.31 -11.04 -28.05
N PHE A 1282 -39.64 -12.31 -28.31
CA PHE A 1282 -40.15 -12.69 -29.62
C PHE A 1282 -41.22 -13.76 -29.45
N PHE A 1283 -42.09 -13.89 -30.46
CA PHE A 1283 -43.24 -14.78 -30.34
C PHE A 1283 -43.46 -15.66 -31.57
N SER A 1284 -42.38 -16.12 -32.21
CA SER A 1284 -42.44 -16.75 -33.54
C SER A 1284 -43.39 -17.94 -33.60
N GLU A 1285 -44.49 -17.77 -34.32
CA GLU A 1285 -45.59 -18.72 -34.31
C GLU A 1285 -45.55 -19.60 -35.54
N ASP A 1286 -46.10 -20.80 -35.41
CA ASP A 1286 -46.13 -21.80 -36.47
C ASP A 1286 -47.53 -22.36 -36.60
N ALA A 1287 -47.97 -22.56 -37.85
CA ALA A 1287 -49.30 -23.04 -38.22
C ALA A 1287 -50.39 -22.20 -37.56
N PRO A 1288 -50.61 -20.96 -38.03
CA PRO A 1288 -51.53 -20.06 -37.33
C PRO A 1288 -52.99 -20.27 -37.67
N GLY A 1289 -53.32 -21.40 -38.30
CA GLY A 1289 -54.68 -21.65 -38.70
C GLY A 1289 -55.59 -22.12 -37.59
N ASP A 1290 -55.83 -21.26 -36.60
CA ASP A 1290 -56.75 -21.49 -35.48
C ASP A 1290 -57.13 -20.16 -34.85
N PRO A 1291 -58.37 -20.02 -34.38
CA PRO A 1291 -58.76 -18.78 -33.68
C PRO A 1291 -58.23 -18.74 -32.26
N GLY A 1292 -58.10 -19.91 -31.63
CA GLY A 1292 -57.56 -19.98 -30.29
C GLY A 1292 -56.10 -19.58 -30.20
N ARG A 1293 -55.29 -19.98 -31.19
CA ARG A 1293 -53.90 -19.55 -31.21
C ARG A 1293 -53.79 -18.04 -31.40
N ALA A 1294 -54.66 -17.46 -32.23
CA ALA A 1294 -54.69 -16.00 -32.38
C ALA A 1294 -55.11 -15.32 -31.08
N ARG A 1295 -56.07 -15.89 -30.36
CA ARG A 1295 -56.48 -15.34 -29.07
C ARG A 1295 -55.34 -15.40 -28.06
N LEU A 1296 -54.62 -16.52 -28.02
CA LEU A 1296 -53.48 -16.65 -27.13
C LEU A 1296 -52.37 -15.68 -27.49
N LEU A 1297 -52.13 -15.48 -28.79
CA LEU A 1297 -51.12 -14.53 -29.23
C LEU A 1297 -51.51 -13.10 -28.84
N GLU A 1298 -52.79 -12.75 -29.01
CA GLU A 1298 -53.26 -11.42 -28.61
C GLU A 1298 -53.14 -11.22 -27.11
N ALA A 1299 -53.46 -12.25 -26.32
CA ALA A 1299 -53.30 -12.16 -24.87
C ALA A 1299 -51.84 -12.01 -24.48
N LEU A 1300 -50.94 -12.73 -25.16
CA LEU A 1300 -49.51 -12.60 -24.92
C LEU A 1300 -49.01 -11.21 -25.24
N LEU A 1301 -49.49 -10.61 -26.33
CA LEU A 1301 -49.13 -9.25 -26.69
C LEU A 1301 -49.65 -8.25 -25.66
N GLN A 1302 -50.89 -8.45 -25.22
CA GLN A 1302 -51.48 -7.53 -24.24
C GLN A 1302 -50.80 -7.63 -22.89
N GLU A 1303 -50.31 -8.83 -22.53
CA GLU A 1303 -49.52 -8.98 -21.33
C GLU A 1303 -48.10 -8.44 -21.50
N ALA A 1304 -47.64 -8.29 -22.73
CA ALA A 1304 -46.28 -7.84 -23.01
C ALA A 1304 -46.10 -6.33 -22.87
N GLY A 1305 -47.04 -5.63 -22.23
CA GLY A 1305 -46.96 -4.20 -22.08
C GLY A 1305 -47.42 -3.43 -23.30
N LEU A 1306 -47.86 -4.10 -24.35
CA LEU A 1306 -48.27 -3.44 -25.59
C LEU A 1306 -49.77 -3.19 -25.53
N GLU A 1307 -50.16 -1.93 -25.72
CA GLU A 1307 -51.58 -1.60 -25.82
C GLU A 1307 -52.15 -2.16 -27.12
N GLU A 1308 -53.28 -2.83 -27.02
CA GLU A 1308 -53.94 -3.33 -28.22
C GLU A 1308 -54.50 -2.17 -29.01
N PRO A 1309 -54.05 -1.94 -30.25
CA PRO A 1309 -54.45 -0.73 -30.97
C PRO A 1309 -55.69 -0.98 -31.80
N PRO A 1310 -56.30 0.07 -32.34
CA PRO A 1310 -57.30 -0.12 -33.39
C PRO A 1310 -56.68 -0.75 -34.62
N VAL A 1311 -57.53 -1.45 -35.39
CA VAL A 1311 -57.05 -2.27 -36.50
C VAL A 1311 -56.41 -1.42 -37.59
N GLN A 1312 -56.89 -0.19 -37.80
CA GLN A 1312 -56.27 0.70 -38.77
C GLN A 1312 -54.86 1.11 -38.37
N HIS A 1313 -54.53 1.07 -37.08
CA HIS A 1313 -53.17 1.25 -36.61
C HIS A 1313 -52.49 -0.06 -36.23
N SER A 1314 -53.27 -1.13 -36.03
CA SER A 1314 -52.70 -2.45 -35.81
C SER A 1314 -52.20 -3.10 -37.09
N SER A 1315 -52.63 -2.61 -38.26
CA SER A 1315 -52.07 -3.09 -39.52
C SER A 1315 -50.59 -2.75 -39.63
N HIS A 1316 -50.20 -1.57 -39.14
CA HIS A 1316 -48.80 -1.21 -39.05
C HIS A 1316 -48.43 -0.97 -37.59
N ARG A 1317 -48.88 -1.87 -36.71
CA ARG A 1317 -48.51 -1.79 -35.30
C ARG A 1317 -47.01 -1.96 -35.11
N PHE A 1318 -46.41 -2.88 -35.87
CA PHE A 1318 -44.97 -3.06 -35.87
C PHE A 1318 -44.30 -2.02 -36.76
N SER A 1319 -43.02 -1.79 -36.50
CA SER A 1319 -42.21 -0.85 -37.28
C SER A 1319 -40.88 -1.53 -37.58
N ALA A 1320 -40.76 -2.08 -38.79
CA ALA A 1320 -39.55 -2.76 -39.18
C ALA A 1320 -38.40 -1.77 -39.32
N PRO A 1321 -37.22 -2.06 -38.81
CA PRO A 1321 -36.10 -1.13 -38.91
C PRO A 1321 -35.44 -1.22 -40.28
N GLU A 1322 -34.52 -0.29 -40.53
CA GLU A 1322 -33.85 -0.22 -41.81
C GLU A 1322 -32.85 -1.37 -41.97
N VAL A 1323 -32.78 -1.94 -43.16
CA VAL A 1323 -31.78 -2.94 -43.50
C VAL A 1323 -30.64 -2.24 -44.21
N PRO A 1324 -29.38 -2.50 -43.83
CA PRO A 1324 -28.23 -1.89 -44.53
C PRO A 1324 -28.17 -2.38 -45.97
N ALA A 1325 -28.22 -1.43 -46.91
CA ALA A 1325 -28.31 -1.77 -48.33
C ALA A 1325 -27.05 -2.44 -48.84
N GLU A 1326 -25.88 -2.05 -48.34
CA GLU A 1326 -24.63 -2.72 -48.69
C GLU A 1326 -24.53 -4.11 -48.09
N VAL A 1327 -25.39 -4.44 -47.13
CA VAL A 1327 -25.47 -5.77 -46.54
C VAL A 1327 -26.66 -6.48 -47.18
N ALA A 1328 -27.68 -5.70 -47.57
CA ALA A 1328 -28.79 -6.26 -48.32
C ALA A 1328 -28.35 -6.79 -49.67
N LYS A 1329 -27.38 -6.14 -50.31
CA LYS A 1329 -26.82 -6.67 -51.55
C LYS A 1329 -25.99 -7.94 -51.31
N VAL A 1330 -25.41 -8.09 -50.12
CA VAL A 1330 -24.73 -9.35 -49.79
C VAL A 1330 -25.76 -10.46 -49.59
N LEU A 1331 -26.87 -10.14 -48.94
CA LEU A 1331 -27.95 -11.10 -48.76
C LEU A 1331 -28.57 -11.51 -50.09
N ALA A 1332 -28.74 -10.54 -51.01
CA ALA A 1332 -29.27 -10.86 -52.33
C ALA A 1332 -28.26 -11.61 -53.19
N SER A 1333 -26.97 -11.30 -53.03
CA SER A 1333 -25.94 -12.03 -53.76
C SER A 1333 -25.89 -13.49 -53.33
N GLY A 1334 -25.99 -13.75 -52.04
CA GLY A 1334 -26.13 -15.11 -51.56
C GLY A 1334 -27.51 -15.67 -51.84
N ASN A 1335 -27.59 -17.00 -51.81
CA ASN A 1335 -28.86 -17.69 -52.02
C ASN A 1335 -29.62 -17.76 -50.70
N TRP A 1336 -30.22 -16.61 -50.35
CA TRP A 1336 -30.84 -16.43 -49.05
C TRP A 1336 -32.36 -16.39 -49.17
N THR A 1337 -33.03 -17.14 -48.31
CA THR A 1337 -34.43 -17.02 -47.98
C THR A 1337 -34.52 -16.96 -46.46
N PRO A 1338 -35.57 -16.36 -45.89
CA PRO A 1338 -35.66 -16.24 -44.42
C PRO A 1338 -35.65 -17.57 -43.64
N GLU A 1339 -35.67 -18.72 -44.31
CA GLU A 1339 -35.46 -20.00 -43.64
C GLU A 1339 -34.06 -20.56 -43.88
N SER A 1340 -33.29 -20.01 -44.81
CA SER A 1340 -31.92 -20.43 -45.03
C SER A 1340 -31.03 -19.99 -43.87
N PRO A 1341 -29.94 -20.72 -43.61
CA PRO A 1341 -29.02 -20.31 -42.56
C PRO A 1341 -28.32 -18.99 -42.87
N SER A 1342 -27.91 -18.30 -41.81
CA SER A 1342 -27.04 -17.15 -41.95
C SER A 1342 -25.70 -17.59 -42.54
N PRO A 1343 -25.01 -16.72 -43.32
CA PRO A 1343 -23.87 -17.18 -44.13
C PRO A 1343 -22.70 -17.76 -43.33
N ALA A 1344 -22.12 -16.96 -42.43
CA ALA A 1344 -20.96 -17.40 -41.67
C ALA A 1344 -20.73 -16.46 -40.51
N CYS A 1345 -19.93 -16.93 -39.55
CA CYS A 1345 -19.41 -16.10 -38.48
C CYS A 1345 -18.05 -16.64 -38.09
N GLN A 1346 -17.03 -15.79 -38.14
CA GLN A 1346 -15.65 -16.20 -37.97
C GLN A 1346 -15.40 -16.57 -36.51
N CYS A 1347 -15.19 -17.86 -36.26
CA CYS A 1347 -14.98 -18.35 -34.91
C CYS A 1347 -13.50 -18.15 -34.52
N SER A 1348 -13.10 -18.74 -33.40
CA SER A 1348 -11.73 -18.62 -32.93
C SER A 1348 -10.83 -19.50 -33.78
N ARG A 1349 -9.98 -18.88 -34.59
CA ARG A 1349 -9.06 -19.62 -35.44
C ARG A 1349 -7.97 -20.28 -34.59
N PRO A 1350 -7.42 -21.40 -35.05
CA PRO A 1350 -6.25 -21.97 -34.36
C PRO A 1350 -5.03 -21.08 -34.53
N GLY A 1351 -4.62 -20.44 -33.44
CA GLY A 1351 -3.61 -19.40 -33.48
C GLY A 1351 -4.15 -18.00 -33.31
N ALA A 1352 -5.47 -17.83 -33.28
CA ALA A 1352 -6.08 -16.52 -33.03
C ALA A 1352 -7.42 -16.77 -32.35
N ARG A 1353 -7.44 -16.68 -31.02
CA ARG A 1353 -8.62 -17.00 -30.23
C ARG A 1353 -9.39 -15.73 -29.91
N ARG A 1354 -10.70 -15.77 -30.13
CA ARG A 1354 -11.59 -14.68 -29.79
C ARG A 1354 -12.53 -15.12 -28.68
N LEU A 1355 -13.34 -14.18 -28.18
CA LEU A 1355 -14.33 -14.53 -27.17
C LEU A 1355 -15.66 -14.90 -27.81
N LEU A 1356 -16.26 -13.95 -28.50
CA LEU A 1356 -17.47 -14.17 -29.25
C LEU A 1356 -17.16 -13.95 -30.72
N PRO A 1357 -17.67 -14.81 -31.60
CA PRO A 1357 -17.24 -14.80 -32.99
C PRO A 1357 -17.67 -13.54 -33.73
N ASP A 1358 -16.83 -13.15 -34.68
CA ASP A 1358 -16.98 -11.89 -35.40
C ASP A 1358 -17.70 -12.11 -36.71
N CYS A 1359 -18.81 -11.38 -36.92
CA CYS A 1359 -19.52 -11.43 -38.19
C CYS A 1359 -20.32 -10.15 -38.35
N PRO A 1360 -20.46 -9.62 -39.56
CA PRO A 1360 -21.27 -8.41 -39.76
C PRO A 1360 -22.75 -8.72 -39.80
N ALA A 1361 -23.56 -7.73 -40.17
CA ALA A 1361 -25.02 -7.85 -40.20
C ALA A 1361 -25.52 -8.84 -41.24
N ALA A 1362 -24.66 -9.31 -42.14
CA ALA A 1362 -25.06 -10.38 -43.06
C ALA A 1362 -25.42 -11.64 -42.30
N ALA A 1363 -24.63 -11.99 -41.28
CA ALA A 1363 -25.02 -13.03 -40.35
C ALA A 1363 -26.16 -12.55 -39.47
N GLY A 1364 -26.97 -13.49 -39.01
CA GLY A 1364 -28.15 -13.14 -38.25
C GLY A 1364 -29.33 -12.72 -39.09
N GLY A 1365 -29.24 -12.81 -40.41
CA GLY A 1365 -30.34 -12.50 -41.29
C GLY A 1365 -30.65 -11.02 -41.32
N PRO A 1366 -31.78 -10.66 -41.94
CA PRO A 1366 -32.22 -9.27 -41.93
C PRO A 1366 -32.75 -8.88 -40.57
N PRO A 1367 -32.81 -7.60 -40.25
CA PRO A 1367 -33.41 -7.17 -38.99
C PRO A 1367 -34.91 -7.44 -39.01
N PRO A 1368 -35.38 -8.25 -38.06
CA PRO A 1368 -36.80 -8.64 -38.05
C PRO A 1368 -37.68 -7.48 -37.61
N PRO A 1369 -38.96 -7.50 -37.96
CA PRO A 1369 -39.86 -6.40 -37.56
C PRO A 1369 -40.03 -6.34 -36.06
N GLN A 1370 -40.32 -5.15 -35.56
CA GLN A 1370 -40.40 -4.95 -34.13
C GLN A 1370 -41.36 -3.81 -33.81
N ALA A 1371 -41.80 -3.78 -32.55
CA ALA A 1371 -42.64 -2.71 -32.04
C ALA A 1371 -42.21 -2.39 -30.61
N VAL A 1372 -42.53 -1.18 -30.18
CA VAL A 1372 -42.17 -0.71 -28.84
C VAL A 1372 -43.42 -0.70 -27.99
N THR A 1373 -43.24 -0.94 -26.70
CA THR A 1373 -44.32 -0.95 -25.72
C THR A 1373 -44.20 0.26 -24.79
N GLY A 1374 -45.24 0.44 -23.96
CA GLY A 1374 -45.20 1.51 -22.98
C GLY A 1374 -44.27 1.26 -21.82
N SER A 1375 -43.90 0.00 -21.59
CA SER A 1375 -43.02 -0.37 -20.49
C SER A 1375 -41.56 -0.46 -20.92
N GLY A 1376 -41.25 -0.12 -22.17
CA GLY A 1376 -39.89 -0.19 -22.67
C GLY A 1376 -39.48 -1.52 -23.26
N GLU A 1377 -40.35 -2.51 -23.23
CA GLU A 1377 -40.05 -3.79 -23.86
C GLU A 1377 -40.21 -3.69 -25.37
N VAL A 1378 -39.47 -4.52 -26.09
CA VAL A 1378 -39.56 -4.63 -27.54
C VAL A 1378 -39.99 -6.05 -27.86
N VAL A 1379 -40.94 -6.19 -28.78
CA VAL A 1379 -41.40 -7.50 -29.25
C VAL A 1379 -41.09 -7.62 -30.73
N GLN A 1380 -40.60 -8.79 -31.13
CA GLN A 1380 -40.08 -9.00 -32.47
C GLN A 1380 -40.77 -10.19 -33.11
N ASN A 1381 -41.55 -9.95 -34.16
CA ASN A 1381 -42.23 -11.02 -34.88
C ASN A 1381 -41.19 -11.80 -35.67
N LEU A 1382 -40.77 -12.94 -35.13
CA LEU A 1382 -39.70 -13.75 -35.71
C LEU A 1382 -40.24 -14.95 -36.48
N THR A 1383 -41.42 -14.84 -37.07
CA THR A 1383 -42.07 -16.01 -37.67
C THR A 1383 -41.31 -16.49 -38.91
N GLY A 1384 -41.20 -17.80 -39.03
CA GLY A 1384 -40.57 -18.41 -40.19
C GLY A 1384 -39.09 -18.14 -40.36
N ARG A 1385 -38.31 -18.32 -39.30
CA ARG A 1385 -36.86 -18.24 -39.38
C ARG A 1385 -36.26 -19.55 -38.88
N ASN A 1386 -34.93 -19.65 -38.95
CA ASN A 1386 -34.26 -20.82 -38.40
C ASN A 1386 -34.31 -20.83 -36.88
N LEU A 1387 -34.38 -19.64 -36.26
CA LEU A 1387 -34.63 -19.41 -34.83
C LEU A 1387 -33.48 -19.88 -33.94
N SER A 1388 -32.48 -20.52 -34.52
CA SER A 1388 -31.25 -20.88 -33.82
C SER A 1388 -30.01 -20.55 -34.62
N ASP A 1389 -30.13 -20.39 -35.94
CA ASP A 1389 -29.11 -19.71 -36.74
C ASP A 1389 -29.27 -18.21 -36.69
N PHE A 1390 -30.30 -17.71 -36.01
CA PHE A 1390 -30.46 -16.28 -35.76
C PHE A 1390 -29.89 -15.87 -34.41
N LEU A 1391 -30.36 -16.51 -33.33
CA LEU A 1391 -30.00 -16.10 -31.97
C LEU A 1391 -28.51 -16.26 -31.71
N VAL A 1392 -27.93 -17.36 -32.19
CA VAL A 1392 -26.49 -17.58 -32.05
C VAL A 1392 -25.71 -16.51 -32.79
N LYS A 1393 -26.15 -16.18 -33.99
CA LYS A 1393 -25.44 -15.19 -34.79
C LYS A 1393 -25.66 -13.77 -34.27
N THR A 1394 -26.86 -13.46 -33.78
CA THR A 1394 -27.17 -12.10 -33.37
C THR A 1394 -26.87 -11.83 -31.90
N TYR A 1395 -26.46 -12.85 -31.14
CA TYR A 1395 -26.24 -12.67 -29.70
C TYR A 1395 -25.15 -11.66 -29.33
N PRO A 1396 -23.91 -11.71 -29.88
CA PRO A 1396 -22.85 -10.86 -29.32
C PRO A 1396 -23.05 -9.37 -29.53
N ARG A 1397 -23.80 -8.95 -30.53
CA ARG A 1397 -23.98 -7.52 -30.76
C ARG A 1397 -24.87 -6.87 -29.73
N LEU A 1398 -25.69 -7.65 -29.00
CA LEU A 1398 -26.43 -7.11 -27.87
C LEU A 1398 -25.56 -6.99 -26.64
N VAL A 1399 -24.69 -7.96 -26.40
CA VAL A 1399 -23.77 -7.94 -25.25
C VAL A 1399 -22.69 -6.88 -25.42
N ARG A 1400 -22.36 -6.50 -26.66
CA ARG A 1400 -21.28 -5.56 -26.95
C ARG A 1400 -21.45 -4.20 -26.27
N GLN A 1401 -22.68 -3.82 -25.90
CA GLN A 1401 -22.87 -2.58 -25.16
C GLN A 1401 -22.37 -2.71 -23.72
N GLY A 1402 -22.69 -3.82 -23.05
CA GLY A 1402 -22.31 -4.05 -21.67
C GLY A 1402 -21.03 -4.83 -21.46
N LEU A 1403 -20.33 -5.19 -22.54
CA LEU A 1403 -19.07 -5.92 -22.45
C LEU A 1403 -17.93 -5.09 -21.87
N LYS A 1404 -18.13 -3.78 -21.68
CA LYS A 1404 -17.04 -2.87 -21.34
C LYS A 1404 -16.41 -3.21 -19.99
N THR A 1405 -17.22 -3.49 -18.97
CA THR A 1405 -16.70 -3.76 -17.65
C THR A 1405 -16.98 -5.16 -17.14
N LYS A 1406 -17.95 -5.87 -17.73
CA LYS A 1406 -18.27 -7.27 -17.41
C LYS A 1406 -18.61 -7.47 -15.94
N LYS A 1407 -19.24 -6.49 -15.29
CA LYS A 1407 -19.64 -6.64 -13.90
C LYS A 1407 -21.11 -7.00 -13.75
N TRP A 1408 -22.00 -6.12 -14.20
CA TRP A 1408 -23.44 -6.35 -14.17
C TRP A 1408 -23.95 -6.12 -15.59
N VAL A 1409 -23.85 -7.14 -16.42
CA VAL A 1409 -24.10 -6.97 -17.86
C VAL A 1409 -25.60 -7.05 -18.11
N ASN A 1410 -26.18 -5.91 -18.45
CA ASN A 1410 -27.60 -5.83 -18.79
C ASN A 1410 -27.81 -6.42 -20.18
N GLU A 1411 -28.21 -7.69 -20.23
CA GLU A 1411 -28.64 -8.26 -21.49
C GLU A 1411 -30.00 -7.68 -21.87
N VAL A 1412 -30.40 -7.92 -23.10
CA VAL A 1412 -31.69 -7.39 -23.54
C VAL A 1412 -32.58 -8.53 -24.02
N ARG A 1413 -32.00 -9.68 -24.27
CA ARG A 1413 -32.74 -10.84 -24.77
C ARG A 1413 -32.75 -11.91 -23.68
N TYR A 1414 -33.76 -11.84 -22.81
CA TYR A 1414 -33.84 -12.77 -21.68
C TYR A 1414 -34.79 -13.93 -21.91
N GLY A 1415 -35.84 -13.74 -22.71
CA GLY A 1415 -36.75 -14.82 -22.96
C GLY A 1415 -37.77 -14.53 -24.03
N GLY A 1416 -38.05 -15.54 -24.85
CA GLY A 1416 -39.02 -15.42 -25.91
C GLY A 1416 -40.03 -16.56 -25.94
N PHE A 1417 -40.89 -16.56 -26.95
CA PHE A 1417 -41.99 -17.50 -27.02
C PHE A 1417 -42.02 -18.15 -28.40
N SER A 1418 -42.82 -19.21 -28.49
CA SER A 1418 -43.19 -19.78 -29.79
C SER A 1418 -44.52 -20.49 -29.58
N LEU A 1419 -45.58 -19.95 -30.16
CA LEU A 1419 -46.90 -20.55 -30.09
C LEU A 1419 -46.96 -21.69 -31.11
N GLY A 1420 -46.29 -22.79 -30.74
CA GLY A 1420 -46.19 -23.92 -31.64
C GLY A 1420 -47.54 -24.58 -31.87
N GLY A 1421 -47.77 -24.98 -33.12
CA GLY A 1421 -49.03 -25.58 -33.48
C GLY A 1421 -49.08 -27.07 -33.23
N ARG A 1422 -49.57 -27.82 -34.21
CA ARG A 1422 -49.73 -29.26 -34.05
C ARG A 1422 -48.39 -29.97 -34.10
N ASP A 1423 -48.25 -30.99 -33.26
CA ASP A 1423 -47.15 -31.92 -33.39
C ASP A 1423 -47.29 -32.67 -34.71
N PRO A 1424 -46.25 -32.69 -35.56
CA PRO A 1424 -46.39 -33.36 -36.87
C PRO A 1424 -46.54 -34.87 -36.76
N GLY A 1425 -47.72 -35.36 -37.12
CA GLY A 1425 -48.03 -36.76 -37.03
C GLY A 1425 -49.51 -36.98 -36.91
N LEU A 1426 -49.96 -38.13 -37.43
CA LEU A 1426 -51.39 -38.44 -37.41
C LEU A 1426 -51.80 -38.90 -36.01
N PRO A 1427 -52.75 -38.22 -35.37
CA PRO A 1427 -53.22 -38.70 -34.06
C PRO A 1427 -54.04 -39.98 -34.16
N SER A 1428 -55.03 -39.97 -35.06
CA SER A 1428 -56.06 -41.01 -35.18
C SER A 1428 -56.81 -41.25 -33.88
N GLY A 1429 -56.80 -40.27 -32.97
CA GLY A 1429 -57.40 -40.42 -31.66
C GLY A 1429 -58.89 -40.23 -31.61
N GLN A 1430 -59.50 -39.75 -32.69
CA GLN A 1430 -60.96 -39.66 -32.74
C GLN A 1430 -61.58 -41.05 -32.83
N GLU A 1431 -61.07 -41.88 -33.74
CA GLU A 1431 -61.53 -43.25 -33.81
C GLU A 1431 -61.02 -44.08 -32.64
N LEU A 1432 -59.89 -43.69 -32.03
CA LEU A 1432 -59.47 -44.34 -30.79
C LEU A 1432 -60.43 -44.02 -29.66
N GLY A 1433 -60.92 -42.78 -29.59
CA GLY A 1433 -61.94 -42.44 -28.62
C GLY A 1433 -63.26 -43.15 -28.89
N ARG A 1434 -63.61 -43.31 -30.17
CA ARG A 1434 -64.79 -44.08 -30.53
C ARG A 1434 -64.65 -45.54 -30.09
N SER A 1435 -63.47 -46.14 -30.31
CA SER A 1435 -63.23 -47.51 -29.92
C SER A 1435 -63.24 -47.68 -28.41
N VAL A 1436 -62.64 -46.72 -27.68
CA VAL A 1436 -62.59 -46.86 -26.23
C VAL A 1436 -63.98 -46.60 -25.61
N GLU A 1437 -64.81 -45.75 -26.22
CA GLU A 1437 -66.19 -45.62 -25.76
C GLU A 1437 -67.02 -46.84 -26.11
N GLU A 1438 -66.77 -47.45 -27.27
CA GLU A 1438 -67.47 -48.68 -27.63
C GLU A 1438 -67.10 -49.81 -26.69
N LEU A 1439 -65.83 -49.88 -26.26
CA LEU A 1439 -65.42 -50.86 -25.27
C LEU A 1439 -65.98 -50.54 -23.89
N TRP A 1440 -66.14 -49.24 -23.57
CA TRP A 1440 -66.80 -48.85 -22.33
C TRP A 1440 -68.25 -49.33 -22.29
N ALA A 1441 -68.97 -49.16 -23.40
CA ALA A 1441 -70.38 -49.50 -23.46
C ALA A 1441 -70.63 -50.93 -23.93
N LEU A 1442 -69.59 -51.69 -24.25
CA LEU A 1442 -69.75 -53.03 -24.81
C LEU A 1442 -69.11 -54.12 -23.96
N LEU A 1443 -67.85 -53.93 -23.54
CA LEU A 1443 -67.10 -54.97 -22.84
C LEU A 1443 -67.21 -54.73 -21.34
N SER A 1444 -68.22 -55.36 -20.73
CA SER A 1444 -68.45 -55.43 -19.28
C SER A 1444 -68.45 -54.07 -18.61
N PRO A 1445 -69.48 -53.24 -18.79
CA PRO A 1445 -69.52 -51.94 -18.09
C PRO A 1445 -69.81 -52.14 -16.61
N LEU A 1446 -68.81 -51.87 -15.78
CA LEU A 1446 -68.95 -52.08 -14.35
C LEU A 1446 -69.84 -51.00 -13.74
N PRO A 1447 -70.90 -51.38 -13.00
CA PRO A 1447 -71.65 -50.36 -12.26
C PRO A 1447 -70.83 -49.66 -11.20
N GLY A 1448 -69.88 -50.35 -10.58
CA GLY A 1448 -69.00 -49.70 -9.62
C GLY A 1448 -68.01 -48.76 -10.27
N GLY A 1449 -67.68 -49.00 -11.53
CA GLY A 1449 -66.83 -48.09 -12.27
C GLY A 1449 -65.34 -48.29 -12.10
N ALA A 1450 -64.90 -49.48 -11.66
CA ALA A 1450 -63.47 -49.75 -11.57
C ALA A 1450 -62.84 -49.81 -12.96
N LEU A 1451 -63.43 -50.61 -13.85
CA LEU A 1451 -63.00 -50.57 -15.25
C LEU A 1451 -63.48 -49.29 -15.93
N ASP A 1452 -64.65 -48.81 -15.57
CA ASP A 1452 -65.28 -47.71 -16.29
C ASP A 1452 -64.56 -46.38 -16.10
N ARG A 1453 -64.06 -46.10 -14.89
CA ARG A 1453 -63.29 -44.87 -14.72
C ARG A 1453 -61.94 -44.94 -15.40
N VAL A 1454 -61.35 -46.13 -15.51
CA VAL A 1454 -60.11 -46.30 -16.28
C VAL A 1454 -60.39 -46.06 -17.76
N LEU A 1455 -61.49 -46.59 -18.27
CA LEU A 1455 -61.88 -46.37 -19.66
C LEU A 1455 -62.17 -44.91 -19.93
N LYS A 1456 -62.85 -44.23 -19.00
CA LYS A 1456 -63.16 -42.82 -19.17
C LYS A 1456 -61.91 -41.95 -19.05
N ASN A 1457 -60.93 -42.37 -18.26
CA ASN A 1457 -59.64 -41.67 -18.26
C ASN A 1457 -58.88 -41.92 -19.55
N LEU A 1458 -59.05 -43.10 -20.15
CA LEU A 1458 -58.46 -43.36 -21.46
C LEU A 1458 -59.12 -42.53 -22.56
N THR A 1459 -60.40 -42.18 -22.39
CA THR A 1459 -61.05 -41.27 -23.34
C THR A 1459 -60.35 -39.93 -23.38
N ALA A 1460 -59.97 -39.40 -22.21
CA ALA A 1460 -59.21 -38.16 -22.17
C ALA A 1460 -57.76 -38.36 -22.57
N TRP A 1461 -57.20 -39.54 -22.30
CA TRP A 1461 -55.84 -39.85 -22.72
C TRP A 1461 -55.71 -39.88 -24.24
N ALA A 1462 -56.76 -40.29 -24.94
CA ALA A 1462 -56.76 -40.34 -26.39
C ALA A 1462 -57.27 -39.05 -27.04
N HIS A 1463 -58.31 -38.44 -26.47
CA HIS A 1463 -58.91 -37.26 -27.09
C HIS A 1463 -58.06 -36.00 -26.87
N SER A 1464 -57.46 -35.85 -25.68
CA SER A 1464 -56.58 -34.73 -25.42
C SER A 1464 -55.15 -35.00 -25.86
N LEU A 1465 -54.88 -36.17 -26.45
CA LEU A 1465 -53.60 -36.46 -27.07
C LEU A 1465 -53.35 -35.63 -28.32
N ASP A 1466 -54.39 -35.00 -28.87
CA ASP A 1466 -54.20 -34.06 -29.97
C ASP A 1466 -53.35 -32.87 -29.53
N ALA A 1467 -53.61 -32.35 -28.33
CA ALA A 1467 -52.91 -31.20 -27.75
C ALA A 1467 -53.01 -29.99 -28.70
N GLN A 1468 -54.25 -29.50 -28.82
CA GLN A 1468 -54.65 -28.60 -29.90
C GLN A 1468 -53.82 -27.32 -29.98
N ASP A 1469 -53.20 -26.90 -28.89
CA ASP A 1469 -52.16 -25.89 -28.94
C ASP A 1469 -51.00 -26.29 -28.04
N SER A 1470 -49.83 -25.72 -28.31
CA SER A 1470 -48.66 -25.93 -27.48
C SER A 1470 -47.87 -24.63 -27.42
N LEU A 1471 -46.93 -24.57 -26.49
CA LEU A 1471 -46.13 -23.38 -26.28
C LEU A 1471 -44.70 -23.78 -26.00
N LYS A 1472 -43.77 -22.93 -26.42
CA LYS A 1472 -42.40 -23.02 -25.94
C LYS A 1472 -42.10 -21.81 -25.07
N ILE A 1473 -41.08 -21.95 -24.24
CA ILE A 1473 -40.58 -20.86 -23.43
C ILE A 1473 -39.07 -20.83 -23.63
N TRP A 1474 -38.59 -19.88 -24.42
CA TRP A 1474 -37.16 -19.72 -24.65
C TRP A 1474 -36.61 -18.91 -23.48
N PHE A 1475 -35.88 -19.56 -22.60
CA PHE A 1475 -35.30 -18.85 -21.47
C PHE A 1475 -33.82 -18.55 -21.74
N ASN A 1476 -33.28 -17.64 -20.95
CA ASN A 1476 -31.84 -17.46 -20.82
C ASN A 1476 -31.44 -17.80 -19.39
N ASN A 1477 -30.20 -18.23 -19.22
CA ASN A 1477 -29.74 -18.68 -17.92
C ASN A 1477 -28.73 -17.76 -17.27
N LYS A 1478 -28.17 -16.79 -18.00
CA LYS A 1478 -27.38 -15.76 -17.34
C LYS A 1478 -28.23 -14.92 -16.41
N GLY A 1479 -29.42 -14.53 -16.87
CA GLY A 1479 -30.46 -14.10 -15.96
C GLY A 1479 -30.92 -15.29 -15.13
N TRP A 1480 -30.87 -15.15 -13.81
CA TRP A 1480 -31.14 -16.28 -12.92
C TRP A 1480 -32.58 -16.73 -13.01
N HIS A 1481 -33.53 -15.79 -13.06
CA HIS A 1481 -34.93 -16.09 -12.85
C HIS A 1481 -35.75 -16.06 -14.13
N SER A 1482 -35.12 -16.15 -15.30
CA SER A 1482 -35.86 -15.99 -16.54
C SER A 1482 -36.84 -17.13 -16.79
N MET A 1483 -36.46 -18.35 -16.41
CA MET A 1483 -37.28 -19.54 -16.61
C MET A 1483 -38.66 -19.38 -16.00
N VAL A 1484 -38.71 -19.25 -14.68
CA VAL A 1484 -39.98 -19.29 -13.97
C VAL A 1484 -40.74 -17.97 -14.15
N ALA A 1485 -40.03 -16.87 -14.40
CA ALA A 1485 -40.74 -15.62 -14.70
C ALA A 1485 -41.48 -15.71 -16.02
N PHE A 1486 -40.84 -16.25 -17.06
CA PHE A 1486 -41.56 -16.39 -18.31
C PHE A 1486 -42.60 -17.50 -18.27
N VAL A 1487 -42.43 -18.51 -17.40
CA VAL A 1487 -43.48 -19.49 -17.18
C VAL A 1487 -44.72 -18.83 -16.57
N ASN A 1488 -44.51 -17.96 -15.57
CA ASN A 1488 -45.61 -17.21 -14.99
C ASN A 1488 -46.26 -16.28 -16.01
N ARG A 1489 -45.45 -15.67 -16.89
CA ARG A 1489 -46.00 -14.85 -17.95
C ARG A 1489 -46.86 -15.66 -18.91
N ALA A 1490 -46.41 -16.87 -19.27
CA ALA A 1490 -47.18 -17.73 -20.16
C ALA A 1490 -48.49 -18.11 -19.53
N SER A 1491 -48.47 -18.39 -18.23
CA SER A 1491 -49.71 -18.79 -17.59
C SER A 1491 -50.67 -17.62 -17.44
N ASN A 1492 -50.15 -16.42 -17.14
CA ASN A 1492 -50.98 -15.23 -17.17
C ASN A 1492 -51.56 -14.97 -18.55
N ALA A 1493 -50.79 -15.24 -19.60
CA ALA A 1493 -51.28 -15.09 -20.96
C ALA A 1493 -52.40 -16.08 -21.26
N ILE A 1494 -52.27 -17.31 -20.76
CA ILE A 1494 -53.34 -18.30 -20.92
C ILE A 1494 -54.61 -17.82 -20.22
N LEU A 1495 -54.47 -17.27 -19.01
CA LEU A 1495 -55.63 -16.75 -18.28
C LEU A 1495 -56.28 -15.59 -19.02
N ARG A 1496 -55.48 -14.69 -19.59
CA ARG A 1496 -56.03 -13.61 -20.40
C ARG A 1496 -56.67 -14.11 -21.68
N ALA A 1497 -56.17 -15.20 -22.26
CA ALA A 1497 -56.71 -15.72 -23.50
C ALA A 1497 -58.05 -16.41 -23.29
N HIS A 1498 -58.21 -17.13 -22.18
CA HIS A 1498 -59.44 -17.86 -21.93
C HIS A 1498 -60.48 -17.05 -21.15
N LEU A 1499 -60.47 -15.72 -21.28
CA LEU A 1499 -61.35 -14.94 -20.44
C LEU A 1499 -62.25 -14.04 -21.25
N PRO A 1500 -63.52 -13.87 -20.85
CA PRO A 1500 -64.38 -12.88 -21.49
C PRO A 1500 -64.02 -11.47 -21.05
N PRO A 1501 -64.37 -10.48 -21.87
CA PRO A 1501 -64.08 -9.07 -21.59
C PRO A 1501 -64.73 -8.62 -20.28
N GLY A 1502 -64.52 -7.36 -19.92
CA GLY A 1502 -65.08 -6.82 -18.68
C GLY A 1502 -64.02 -6.56 -17.63
N PRO A 1503 -64.46 -6.22 -16.41
CA PRO A 1503 -63.57 -5.95 -15.29
C PRO A 1503 -62.88 -7.22 -14.78
N ALA A 1504 -63.25 -8.36 -15.35
CA ALA A 1504 -62.67 -9.63 -14.96
C ALA A 1504 -61.31 -9.86 -15.62
N ARG A 1505 -61.09 -9.27 -16.80
CA ARG A 1505 -59.80 -9.44 -17.48
C ARG A 1505 -58.66 -8.81 -16.68
N HIS A 1506 -58.97 -7.80 -15.88
CA HIS A 1506 -58.01 -7.22 -14.95
C HIS A 1506 -58.34 -7.52 -13.50
N ALA A 1507 -59.51 -8.10 -13.23
CA ALA A 1507 -59.81 -8.66 -11.92
C ALA A 1507 -59.31 -10.08 -11.78
N HIS A 1508 -58.91 -10.73 -12.87
CA HIS A 1508 -58.28 -12.04 -12.82
C HIS A 1508 -56.82 -11.89 -13.22
N SER A 1509 -55.93 -12.02 -12.26
CA SER A 1509 -54.49 -12.06 -12.51
C SER A 1509 -53.87 -12.98 -11.48
N ILE A 1510 -52.70 -13.52 -11.79
CA ILE A 1510 -52.03 -14.30 -10.76
C ILE A 1510 -50.53 -14.02 -10.83
N THR A 1511 -49.96 -13.73 -9.68
CA THR A 1511 -48.58 -13.26 -9.54
C THR A 1511 -47.89 -14.17 -8.53
N THR A 1512 -47.16 -15.16 -9.05
CA THR A 1512 -46.42 -16.05 -8.18
C THR A 1512 -45.24 -15.33 -7.53
N LEU A 1513 -44.76 -15.89 -6.43
CA LEU A 1513 -43.61 -15.33 -5.74
C LEU A 1513 -42.55 -16.40 -5.54
N ASN A 1514 -41.52 -16.08 -4.76
CA ASN A 1514 -40.47 -17.04 -4.44
C ASN A 1514 -39.82 -16.58 -3.13
N HIS A 1515 -39.97 -17.38 -2.09
CA HIS A 1515 -39.45 -17.03 -0.78
C HIS A 1515 -39.13 -18.30 0.00
N PRO A 1516 -37.86 -18.65 0.14
CA PRO A 1516 -37.51 -19.91 0.81
C PRO A 1516 -37.72 -19.91 2.31
N LEU A 1517 -37.30 -20.99 2.98
CA LEU A 1517 -37.46 -21.14 4.41
C LEU A 1517 -36.61 -20.13 5.18
N ASN A 1518 -36.91 -20.01 6.47
CA ASN A 1518 -36.11 -19.15 7.34
C ASN A 1518 -34.68 -19.66 7.43
N LEU A 1519 -34.50 -20.81 8.09
CA LEU A 1519 -33.20 -21.44 8.29
C LEU A 1519 -33.45 -22.90 8.68
N THR A 1520 -32.41 -23.72 8.52
CA THR A 1520 -32.34 -25.02 9.19
C THR A 1520 -31.09 -25.04 10.07
N LYS A 1521 -30.77 -26.24 10.60
CA LYS A 1521 -29.81 -26.39 11.68
C LYS A 1521 -28.40 -25.96 11.25
N GLU A 1522 -27.91 -26.47 10.13
CA GLU A 1522 -26.61 -26.03 9.64
C GLU A 1522 -26.66 -24.63 9.04
N GLN A 1523 -27.82 -24.20 8.55
CA GLN A 1523 -27.88 -22.83 8.04
C GLN A 1523 -27.97 -21.78 9.14
N LEU A 1524 -28.20 -22.17 10.40
CA LEU A 1524 -27.95 -21.24 11.50
C LEU A 1524 -26.49 -20.81 11.51
N SER A 1525 -25.58 -21.78 11.49
CA SER A 1525 -24.17 -21.47 11.35
C SER A 1525 -23.86 -20.80 10.02
N GLU A 1526 -24.57 -21.18 8.95
CA GLU A 1526 -24.28 -20.57 7.66
C GLU A 1526 -24.63 -19.08 7.62
N GLY A 1527 -25.78 -18.70 8.18
CA GLY A 1527 -26.15 -17.32 8.27
C GLY A 1527 -25.51 -16.54 9.41
N ALA A 1528 -24.83 -17.22 10.33
CA ALA A 1528 -24.20 -16.50 11.43
C ALA A 1528 -22.69 -16.38 11.31
N LEU A 1529 -21.99 -17.41 10.85
CA LEU A 1529 -20.57 -17.55 11.10
C LEU A 1529 -19.70 -17.65 9.86
N MET A 1530 -20.08 -18.43 8.85
CA MET A 1530 -19.30 -18.54 7.61
C MET A 1530 -19.57 -17.48 6.54
N ALA A 1531 -20.18 -16.35 6.87
CA ALA A 1531 -20.13 -15.25 5.93
C ALA A 1531 -19.09 -14.25 6.39
N SER A 1532 -19.31 -13.68 7.58
CA SER A 1532 -18.35 -12.98 8.44
C SER A 1532 -17.32 -12.11 7.72
N SER A 1533 -17.76 -11.21 6.85
CA SER A 1533 -16.80 -10.34 6.17
C SER A 1533 -16.65 -9.00 6.87
N VAL A 1534 -17.76 -8.41 7.31
CA VAL A 1534 -17.73 -7.10 7.96
C VAL A 1534 -16.96 -7.17 9.28
N ASP A 1535 -17.22 -8.20 10.07
CA ASP A 1535 -16.56 -8.35 11.37
C ASP A 1535 -15.06 -8.57 11.22
N VAL A 1536 -14.63 -9.42 10.27
CA VAL A 1536 -13.19 -9.59 10.09
C VAL A 1536 -12.54 -8.37 9.46
N LEU A 1537 -13.27 -7.59 8.65
CA LEU A 1537 -12.63 -6.40 8.10
C LEU A 1537 -12.46 -5.32 9.16
N VAL A 1538 -13.42 -5.15 10.06
CA VAL A 1538 -13.15 -4.20 11.14
C VAL A 1538 -12.11 -4.76 12.10
N SER A 1539 -12.09 -6.09 12.31
CA SER A 1539 -11.09 -6.70 13.18
C SER A 1539 -9.67 -6.55 12.65
N ILE A 1540 -9.47 -6.59 11.33
CA ILE A 1540 -8.14 -6.28 10.83
C ILE A 1540 -7.92 -4.77 10.82
N CYS A 1541 -8.97 -3.97 10.62
CA CYS A 1541 -8.82 -2.52 10.50
C CYS A 1541 -8.41 -1.85 11.81
N VAL A 1542 -8.89 -2.35 12.95
CA VAL A 1542 -8.45 -1.76 14.22
C VAL A 1542 -6.97 -2.02 14.45
N VAL A 1543 -6.45 -3.17 14.02
CA VAL A 1543 -5.00 -3.39 14.11
C VAL A 1543 -4.27 -2.51 13.11
N PHE A 1544 -4.84 -2.40 11.90
CA PHE A 1544 -4.29 -1.57 10.82
C PHE A 1544 -4.09 -0.14 11.27
N ALA A 1545 -5.05 0.41 11.99
CA ALA A 1545 -4.98 1.81 12.42
C ALA A 1545 -4.25 1.98 13.75
N MET A 1546 -4.49 1.11 14.72
CA MET A 1546 -3.85 1.21 16.02
C MET A 1546 -2.37 0.81 15.99
N SER A 1547 -1.87 0.29 14.86
CA SER A 1547 -0.44 0.10 14.73
C SER A 1547 0.32 1.43 14.62
N PHE A 1548 -0.29 2.44 14.01
CA PHE A 1548 0.41 3.70 13.76
C PHE A 1548 0.47 4.62 14.97
N VAL A 1549 -0.29 4.33 16.03
CA VAL A 1549 -0.28 5.17 17.22
C VAL A 1549 1.01 4.98 18.04
N PRO A 1550 1.38 3.78 18.51
CA PRO A 1550 2.54 3.69 19.40
C PRO A 1550 3.88 3.79 18.69
N ALA A 1551 3.91 3.78 17.35
CA ALA A 1551 5.13 4.08 16.63
C ALA A 1551 5.54 5.55 16.75
N SER A 1552 4.58 6.41 17.09
CA SER A 1552 4.91 7.79 17.43
C SER A 1552 5.77 7.87 18.68
N PHE A 1553 5.59 6.94 19.62
CA PHE A 1553 6.52 6.82 20.74
C PHE A 1553 7.88 6.37 20.25
N THR A 1554 7.92 5.40 19.34
CA THR A 1554 9.18 4.78 18.95
C THR A 1554 10.07 5.75 18.18
N LEU A 1555 9.47 6.53 17.28
CA LEU A 1555 10.26 7.54 16.57
C LEU A 1555 10.78 8.62 17.51
N VAL A 1556 9.96 9.02 18.49
CA VAL A 1556 10.40 10.04 19.45
C VAL A 1556 11.53 9.50 20.33
N LEU A 1557 11.42 8.26 20.79
CA LEU A 1557 12.50 7.74 21.61
C LEU A 1557 13.75 7.41 20.78
N ILE A 1558 13.60 7.10 19.49
CA ILE A 1558 14.82 6.87 18.72
C ILE A 1558 15.49 8.19 18.35
N GLU A 1559 14.75 9.30 18.21
CA GLU A 1559 15.46 10.56 18.05
C GLU A 1559 15.97 11.09 19.38
N GLU A 1560 15.39 10.62 20.49
CA GLU A 1560 16.02 10.82 21.79
C GLU A 1560 17.30 10.01 21.92
N ARG A 1561 17.39 8.91 21.16
CA ARG A 1561 18.60 8.08 21.18
C ARG A 1561 19.71 8.67 20.33
N VAL A 1562 19.45 8.92 19.04
CA VAL A 1562 20.52 9.32 18.13
C VAL A 1562 21.01 10.74 18.43
N THR A 1563 20.12 11.68 18.69
CA THR A 1563 20.52 12.91 19.35
C THR A 1563 20.88 12.57 20.79
N ARG A 1564 21.85 13.28 21.35
CA ARG A 1564 22.44 12.81 22.61
C ARG A 1564 21.75 13.40 23.83
N ALA A 1565 20.43 13.62 23.74
CA ALA A 1565 19.67 14.05 24.91
C ALA A 1565 19.67 12.98 26.01
N LYS A 1566 19.51 11.70 25.62
CA LYS A 1566 19.55 10.58 26.55
C LYS A 1566 20.82 10.55 27.39
N HIS A 1567 21.93 11.00 26.81
CA HIS A 1567 23.14 11.23 27.59
C HIS A 1567 22.86 12.22 28.71
N LEU A 1568 22.32 13.39 28.38
CA LEU A 1568 22.24 14.41 29.42
C LEU A 1568 21.08 14.22 30.39
N GLN A 1569 20.11 13.34 30.11
CA GLN A 1569 19.22 12.92 31.19
C GLN A 1569 19.71 11.67 31.90
N LEU A 1570 20.77 11.04 31.41
CA LEU A 1570 21.43 10.06 32.25
C LEU A 1570 22.39 10.69 33.25
N MET A 1571 22.80 11.93 33.02
CA MET A 1571 23.58 12.71 34.00
C MET A 1571 22.71 13.29 35.11
N GLY A 1572 22.77 12.63 36.27
CA GLY A 1572 22.07 13.07 37.45
C GLY A 1572 21.72 11.92 38.35
N GLY A 1573 20.65 12.09 39.13
CA GLY A 1573 20.13 11.03 39.95
C GLY A 1573 19.24 10.05 39.22
N LEU A 1574 19.03 10.27 37.93
CA LEU A 1574 18.17 9.40 37.12
C LEU A 1574 18.88 8.08 36.87
N SER A 1575 18.50 7.05 37.62
CA SER A 1575 18.82 5.69 37.22
C SER A 1575 18.07 5.37 35.93
N PRO A 1576 18.67 4.59 35.03
CA PRO A 1576 17.95 4.20 33.80
C PRO A 1576 16.69 3.41 34.08
N THR A 1577 16.68 2.58 35.14
CA THR A 1577 15.44 1.98 35.60
C THR A 1577 14.45 3.05 36.07
N LEU A 1578 14.95 4.04 36.80
CA LEU A 1578 14.11 5.15 37.24
C LEU A 1578 13.62 5.98 36.05
N TYR A 1579 14.46 6.14 35.03
CA TYR A 1579 14.06 6.85 33.82
C TYR A 1579 12.96 6.11 33.06
N TRP A 1580 13.11 4.79 32.92
CA TRP A 1580 12.05 4.02 32.29
C TRP A 1580 10.76 4.10 33.10
N LEU A 1581 10.84 3.94 34.42
CA LEU A 1581 9.62 4.02 35.22
C LEU A 1581 9.04 5.43 35.30
N GLY A 1582 9.84 6.46 35.00
CA GLY A 1582 9.28 7.76 34.72
C GLY A 1582 8.48 7.79 33.43
N ASN A 1583 8.94 7.08 32.40
CA ASN A 1583 8.34 7.33 31.08
C ASN A 1583 7.25 6.35 30.66
N PHE A 1584 7.16 5.13 31.19
CA PHE A 1584 5.95 4.41 30.77
C PHE A 1584 4.67 4.96 31.42
N LEU A 1585 4.76 5.69 32.53
CA LEU A 1585 3.56 6.38 33.00
C LEU A 1585 3.06 7.38 31.97
N TRP A 1586 3.97 8.09 31.31
CA TRP A 1586 3.58 8.94 30.19
C TRP A 1586 3.08 8.12 29.01
N ASP A 1587 3.61 6.91 28.83
CA ASP A 1587 3.13 6.04 27.75
C ASP A 1587 1.65 5.70 27.93
N MET A 1588 1.25 5.30 29.15
CA MET A 1588 -0.19 5.10 29.40
C MET A 1588 -0.95 6.41 29.36
N CYS A 1589 -0.34 7.52 29.78
CA CYS A 1589 -1.00 8.81 29.76
C CYS A 1589 -1.38 9.24 28.35
N ASN A 1590 -0.51 9.00 27.38
CA ASN A 1590 -0.86 9.35 26.00
C ASN A 1590 -1.60 8.22 25.29
N TYR A 1591 -1.53 6.98 25.78
CA TYR A 1591 -2.44 5.97 25.26
C TYR A 1591 -3.89 6.19 25.73
N LEU A 1592 -4.09 6.97 26.79
CA LEU A 1592 -5.45 7.32 27.19
C LEU A 1592 -6.18 8.16 26.14
N VAL A 1593 -5.47 8.74 25.18
CA VAL A 1593 -6.08 9.60 24.17
C VAL A 1593 -6.89 8.81 23.14
N PRO A 1594 -6.32 7.88 22.33
CA PRO A 1594 -7.12 7.33 21.22
C PRO A 1594 -8.14 6.28 21.64
N ALA A 1595 -7.93 5.61 22.77
CA ALA A 1595 -8.84 4.56 23.21
C ALA A 1595 -10.24 5.10 23.50
N CYS A 1596 -10.31 6.27 24.14
CA CYS A 1596 -11.60 6.90 24.39
C CYS A 1596 -12.32 7.26 23.10
N ILE A 1597 -11.58 7.74 22.10
CA ILE A 1597 -12.19 8.10 20.82
C ILE A 1597 -12.75 6.88 20.12
N VAL A 1598 -11.98 5.78 20.07
CA VAL A 1598 -12.49 4.61 19.35
C VAL A 1598 -13.64 3.97 20.12
N VAL A 1599 -13.59 3.96 21.46
CA VAL A 1599 -14.69 3.41 22.25
C VAL A 1599 -15.96 4.24 22.07
N LEU A 1600 -15.85 5.56 22.11
CA LEU A 1600 -17.03 6.41 21.96
C LEU A 1600 -17.56 6.40 20.53
N ILE A 1601 -16.70 6.25 19.53
CA ILE A 1601 -17.20 6.15 18.16
C ILE A 1601 -17.77 4.76 17.87
N PHE A 1602 -17.37 3.73 18.61
CA PHE A 1602 -18.04 2.44 18.52
C PHE A 1602 -19.40 2.49 19.20
N LEU A 1603 -19.51 3.25 20.29
CA LEU A 1603 -20.81 3.48 20.92
C LEU A 1603 -21.73 4.29 20.02
N ALA A 1604 -21.18 5.28 19.30
CA ALA A 1604 -21.99 6.22 18.55
C ALA A 1604 -22.66 5.62 17.31
N PHE A 1605 -22.11 4.53 16.77
CA PHE A 1605 -22.67 3.93 15.56
C PHE A 1605 -23.89 3.06 15.84
N GLN A 1606 -24.24 2.86 17.11
CA GLN A 1606 -25.29 1.93 17.54
C GLN A 1606 -25.02 0.51 17.02
N GLN A 1607 -23.75 0.13 17.06
CA GLN A 1607 -23.36 -1.22 16.69
C GLN A 1607 -23.88 -2.22 17.73
N ARG A 1608 -24.32 -3.37 17.24
CA ARG A 1608 -25.01 -4.33 18.12
C ARG A 1608 -24.05 -5.05 19.06
N ALA A 1609 -22.76 -5.06 18.76
CA ALA A 1609 -21.77 -5.74 19.59
C ALA A 1609 -21.00 -4.80 20.50
N TYR A 1610 -21.31 -3.51 20.51
CA TYR A 1610 -20.52 -2.55 21.27
C TYR A 1610 -21.35 -1.54 22.04
N VAL A 1611 -22.68 -1.63 22.02
CA VAL A 1611 -23.53 -0.68 22.72
C VAL A 1611 -24.13 -1.27 24.00
N ALA A 1612 -24.51 -2.54 23.98
CA ALA A 1612 -25.06 -3.17 25.17
C ALA A 1612 -24.01 -3.23 26.28
N PRO A 1613 -24.40 -3.06 27.54
CA PRO A 1613 -23.42 -2.97 28.64
C PRO A 1613 -22.74 -4.28 28.99
N ALA A 1614 -22.96 -5.36 28.25
CA ALA A 1614 -22.27 -6.62 28.51
C ALA A 1614 -21.00 -6.76 27.67
N ASN A 1615 -21.02 -6.26 26.44
CA ASN A 1615 -19.88 -6.40 25.53
C ASN A 1615 -19.02 -5.14 25.43
N LEU A 1616 -19.55 -3.98 25.80
CA LEU A 1616 -18.74 -2.77 25.85
C LEU A 1616 -17.60 -2.82 26.86
N PRO A 1617 -17.79 -3.21 28.14
CA PRO A 1617 -16.62 -3.27 29.04
C PRO A 1617 -15.60 -4.32 28.67
N ALA A 1618 -16.00 -5.40 27.99
CA ALA A 1618 -15.04 -6.36 27.46
C ALA A 1618 -14.12 -5.70 26.43
N LEU A 1619 -14.71 -4.92 25.52
CA LEU A 1619 -13.92 -4.17 24.54
C LEU A 1619 -13.02 -3.15 25.22
N LEU A 1620 -13.53 -2.48 26.25
CA LEU A 1620 -12.75 -1.49 26.98
C LEU A 1620 -11.55 -2.12 27.66
N LEU A 1621 -11.77 -3.22 28.39
CA LEU A 1621 -10.69 -3.88 29.11
C LEU A 1621 -9.68 -4.50 28.15
N LEU A 1622 -10.18 -5.08 27.04
CA LEU A 1622 -9.27 -5.65 26.05
C LEU A 1622 -8.41 -4.58 25.40
N LEU A 1623 -8.99 -3.43 25.06
CA LEU A 1623 -8.21 -2.34 24.48
C LEU A 1623 -7.19 -1.79 25.48
N LEU A 1624 -7.59 -1.62 26.74
CA LEU A 1624 -6.69 -1.06 27.74
C LEU A 1624 -5.53 -2.01 28.04
N LEU A 1625 -5.80 -3.31 28.23
CA LEU A 1625 -4.71 -4.24 28.50
C LEU A 1625 -3.88 -4.50 27.24
N TYR A 1626 -4.49 -4.43 26.06
CA TYR A 1626 -3.73 -4.55 24.82
C TYR A 1626 -2.76 -3.39 24.67
N GLY A 1627 -3.19 -2.18 25.01
CA GLY A 1627 -2.29 -1.04 25.06
C GLY A 1627 -1.26 -1.09 26.16
N TRP A 1628 -1.60 -1.73 27.28
CA TRP A 1628 -0.62 -2.01 28.31
C TRP A 1628 0.47 -2.94 27.76
N SER A 1629 0.09 -3.86 26.88
CA SER A 1629 1.00 -4.88 26.39
C SER A 1629 1.76 -4.51 25.11
N ILE A 1630 1.29 -3.53 24.33
CA ILE A 1630 2.00 -3.23 23.08
C ILE A 1630 3.14 -2.25 23.26
N THR A 1631 3.09 -1.39 24.29
CA THR A 1631 4.20 -0.49 24.50
C THR A 1631 5.55 -1.04 24.73
N PRO A 1632 5.77 -2.01 25.63
CA PRO A 1632 7.18 -2.39 26.00
C PRO A 1632 7.90 -3.18 24.99
N LEU A 1633 7.27 -3.62 23.90
CA LEU A 1633 7.93 -4.50 22.95
C LEU A 1633 8.61 -3.76 21.81
N MET A 1634 8.42 -2.44 21.68
CA MET A 1634 8.95 -1.69 20.55
C MET A 1634 10.17 -0.85 20.89
N TYR A 1635 10.58 -0.81 22.15
CA TYR A 1635 11.81 -0.10 22.52
C TYR A 1635 13.09 -0.64 21.85
N PRO A 1636 13.44 -1.93 21.89
CA PRO A 1636 14.78 -2.35 21.46
C PRO A 1636 14.98 -2.40 19.95
N ALA A 1637 13.99 -2.04 19.15
CA ALA A 1637 14.22 -1.80 17.74
C ALA A 1637 14.90 -0.47 17.51
N SER A 1638 14.74 0.49 18.44
CA SER A 1638 15.42 1.77 18.33
C SER A 1638 16.92 1.63 18.51
N PHE A 1639 17.35 0.76 19.42
CA PHE A 1639 18.77 0.53 19.67
C PHE A 1639 19.43 -0.27 18.55
N PHE A 1640 18.65 -0.82 17.62
CA PHE A 1640 19.17 -1.47 16.43
C PHE A 1640 19.07 -0.60 15.18
N PHE A 1641 18.30 0.49 15.23
CA PHE A 1641 17.99 1.30 14.07
C PHE A 1641 18.65 2.67 14.19
N SER A 1642 18.59 3.44 13.10
CA SER A 1642 19.26 4.73 13.02
C SER A 1642 18.31 5.90 12.80
N VAL A 1643 17.44 5.83 11.81
CA VAL A 1643 16.62 6.97 11.40
C VAL A 1643 15.18 6.77 11.87
N PRO A 1644 14.53 7.79 12.42
CA PRO A 1644 13.12 7.63 12.85
C PRO A 1644 12.16 7.30 11.73
N SER A 1645 12.39 7.80 10.50
CA SER A 1645 11.51 7.45 9.40
C SER A 1645 11.65 5.99 9.01
N THR A 1646 12.90 5.49 8.95
CA THR A 1646 13.14 4.08 8.66
C THR A 1646 12.56 3.18 9.74
N ALA A 1647 12.75 3.57 11.01
CA ALA A 1647 12.18 2.80 12.12
C ALA A 1647 10.66 2.79 12.07
N TYR A 1648 10.06 3.94 11.74
CA TYR A 1648 8.62 4.05 11.59
C TYR A 1648 8.11 3.09 10.51
N VAL A 1649 8.69 3.16 9.30
CA VAL A 1649 8.15 2.37 8.21
C VAL A 1649 8.43 0.87 8.41
N VAL A 1650 9.59 0.51 8.98
CA VAL A 1650 9.88 -0.90 9.21
C VAL A 1650 8.99 -1.47 10.31
N LEU A 1651 8.82 -0.72 11.40
CA LEU A 1651 7.95 -1.18 12.49
C LEU A 1651 6.52 -1.32 12.04
N THR A 1652 6.00 -0.34 11.29
CA THR A 1652 4.63 -0.47 10.81
C THR A 1652 4.49 -1.54 9.74
N CYS A 1653 5.54 -1.83 8.96
CA CYS A 1653 5.46 -2.92 7.99
C CYS A 1653 5.41 -4.27 8.67
N ILE A 1654 6.29 -4.51 9.66
CA ILE A 1654 6.29 -5.80 10.35
C ILE A 1654 5.03 -5.96 11.19
N ASN A 1655 4.55 -4.88 11.81
CA ASN A 1655 3.34 -4.99 12.62
C ASN A 1655 2.11 -5.19 11.75
N LEU A 1656 2.05 -4.51 10.60
CA LEU A 1656 0.96 -4.74 9.67
C LEU A 1656 0.98 -6.17 9.15
N PHE A 1657 2.17 -6.69 8.82
CA PHE A 1657 2.28 -8.04 8.29
C PHE A 1657 1.87 -9.10 9.31
N ILE A 1658 2.35 -8.97 10.55
CA ILE A 1658 1.92 -9.93 11.57
C ILE A 1658 0.44 -9.78 11.91
N GLY A 1659 -0.11 -8.58 11.82
CA GLY A 1659 -1.54 -8.40 12.03
C GLY A 1659 -2.38 -9.10 10.96
N ILE A 1660 -2.04 -8.87 9.68
CA ILE A 1660 -2.84 -9.46 8.61
C ILE A 1660 -2.67 -10.98 8.63
N ASN A 1661 -1.45 -11.47 8.91
CA ASN A 1661 -1.23 -12.90 9.03
C ASN A 1661 -2.07 -13.49 10.16
N GLY A 1662 -1.78 -13.09 11.40
CA GLY A 1662 -2.44 -13.64 12.57
C GLY A 1662 -3.93 -13.41 12.66
N SER A 1663 -4.48 -12.48 11.88
CA SER A 1663 -5.93 -12.39 11.81
C SER A 1663 -6.50 -13.19 10.64
N MET A 1664 -6.14 -12.83 9.41
CA MET A 1664 -6.79 -13.41 8.24
C MET A 1664 -6.40 -14.87 8.02
N ALA A 1665 -5.11 -15.20 8.12
CA ALA A 1665 -4.70 -16.58 7.89
C ALA A 1665 -5.28 -17.51 8.94
N THR A 1666 -5.34 -17.06 10.19
CA THR A 1666 -5.93 -17.88 11.25
C THR A 1666 -7.44 -18.02 11.07
N PHE A 1667 -8.11 -16.93 10.68
CA PHE A 1667 -9.55 -16.97 10.45
C PHE A 1667 -9.90 -17.85 9.26
N VAL A 1668 -9.08 -17.81 8.21
CA VAL A 1668 -9.26 -18.66 7.03
C VAL A 1668 -8.91 -20.12 7.36
N LEU A 1669 -7.95 -20.37 8.24
CA LEU A 1669 -7.64 -21.73 8.64
C LEU A 1669 -8.76 -22.35 9.48
N GLU A 1670 -9.28 -21.60 10.45
CA GLU A 1670 -10.30 -22.13 11.34
C GLU A 1670 -11.70 -22.19 10.75
N LEU A 1671 -11.92 -21.66 9.56
CA LEU A 1671 -13.22 -21.68 8.92
C LEU A 1671 -13.09 -22.26 7.52
N PHE A 1672 -14.18 -22.88 7.03
CA PHE A 1672 -14.16 -23.74 5.84
C PHE A 1672 -13.12 -24.84 6.01
N SER A 1673 -13.31 -25.65 7.04
CA SER A 1673 -12.35 -26.68 7.43
C SER A 1673 -12.26 -27.77 6.38
N ASP A 1674 -11.10 -28.42 6.33
CA ASP A 1674 -10.82 -29.46 5.35
C ASP A 1674 -10.70 -30.84 5.98
N GLN A 1675 -9.83 -31.00 6.98
CA GLN A 1675 -9.56 -32.31 7.54
C GLN A 1675 -9.06 -32.15 8.98
N LYS A 1676 -8.56 -33.25 9.55
CA LYS A 1676 -8.07 -33.26 10.92
C LYS A 1676 -6.72 -32.59 11.07
N LEU A 1677 -5.89 -32.59 10.03
CA LEU A 1677 -4.57 -31.98 10.12
C LEU A 1677 -4.67 -30.47 10.32
N GLN A 1678 -5.58 -29.82 9.59
CA GLN A 1678 -5.78 -28.39 9.78
C GLN A 1678 -6.37 -28.09 11.15
N GLU A 1679 -7.23 -28.97 11.68
CA GLU A 1679 -7.78 -28.78 13.02
C GLU A 1679 -6.71 -28.92 14.09
N VAL A 1680 -5.80 -29.88 13.93
CA VAL A 1680 -4.70 -30.02 14.86
C VAL A 1680 -3.76 -28.82 14.78
N SER A 1681 -3.52 -28.30 13.56
CA SER A 1681 -2.68 -27.13 13.40
C SER A 1681 -3.31 -25.90 14.03
N ARG A 1682 -4.61 -25.70 13.81
CA ARG A 1682 -5.23 -24.53 14.42
C ARG A 1682 -5.34 -24.66 15.93
N ILE A 1683 -5.44 -25.88 16.49
CA ILE A 1683 -5.45 -26.01 17.95
C ILE A 1683 -4.19 -25.41 18.56
N LEU A 1684 -3.03 -25.74 17.98
CA LEU A 1684 -1.76 -25.16 18.43
C LEU A 1684 -1.67 -23.67 18.13
N LYS A 1685 -2.20 -23.24 16.98
CA LYS A 1685 -2.19 -21.83 16.62
C LYS A 1685 -3.06 -21.01 17.58
N GLN A 1686 -4.11 -21.59 18.15
CA GLN A 1686 -4.93 -20.84 19.10
C GLN A 1686 -4.55 -21.08 20.54
N VAL A 1687 -3.61 -21.98 20.82
CA VAL A 1687 -3.14 -22.00 22.20
C VAL A 1687 -1.85 -21.18 22.36
N PHE A 1688 -0.96 -21.14 21.36
CA PHE A 1688 0.37 -20.56 21.60
C PHE A 1688 0.33 -19.05 21.80
N LEU A 1689 -0.45 -18.32 20.98
CA LEU A 1689 -0.96 -16.97 21.27
C LEU A 1689 0.11 -15.96 21.69
N ILE A 1690 1.30 -16.03 21.11
CA ILE A 1690 2.39 -15.20 21.61
C ILE A 1690 2.39 -13.79 21.03
N PHE A 1691 1.63 -13.53 19.97
CA PHE A 1691 1.61 -12.14 19.52
C PHE A 1691 0.44 -11.40 20.16
N PRO A 1692 0.62 -10.14 20.59
CA PRO A 1692 -0.51 -9.42 21.21
C PRO A 1692 -1.62 -9.09 20.23
N HIS A 1693 -1.27 -8.77 18.99
CA HIS A 1693 -2.27 -8.48 17.96
C HIS A 1693 -3.05 -9.72 17.57
N PHE A 1694 -2.38 -10.89 17.64
CA PHE A 1694 -3.05 -12.18 17.44
C PHE A 1694 -4.21 -12.34 18.40
N CYS A 1695 -3.95 -12.17 19.70
CA CYS A 1695 -4.99 -12.31 20.69
C CYS A 1695 -5.99 -11.17 20.68
N LEU A 1696 -5.59 -9.96 20.28
CA LEU A 1696 -6.57 -8.88 20.11
C LEU A 1696 -7.58 -9.26 19.03
N GLY A 1697 -7.08 -9.65 17.85
CA GLY A 1697 -7.97 -10.02 16.76
C GLY A 1697 -8.83 -11.21 17.08
N ARG A 1698 -8.25 -12.23 17.71
CA ARG A 1698 -9.02 -13.41 18.05
C ARG A 1698 -10.05 -13.15 19.14
N GLY A 1699 -9.73 -12.34 20.14
CA GLY A 1699 -10.72 -11.99 21.15
C GLY A 1699 -11.86 -11.17 20.60
N LEU A 1700 -11.53 -10.19 19.74
CA LEU A 1700 -12.58 -9.39 19.12
C LEU A 1700 -13.46 -10.23 18.20
N ILE A 1701 -12.86 -11.16 17.46
CA ILE A 1701 -13.62 -12.04 16.59
C ILE A 1701 -14.49 -12.98 17.40
N ASP A 1702 -13.96 -13.49 18.53
CA ASP A 1702 -14.73 -14.37 19.41
C ASP A 1702 -15.93 -13.63 20.01
N MET A 1703 -15.73 -12.39 20.45
CA MET A 1703 -16.82 -11.64 21.04
C MET A 1703 -17.87 -11.25 19.99
N VAL A 1704 -17.43 -10.85 18.79
CA VAL A 1704 -18.39 -10.51 17.75
C VAL A 1704 -19.11 -11.74 17.20
N ARG A 1705 -18.48 -12.91 17.22
CA ARG A 1705 -19.20 -14.12 16.84
C ARG A 1705 -20.12 -14.61 17.94
N ASN A 1706 -19.81 -14.31 19.21
CA ASN A 1706 -20.79 -14.52 20.27
C ASN A 1706 -22.01 -13.63 20.08
N GLN A 1707 -21.79 -12.36 19.72
CA GLN A 1707 -22.91 -11.48 19.43
C GLN A 1707 -23.71 -11.97 18.22
N ALA A 1708 -23.01 -12.45 17.18
CA ALA A 1708 -23.68 -12.96 15.99
C ALA A 1708 -24.50 -14.22 16.29
N MET A 1709 -23.96 -15.13 17.11
CA MET A 1709 -24.72 -16.33 17.42
C MET A 1709 -25.88 -16.02 18.35
N ALA A 1710 -25.75 -15.02 19.24
CA ALA A 1710 -26.89 -14.59 20.04
C ALA A 1710 -27.98 -13.98 19.16
N ASP A 1711 -27.58 -13.18 18.18
CA ASP A 1711 -28.54 -12.58 17.26
C ASP A 1711 -29.22 -13.62 16.38
N ALA A 1712 -28.51 -14.69 16.03
CA ALA A 1712 -29.14 -15.79 15.31
C ALA A 1712 -30.03 -16.62 16.23
N PHE A 1713 -29.66 -16.71 17.51
CA PHE A 1713 -30.41 -17.49 18.49
C PHE A 1713 -31.70 -16.82 18.92
N GLU A 1714 -31.78 -15.48 18.82
CA GLU A 1714 -32.91 -14.74 19.39
C GLU A 1714 -34.26 -15.09 18.76
N ARG A 1715 -34.28 -15.70 17.58
CA ARG A 1715 -35.56 -16.16 17.01
C ARG A 1715 -35.87 -17.61 17.34
N LEU A 1716 -34.86 -18.45 17.51
CA LEU A 1716 -35.06 -19.84 17.86
C LEU A 1716 -35.08 -20.00 19.39
N GLY A 1717 -34.96 -21.24 19.86
CA GLY A 1717 -34.91 -21.51 21.28
C GLY A 1717 -33.55 -21.22 21.86
N ASP A 1718 -33.26 -19.94 22.07
CA ASP A 1718 -31.93 -19.45 22.42
C ASP A 1718 -31.41 -20.00 23.74
N ARG A 1719 -32.07 -19.62 24.85
CA ARG A 1719 -31.55 -19.79 26.20
C ARG A 1719 -30.12 -19.26 26.32
N GLN A 1720 -29.91 -18.08 25.74
CA GLN A 1720 -28.58 -17.57 25.44
C GLN A 1720 -28.32 -16.30 26.26
N PHE A 1721 -27.68 -16.48 27.42
CA PHE A 1721 -27.17 -15.33 28.16
C PHE A 1721 -25.95 -14.74 27.47
N GLN A 1722 -24.95 -15.58 27.19
CA GLN A 1722 -23.78 -15.28 26.35
C GLN A 1722 -22.99 -14.10 26.90
N SER A 1723 -22.43 -14.30 28.08
CA SER A 1723 -21.51 -13.32 28.65
C SER A 1723 -20.21 -13.34 27.86
N PRO A 1724 -19.80 -12.23 27.24
CA PRO A 1724 -18.57 -12.24 26.44
C PRO A 1724 -17.29 -12.21 27.27
N LEU A 1725 -17.39 -12.05 28.60
CA LEU A 1725 -16.23 -11.94 29.47
C LEU A 1725 -15.78 -13.29 30.03
N ARG A 1726 -16.04 -14.38 29.32
CA ARG A 1726 -15.67 -15.70 29.81
C ARG A 1726 -14.15 -15.88 29.77
N TRP A 1727 -13.61 -16.51 30.82
CA TRP A 1727 -12.17 -16.69 30.94
C TRP A 1727 -11.63 -17.65 29.88
N GLU A 1728 -12.38 -18.69 29.54
CA GLU A 1728 -11.95 -19.64 28.53
C GLU A 1728 -12.23 -19.16 27.11
N VAL A 1729 -12.90 -18.01 26.95
CA VAL A 1729 -13.22 -17.47 25.64
C VAL A 1729 -12.27 -16.33 25.31
N VAL A 1730 -12.24 -15.31 26.17
CA VAL A 1730 -11.38 -14.15 25.96
C VAL A 1730 -10.39 -13.92 27.09
N GLY A 1731 -10.59 -14.52 28.27
CA GLY A 1731 -9.74 -14.25 29.41
C GLY A 1731 -8.30 -14.72 29.27
N LYS A 1732 -8.06 -15.73 28.44
CA LYS A 1732 -6.70 -16.16 28.16
C LYS A 1732 -5.91 -15.07 27.45
N ASN A 1733 -6.56 -14.28 26.59
CA ASN A 1733 -5.89 -13.18 25.90
C ASN A 1733 -5.45 -12.09 26.88
N LEU A 1734 -6.35 -11.67 27.77
CA LEU A 1734 -6.00 -10.65 28.75
C LEU A 1734 -4.96 -11.16 29.74
N LEU A 1735 -5.03 -12.45 30.10
CA LEU A 1735 -4.01 -13.06 30.94
C LEU A 1735 -2.65 -13.05 30.25
N ALA A 1736 -2.63 -13.36 28.95
CA ALA A 1736 -1.38 -13.36 28.22
C ALA A 1736 -0.81 -11.96 28.10
N MET A 1737 -1.65 -10.94 27.91
CA MET A 1737 -1.14 -9.56 27.91
C MET A 1737 -0.58 -9.15 29.25
N VAL A 1738 -1.33 -9.38 30.35
CA VAL A 1738 -0.89 -8.96 31.66
C VAL A 1738 0.29 -9.78 32.18
N ILE A 1739 0.56 -10.94 31.58
CA ILE A 1739 1.74 -11.71 31.97
C ILE A 1739 2.91 -11.55 31.00
N GLN A 1740 2.68 -11.02 29.79
CA GLN A 1740 3.74 -10.82 28.82
C GLN A 1740 4.25 -9.39 28.78
N GLY A 1741 3.48 -8.44 29.31
CA GLY A 1741 3.93 -7.07 29.36
C GLY A 1741 5.18 -6.77 30.18
N PRO A 1742 5.26 -7.28 31.43
CA PRO A 1742 6.52 -7.10 32.19
C PRO A 1742 7.73 -7.72 31.53
N LEU A 1743 7.57 -8.80 30.76
CA LEU A 1743 8.73 -9.40 30.09
C LEU A 1743 9.38 -8.43 29.12
N PHE A 1744 8.57 -7.76 28.29
CA PHE A 1744 9.12 -6.75 27.41
C PHE A 1744 9.44 -5.44 28.13
N LEU A 1745 8.84 -5.20 29.30
CA LEU A 1745 9.28 -4.08 30.13
C LEU A 1745 10.71 -4.27 30.60
N LEU A 1746 11.07 -5.47 31.03
CA LEU A 1746 12.43 -5.74 31.48
C LEU A 1746 13.37 -6.14 30.35
N PHE A 1747 12.85 -6.45 29.16
CA PHE A 1747 13.70 -6.82 28.04
C PHE A 1747 14.62 -5.66 27.63
N THR A 1748 14.05 -4.47 27.45
CA THR A 1748 14.87 -3.33 27.09
C THR A 1748 15.74 -2.86 28.23
N LEU A 1749 15.41 -3.21 29.47
CA LEU A 1749 16.32 -2.88 30.55
C LEU A 1749 17.51 -3.83 30.56
N LEU A 1750 17.26 -5.14 30.40
CA LEU A 1750 18.34 -6.12 30.43
C LEU A 1750 19.24 -6.00 29.23
N LEU A 1751 18.74 -5.45 28.12
CA LEU A 1751 19.70 -5.28 27.05
C LEU A 1751 20.43 -3.98 27.24
N GLN A 1752 19.76 -3.02 27.91
CA GLN A 1752 20.34 -1.71 28.15
C GLN A 1752 21.37 -1.73 29.26
N HIS A 1753 21.18 -2.60 30.25
CA HIS A 1753 22.03 -2.67 31.44
C HIS A 1753 23.08 -3.76 31.32
N ARG A 1754 23.61 -3.97 30.12
CA ARG A 1754 24.71 -4.92 29.95
C ARG A 1754 26.00 -4.44 30.62
N SER A 1755 26.10 -3.15 30.94
CA SER A 1755 27.25 -2.60 31.65
C SER A 1755 27.08 -2.88 33.15
N GLN A 1756 27.38 -4.12 33.52
CA GLN A 1756 27.26 -4.55 34.91
C GLN A 1756 28.48 -5.35 35.35
N GLU A 1774 59.07 15.23 31.05
CA GLU A 1774 59.35 15.06 32.47
C GLU A 1774 58.06 15.20 33.29
N ASP A 1775 57.23 16.18 32.91
CA ASP A 1775 55.97 16.40 33.60
C ASP A 1775 54.97 15.27 33.39
N VAL A 1776 55.08 14.53 32.27
CA VAL A 1776 54.29 13.32 32.09
C VAL A 1776 54.61 12.32 33.18
N ALA A 1777 55.90 12.08 33.40
CA ALA A 1777 56.33 11.22 34.50
C ALA A 1777 56.01 11.85 35.85
N ARG A 1778 56.16 13.18 35.97
CA ARG A 1778 55.89 13.87 37.22
C ARG A 1778 54.43 13.80 37.64
N GLU A 1779 53.51 13.57 36.69
CA GLU A 1779 52.13 13.29 37.06
C GLU A 1779 51.86 11.79 37.19
N ARG A 1780 52.44 10.98 36.30
CA ARG A 1780 52.15 9.55 36.28
C ARG A 1780 52.66 8.85 37.53
N GLU A 1781 53.93 9.07 37.89
CA GLU A 1781 54.48 8.45 39.09
C GLU A 1781 53.87 9.01 40.36
N ARG A 1782 53.49 10.30 40.36
CA ARG A 1782 52.82 10.89 41.52
C ARG A 1782 51.45 10.26 41.74
N VAL A 1783 50.68 10.06 40.67
CA VAL A 1783 49.36 9.44 40.81
C VAL A 1783 49.49 7.96 41.16
N VAL A 1784 50.43 7.25 40.54
CA VAL A 1784 50.59 5.82 40.81
C VAL A 1784 51.07 5.59 42.25
N GLN A 1785 52.06 6.36 42.70
CA GLN A 1785 52.58 6.20 44.05
C GLN A 1785 51.65 6.77 45.11
N GLY A 1786 50.69 7.61 44.74
CA GLY A 1786 49.79 8.18 45.71
C GLY A 1786 48.51 8.75 45.13
N ALA A 1787 47.38 8.41 45.74
CA ALA A 1787 46.10 8.98 45.33
C ALA A 1787 45.84 10.26 46.09
N THR A 1788 45.41 11.30 45.37
CA THR A 1788 45.14 12.61 45.95
C THR A 1788 43.67 12.74 46.24
N GLN A 1789 43.30 12.68 47.52
CA GLN A 1789 41.92 12.86 47.93
C GLN A 1789 41.44 14.30 47.78
N GLY A 1790 42.35 15.27 47.86
CA GLY A 1790 42.00 16.65 47.57
C GLY A 1790 41.62 16.85 46.11
N ASP A 1791 42.28 16.14 45.20
CA ASP A 1791 41.89 16.14 43.80
C ASP A 1791 40.56 15.42 43.64
N VAL A 1792 39.68 15.99 42.81
CA VAL A 1792 38.35 15.43 42.64
C VAL A 1792 38.40 14.19 41.75
N LEU A 1793 39.03 14.30 40.58
CA LEU A 1793 39.05 13.22 39.60
C LEU A 1793 40.39 12.51 39.64
N VAL A 1794 40.34 11.19 39.79
CA VAL A 1794 41.53 10.34 39.74
C VAL A 1794 41.28 9.26 38.68
N LEU A 1795 42.10 9.27 37.63
CA LEU A 1795 42.07 8.24 36.60
C LEU A 1795 43.35 7.41 36.72
N ARG A 1796 43.21 6.11 36.45
CA ARG A 1796 44.33 5.18 36.53
C ARG A 1796 44.08 4.05 35.54
N ASN A 1797 45.09 3.73 34.75
CA ASN A 1797 45.02 2.76 33.65
C ASN A 1797 43.90 3.13 32.68
N LEU A 1798 44.09 4.30 32.05
CA LEU A 1798 43.16 4.81 31.04
C LEU A 1798 43.38 4.04 29.73
N THR A 1799 42.91 2.79 29.74
CA THR A 1799 43.10 1.87 28.63
C THR A 1799 41.74 1.51 28.04
N LYS A 1800 41.64 1.51 26.71
CA LYS A 1800 40.39 1.32 26.00
C LYS A 1800 40.49 0.08 25.14
N VAL A 1801 39.59 -0.88 25.38
CA VAL A 1801 39.51 -2.09 24.57
C VAL A 1801 38.41 -1.86 23.54
N TYR A 1802 38.81 -1.46 22.34
CA TYR A 1802 37.86 -1.21 21.26
C TYR A 1802 37.46 -2.53 20.61
N ARG A 1803 36.16 -2.70 20.34
CA ARG A 1803 35.65 -3.91 19.74
C ARG A 1803 35.85 -3.85 18.23
N GLY A 1804 36.74 -4.72 17.72
CA GLY A 1804 37.02 -4.82 16.30
C GLY A 1804 38.28 -4.12 15.86
N GLN A 1805 38.63 -3.00 16.49
CA GLN A 1805 39.81 -2.24 16.09
C GLN A 1805 41.11 -2.86 16.58
N ARG A 1806 41.05 -3.75 17.58
CA ARG A 1806 42.17 -4.60 18.01
C ARG A 1806 43.39 -3.79 18.47
N MET A 1807 43.16 -2.62 19.06
CA MET A 1807 44.27 -1.79 19.53
C MET A 1807 43.81 -0.90 20.68
N PRO A 1808 44.57 -0.88 21.78
CA PRO A 1808 44.29 0.10 22.84
C PRO A 1808 44.49 1.52 22.35
N ALA A 1809 43.66 2.43 22.85
CA ALA A 1809 43.74 3.83 22.44
C ALA A 1809 44.86 4.56 23.18
N VAL A 1810 44.75 4.65 24.50
CA VAL A 1810 45.74 5.31 25.35
C VAL A 1810 46.46 4.24 26.15
N ASP A 1811 47.80 4.28 26.12
CA ASP A 1811 48.63 3.19 26.61
C ASP A 1811 49.08 3.48 28.04
N ARG A 1812 48.23 3.11 29.01
CA ARG A 1812 48.56 3.02 30.44
C ARG A 1812 49.04 4.37 31.00
N LEU A 1813 48.12 5.33 31.02
CA LEU A 1813 48.39 6.64 31.58
C LEU A 1813 47.34 6.98 32.63
N CYS A 1814 47.76 7.74 33.64
CA CYS A 1814 46.91 8.06 34.78
C CYS A 1814 46.91 9.57 35.02
N LEU A 1815 45.87 10.05 35.69
CA LEU A 1815 45.67 11.49 35.83
C LEU A 1815 45.11 11.81 37.22
N GLY A 1816 45.44 13.01 37.70
CA GLY A 1816 44.86 13.56 38.91
C GLY A 1816 44.49 15.02 38.72
N ILE A 1817 43.23 15.36 38.92
CA ILE A 1817 42.71 16.67 38.56
C ILE A 1817 42.36 17.43 39.84
N PRO A 1818 43.09 18.48 40.20
CA PRO A 1818 42.70 19.29 41.36
C PRO A 1818 41.42 20.05 41.08
N PRO A 1819 40.63 20.37 42.13
CA PRO A 1819 39.32 20.98 41.90
C PRO A 1819 39.34 22.48 41.65
N GLY A 1820 40.36 23.17 42.15
CA GLY A 1820 40.40 24.61 42.09
C GLY A 1820 40.80 25.21 40.77
N GLU A 1821 41.14 24.39 39.78
CA GLU A 1821 41.61 24.86 38.49
C GLU A 1821 40.88 24.13 37.37
N CYS A 1822 41.05 24.61 36.16
CA CYS A 1822 40.50 23.97 34.97
C CYS A 1822 41.62 23.27 34.20
N PHE A 1823 41.33 22.06 33.73
CA PHE A 1823 42.29 21.20 33.06
C PHE A 1823 42.02 21.24 31.57
N GLY A 1824 42.96 21.78 30.80
CA GLY A 1824 42.79 21.89 29.37
C GLY A 1824 43.35 20.71 28.61
N LEU A 1825 42.48 19.77 28.25
CA LEU A 1825 42.89 18.57 27.54
C LEU A 1825 42.70 18.76 26.04
N LEU A 1826 43.66 18.25 25.27
CA LEU A 1826 43.58 18.28 23.81
C LEU A 1826 43.88 16.90 23.26
N GLY A 1827 43.05 16.46 22.31
CA GLY A 1827 43.23 15.17 21.67
C GLY A 1827 42.84 15.18 20.20
N VAL A 1828 43.67 14.57 19.37
CA VAL A 1828 43.40 14.44 17.94
C VAL A 1828 42.55 13.19 17.72
N ASN A 1829 41.99 13.05 16.52
CA ASN A 1829 41.20 11.88 16.21
C ASN A 1829 42.07 10.63 16.19
N GLY A 1830 41.64 9.60 16.89
CA GLY A 1830 42.43 8.40 17.08
C GLY A 1830 43.19 8.35 18.39
N ALA A 1831 43.02 9.32 19.28
CA ALA A 1831 43.69 9.36 20.57
C ALA A 1831 42.77 8.98 21.72
N GLY A 1832 41.52 8.62 21.45
CA GLY A 1832 40.60 8.17 22.48
C GLY A 1832 40.11 9.27 23.40
N LYS A 1833 39.37 10.23 22.86
CA LYS A 1833 38.79 11.29 23.67
C LYS A 1833 37.33 11.02 24.01
N THR A 1834 36.52 10.69 23.00
CA THR A 1834 35.10 10.43 23.20
C THR A 1834 34.86 9.20 24.04
N SER A 1835 35.66 8.15 23.85
CA SER A 1835 35.56 6.99 24.74
C SER A 1835 35.88 7.39 26.17
N THR A 1836 36.94 8.19 26.36
CA THR A 1836 37.34 8.63 27.70
C THR A 1836 36.24 9.44 28.39
N PHE A 1837 35.51 10.26 27.63
CA PHE A 1837 34.32 10.87 28.22
C PHE A 1837 33.21 9.85 28.44
N ARG A 1838 33.18 8.79 27.63
CA ARG A 1838 32.07 7.84 27.59
C ARG A 1838 32.06 6.91 28.80
N MET A 1839 33.21 6.39 29.25
CA MET A 1839 33.09 5.48 30.39
C MET A 1839 33.06 6.22 31.72
N VAL A 1840 33.66 7.41 31.80
CA VAL A 1840 33.44 8.26 32.97
C VAL A 1840 31.98 8.70 33.01
N THR A 1841 31.38 8.93 31.85
CA THR A 1841 29.93 9.01 31.76
C THR A 1841 29.26 7.72 32.21
N GLY A 1842 29.75 6.59 31.72
CA GLY A 1842 29.20 5.30 32.10
C GLY A 1842 28.14 4.80 31.15
N ASP A 1843 28.37 4.99 29.84
CA ASP A 1843 27.41 4.51 28.84
C ASP A 1843 27.60 3.02 28.57
N THR A 1844 28.78 2.64 28.09
CA THR A 1844 29.07 1.26 27.78
C THR A 1844 29.70 0.56 28.99
N LEU A 1845 30.29 -0.61 28.77
CA LEU A 1845 30.71 -1.48 29.87
C LEU A 1845 31.85 -0.88 30.67
N ALA A 1846 31.78 -1.06 31.99
CA ALA A 1846 32.86 -0.69 32.90
C ALA A 1846 33.56 -1.97 33.34
N SER A 1847 34.51 -2.41 32.52
CA SER A 1847 35.21 -3.67 32.73
C SER A 1847 36.61 -3.49 33.28
N ARG A 1848 37.45 -2.68 32.61
CA ARG A 1848 38.82 -2.46 33.04
C ARG A 1848 39.10 -0.97 33.00
N GLY A 1849 39.75 -0.46 34.06
CA GLY A 1849 40.10 0.95 34.13
C GLY A 1849 39.54 1.63 35.36
N GLU A 1850 40.42 2.26 36.14
CA GLU A 1850 40.00 2.97 37.35
C GLU A 1850 39.69 4.42 36.99
N ALA A 1851 38.50 4.89 37.36
CA ALA A 1851 38.09 6.26 37.07
C ALA A 1851 37.12 6.69 38.17
N VAL A 1852 37.60 7.49 39.11
CA VAL A 1852 36.77 7.95 40.22
C VAL A 1852 36.71 9.46 40.20
N LEU A 1853 35.59 10.00 40.69
CA LEU A 1853 35.38 11.44 40.78
C LEU A 1853 34.88 11.78 42.17
N ALA A 1854 35.50 12.81 42.78
CA ALA A 1854 35.16 13.33 44.10
C ALA A 1854 35.20 12.26 45.19
N GLY A 1855 36.12 11.31 45.07
CA GLY A 1855 36.21 10.24 46.05
C GLY A 1855 35.09 9.23 45.98
N HIS A 1856 34.38 9.14 44.86
CA HIS A 1856 33.29 8.20 44.68
C HIS A 1856 33.56 7.34 43.45
N SER A 1857 33.23 6.06 43.55
CA SER A 1857 33.56 5.09 42.52
C SER A 1857 32.35 4.80 41.65
N VAL A 1858 32.58 4.67 40.34
CA VAL A 1858 31.52 4.26 39.42
C VAL A 1858 31.13 2.81 39.69
N ALA A 1859 32.11 1.96 40.03
CA ALA A 1859 31.83 0.57 40.35
C ALA A 1859 31.04 0.43 41.65
N ARG A 1860 31.13 1.41 42.55
CA ARG A 1860 30.32 1.37 43.77
C ARG A 1860 28.88 1.77 43.49
N GLU A 1861 28.69 2.98 42.98
CA GLU A 1861 27.37 3.47 42.59
C GLU A 1861 27.46 4.20 41.26
N PRO A 1862 26.74 3.75 40.23
CA PRO A 1862 26.82 4.42 38.92
C PRO A 1862 26.12 5.77 38.92
N SER A 1863 25.02 5.88 39.66
CA SER A 1863 24.28 7.15 39.74
C SER A 1863 25.03 8.21 40.53
N ALA A 1864 25.93 7.80 41.44
CA ALA A 1864 26.74 8.76 42.18
C ALA A 1864 27.82 9.40 41.32
N ALA A 1865 28.19 8.76 40.21
CA ALA A 1865 29.18 9.32 39.29
C ALA A 1865 28.56 10.31 38.30
N HIS A 1866 27.24 10.45 38.29
CA HIS A 1866 26.57 11.38 37.40
C HIS A 1866 26.09 12.64 38.12
N LEU A 1867 26.12 12.66 39.46
CA LEU A 1867 25.61 13.81 40.19
C LEU A 1867 26.51 15.04 40.04
N SER A 1868 27.82 14.84 39.99
CA SER A 1868 28.79 15.92 39.91
C SER A 1868 29.55 15.88 38.59
N MET A 1869 28.82 15.63 37.50
CA MET A 1869 29.39 15.56 36.16
C MET A 1869 28.43 16.22 35.20
N GLY A 1870 28.79 17.41 34.72
CA GLY A 1870 27.90 18.13 33.82
C GLY A 1870 28.42 18.12 32.39
N TYR A 1871 27.81 17.31 31.52
CA TYR A 1871 28.29 17.11 30.16
C TYR A 1871 27.77 18.19 29.22
N CYS A 1872 28.57 18.49 28.21
CA CYS A 1872 28.19 19.43 27.14
C CYS A 1872 28.71 18.89 25.82
N PRO A 1873 27.87 18.21 25.05
CA PRO A 1873 28.30 17.66 23.77
C PRO A 1873 28.25 18.71 22.65
N GLN A 1874 28.93 18.39 21.56
CA GLN A 1874 28.76 19.16 20.33
C GLN A 1874 27.43 18.89 19.66
N SER A 1875 26.81 17.75 19.95
CA SER A 1875 25.48 17.46 19.43
C SER A 1875 24.46 18.39 20.08
N ASP A 1876 23.55 18.94 19.26
CA ASP A 1876 22.51 19.84 19.75
C ASP A 1876 21.44 19.00 20.42
N ALA A 1877 21.71 18.61 21.66
CA ALA A 1877 20.82 17.75 22.42
C ALA A 1877 19.77 18.57 23.16
N ILE A 1878 19.02 19.33 22.38
CA ILE A 1878 17.95 20.17 22.89
C ILE A 1878 16.71 19.92 22.05
N PHE A 1879 15.58 20.19 22.67
CA PHE A 1879 14.28 20.02 22.05
C PHE A 1879 13.93 21.23 21.20
N GLU A 1880 13.54 20.96 19.95
CA GLU A 1880 13.17 22.05 19.03
C GLU A 1880 11.82 22.66 19.37
N LEU A 1881 11.03 22.00 20.21
CA LEU A 1881 9.71 22.47 20.59
C LEU A 1881 9.66 23.02 22.01
N LEU A 1882 10.82 23.39 22.56
CA LEU A 1882 10.93 23.85 23.93
C LEU A 1882 12.11 24.80 24.04
N THR A 1883 11.91 25.91 24.77
CA THR A 1883 12.83 27.04 24.76
C THR A 1883 13.82 26.99 25.94
N GLY A 1884 14.74 27.96 25.95
CA GLY A 1884 15.95 27.86 26.76
C GLY A 1884 15.70 27.77 28.26
N ARG A 1885 14.85 28.67 28.77
CA ARG A 1885 14.49 28.66 30.18
C ARG A 1885 13.79 27.38 30.58
N GLU A 1886 13.15 26.68 29.65
CA GLU A 1886 12.53 25.41 29.98
C GLU A 1886 13.53 24.26 30.07
N HIS A 1887 14.61 24.23 29.27
CA HIS A 1887 15.67 23.28 29.59
C HIS A 1887 16.29 23.58 30.95
N LEU A 1888 16.48 24.88 31.26
CA LEU A 1888 17.04 25.23 32.57
C LEU A 1888 16.12 24.79 33.71
N GLU A 1889 14.82 25.03 33.57
CA GLU A 1889 13.86 24.60 34.58
C GLU A 1889 13.80 23.09 34.69
N LEU A 1890 13.80 22.38 33.55
CA LEU A 1890 13.74 20.93 33.56
C LEU A 1890 14.95 20.33 34.25
N LEU A 1891 16.15 20.85 33.97
CA LEU A 1891 17.33 20.36 34.66
C LEU A 1891 17.34 20.73 36.15
N ALA A 1892 16.72 21.88 36.50
CA ALA A 1892 16.59 22.24 37.90
C ALA A 1892 15.73 21.22 38.66
N ARG A 1893 14.56 20.88 38.12
CA ARG A 1893 13.76 19.83 38.76
C ARG A 1893 14.37 18.44 38.61
N LEU A 1894 15.26 18.24 37.64
CA LEU A 1894 15.99 16.98 37.55
C LEU A 1894 17.09 16.87 38.60
N ARG A 1895 17.56 18.00 39.14
CA ARG A 1895 18.57 17.98 40.20
C ARG A 1895 17.98 18.16 41.58
N GLY A 1896 16.66 18.04 41.74
CA GLY A 1896 16.05 18.16 43.05
C GLY A 1896 16.07 19.55 43.64
N VAL A 1897 16.14 20.58 42.80
CA VAL A 1897 16.11 21.96 43.27
C VAL A 1897 14.72 22.26 43.85
N PRO A 1898 14.63 22.86 45.04
CA PRO A 1898 13.32 23.19 45.61
C PRO A 1898 12.59 24.23 44.76
N GLU A 1899 11.25 24.18 44.83
CA GLU A 1899 10.39 24.98 43.96
C GLU A 1899 10.57 26.48 44.18
N ALA A 1900 11.02 26.90 45.38
CA ALA A 1900 11.35 28.30 45.58
C ALA A 1900 12.62 28.69 44.82
N GLN A 1901 13.57 27.78 44.71
CA GLN A 1901 14.85 28.05 44.04
C GLN A 1901 14.84 27.74 42.56
N VAL A 1902 13.75 27.16 42.04
CA VAL A 1902 13.70 26.75 40.63
C VAL A 1902 13.74 27.97 39.72
N ALA A 1903 12.91 28.97 40.01
CA ALA A 1903 12.87 30.19 39.20
C ALA A 1903 14.18 30.97 39.30
N GLN A 1904 14.77 31.03 40.50
CA GLN A 1904 16.05 31.72 40.67
C GLN A 1904 17.16 31.03 39.89
N THR A 1905 17.21 29.69 39.95
CA THR A 1905 18.23 28.95 39.22
C THR A 1905 18.06 29.10 37.71
N ALA A 1906 16.81 29.03 37.22
CA ALA A 1906 16.56 29.19 35.79
C ALA A 1906 16.90 30.60 35.33
N GLY A 1907 16.54 31.62 36.11
CA GLY A 1907 16.84 32.99 35.73
C GLY A 1907 18.32 33.29 35.73
N SER A 1908 19.05 32.79 36.75
CA SER A 1908 20.50 32.96 36.76
C SER A 1908 21.16 32.22 35.61
N GLY A 1909 20.70 31.00 35.32
CA GLY A 1909 21.26 30.24 34.21
C GLY A 1909 21.04 30.87 32.86
N LEU A 1910 19.87 31.49 32.65
CA LEU A 1910 19.66 32.19 31.39
C LEU A 1910 20.44 33.50 31.34
N ALA A 1911 20.37 34.31 32.40
CA ALA A 1911 20.93 35.65 32.38
C ALA A 1911 22.45 35.68 32.53
N ARG A 1912 23.07 34.56 32.92
CA ARG A 1912 24.53 34.51 32.95
C ARG A 1912 25.12 34.57 31.56
N LEU A 1913 24.44 34.02 30.57
CA LEU A 1913 24.93 34.03 29.20
C LEU A 1913 23.92 34.68 28.26
N GLY A 1914 23.38 35.81 28.66
CA GLY A 1914 22.43 36.55 27.84
C GLY A 1914 21.01 36.02 28.01
N LEU A 1915 20.44 35.51 26.92
CA LEU A 1915 19.22 34.70 26.87
C LEU A 1915 17.99 35.42 27.41
N SER A 1916 18.05 36.72 27.66
CA SER A 1916 16.85 37.47 28.01
C SER A 1916 15.94 37.64 26.81
N TRP A 1917 16.51 38.00 25.67
CA TRP A 1917 15.76 38.05 24.42
C TRP A 1917 15.48 36.66 23.89
N TYR A 1918 16.34 35.68 24.20
CA TYR A 1918 16.20 34.32 23.74
C TYR A 1918 15.48 33.43 24.75
N ALA A 1919 14.70 34.02 25.65
CA ALA A 1919 14.08 33.24 26.73
C ALA A 1919 12.94 32.37 26.20
N ASP A 1920 11.90 33.00 25.65
CA ASP A 1920 10.77 32.28 25.09
C ASP A 1920 10.89 32.05 23.59
N ARG A 1921 12.01 32.46 23.00
CA ARG A 1921 12.25 32.17 21.59
C ARG A 1921 12.50 30.67 21.42
N PRO A 1922 11.88 30.02 20.44
CA PRO A 1922 12.06 28.57 20.27
C PRO A 1922 13.49 28.22 19.87
N ALA A 1923 13.88 27.00 20.22
CA ALA A 1923 15.24 26.52 19.96
C ALA A 1923 15.55 26.37 18.49
N GLY A 1924 14.53 26.25 17.64
CA GLY A 1924 14.78 26.19 16.20
C GLY A 1924 15.31 27.50 15.65
N THR A 1925 14.77 28.62 16.12
CA THR A 1925 15.19 29.95 15.65
C THR A 1925 16.31 30.52 16.52
N TYR A 1926 17.36 29.74 16.71
CA TYR A 1926 18.56 30.18 17.42
C TYR A 1926 19.74 30.16 16.45
N SER A 1927 20.91 30.46 16.99
CA SER A 1927 22.16 30.25 16.27
C SER A 1927 22.88 29.05 16.86
N GLY A 1928 23.90 28.56 16.13
CA GLY A 1928 24.73 27.50 16.66
C GLY A 1928 25.49 27.92 17.89
N GLY A 1929 25.93 29.19 17.92
CA GLY A 1929 26.56 29.72 19.12
C GLY A 1929 25.62 29.81 20.30
N ASN A 1930 24.38 30.22 20.05
CA ASN A 1930 23.39 30.29 21.11
C ASN A 1930 23.09 28.91 21.68
N LYS A 1931 22.92 27.91 20.80
CA LYS A 1931 22.66 26.55 21.26
C LYS A 1931 23.85 25.99 22.04
N ARG A 1932 25.06 26.23 21.55
CA ARG A 1932 26.25 25.74 22.25
C ARG A 1932 26.43 26.43 23.60
N LYS A 1933 26.16 27.73 23.68
CA LYS A 1933 26.33 28.43 24.95
C LYS A 1933 25.23 28.06 25.95
N LEU A 1934 24.01 27.78 25.50
CA LEU A 1934 23.02 27.27 26.45
C LEU A 1934 23.31 25.83 26.84
N ALA A 1935 23.96 25.06 25.97
CA ALA A 1935 24.41 23.72 26.36
C ALA A 1935 25.48 23.80 27.44
N THR A 1936 26.42 24.75 27.32
CA THR A 1936 27.41 24.95 28.37
C THR A 1936 26.75 25.40 29.68
N ALA A 1937 25.79 26.34 29.58
CA ALA A 1937 25.09 26.81 30.78
C ALA A 1937 24.30 25.69 31.44
N LEU A 1938 23.66 24.82 30.65
CA LEU A 1938 22.99 23.65 31.20
C LEU A 1938 23.99 22.67 31.80
N ALA A 1939 25.20 22.61 31.25
CA ALA A 1939 26.22 21.72 31.80
C ALA A 1939 26.69 22.19 33.17
N LEU A 1940 26.87 23.50 33.36
CA LEU A 1940 27.38 23.97 34.65
C LEU A 1940 26.29 24.20 35.69
N VAL A 1941 25.02 24.19 35.30
CA VAL A 1941 23.92 24.39 36.24
C VAL A 1941 23.52 23.05 36.83
N GLY A 1942 23.46 22.98 38.16
CA GLY A 1942 23.13 21.75 38.85
C GLY A 1942 24.18 21.41 39.90
N ASP A 1943 25.11 22.33 40.11
CA ASP A 1943 26.27 22.24 41.00
C ASP A 1943 27.09 20.96 40.76
N PRO A 1944 27.82 20.85 39.66
CA PRO A 1944 28.75 19.73 39.50
C PRO A 1944 30.14 20.06 40.01
N ALA A 1945 30.82 19.04 40.51
CA ALA A 1945 32.21 19.20 40.91
C ALA A 1945 33.11 19.41 39.71
N VAL A 1946 32.83 18.72 38.61
CA VAL A 1946 33.57 18.89 37.35
C VAL A 1946 32.56 19.04 36.21
N VAL A 1947 32.75 20.05 35.39
CA VAL A 1947 31.84 20.32 34.29
C VAL A 1947 32.48 19.82 32.98
N PHE A 1948 31.73 19.03 32.20
CA PHE A 1948 32.24 18.41 31.00
C PHE A 1948 31.77 19.19 29.77
N LEU A 1949 32.72 19.61 28.94
CA LEU A 1949 32.50 20.35 27.69
C LEU A 1949 33.28 19.62 26.59
N ASP A 1950 32.60 18.73 25.85
CA ASP A 1950 33.20 17.97 24.75
C ASP A 1950 32.95 18.70 23.42
N GLN A 1951 34.02 19.30 22.85
CA GLN A 1951 33.97 20.19 21.67
C GLN A 1951 32.89 21.25 21.80
N PRO A 1952 32.98 22.17 22.77
CA PRO A 1952 31.91 23.17 22.92
C PRO A 1952 32.05 24.34 21.99
N THR A 1953 33.14 24.45 21.24
CA THR A 1953 33.41 25.61 20.41
C THR A 1953 33.64 25.18 18.96
N THR A 1954 32.67 25.46 18.09
CA THR A 1954 32.81 25.24 16.65
C THR A 1954 32.28 26.47 15.92
N GLY A 1955 33.14 27.47 15.75
CA GLY A 1955 32.84 28.65 14.94
C GLY A 1955 31.69 29.53 15.40
N MET A 1956 31.86 30.22 16.52
CA MET A 1956 30.84 31.15 16.99
C MET A 1956 31.45 32.56 17.09
N ASP A 1957 30.60 33.51 17.43
CA ASP A 1957 31.06 34.89 17.56
C ASP A 1957 31.95 35.04 18.80
N PRO A 1958 33.11 35.68 18.69
CA PRO A 1958 34.02 35.76 19.83
C PRO A 1958 33.55 36.68 20.96
N SER A 1959 32.54 37.52 20.72
CA SER A 1959 31.89 38.20 21.85
C SER A 1959 31.21 37.20 22.76
N ALA A 1960 30.50 36.22 22.17
CA ALA A 1960 29.92 35.13 22.94
C ALA A 1960 31.02 34.34 23.66
N ARG A 1961 32.19 34.23 23.05
CA ARG A 1961 33.34 33.63 23.73
C ARG A 1961 33.77 34.47 24.93
N ARG A 1962 33.76 35.81 24.78
CA ARG A 1962 34.08 36.71 25.88
C ARG A 1962 33.17 36.47 27.08
N PHE A 1963 31.84 36.49 26.86
CA PHE A 1963 30.95 36.22 27.99
C PHE A 1963 31.05 34.78 28.46
N LEU A 1964 31.36 33.83 27.56
CA LEU A 1964 31.45 32.42 27.94
C LEU A 1964 32.59 32.18 28.92
N TRP A 1965 33.80 32.59 28.57
CA TRP A 1965 34.87 32.32 29.53
C TRP A 1965 34.92 33.35 30.65
N ASN A 1966 34.23 34.50 30.53
CA ASN A 1966 34.00 35.32 31.72
C ASN A 1966 33.16 34.57 32.74
N SER A 1967 32.04 33.99 32.30
CA SER A 1967 31.16 33.27 33.21
C SER A 1967 31.82 32.03 33.78
N LEU A 1968 32.53 31.26 32.95
CA LEU A 1968 33.14 30.06 33.53
C LEU A 1968 34.43 30.36 34.30
N LEU A 1969 35.10 31.50 34.04
CA LEU A 1969 36.15 31.93 34.93
C LEU A 1969 35.59 32.32 36.29
N ALA A 1970 34.40 32.95 36.30
CA ALA A 1970 33.72 33.20 37.56
C ALA A 1970 33.36 31.92 38.28
N VAL A 1971 32.90 30.89 37.56
CA VAL A 1971 32.53 29.65 38.24
C VAL A 1971 33.75 28.83 38.65
N VAL A 1972 34.90 28.98 38.00
CA VAL A 1972 36.14 28.41 38.51
C VAL A 1972 36.61 29.16 39.76
N ARG A 1973 36.48 30.49 39.77
CA ARG A 1973 36.72 31.26 40.99
C ARG A 1973 35.76 30.88 42.11
N GLU A 1974 34.57 30.38 41.77
CA GLU A 1974 33.68 29.80 42.76
C GLU A 1974 34.18 28.45 43.28
N GLY A 1975 35.10 27.81 42.57
CA GLY A 1975 35.69 26.57 43.04
C GLY A 1975 35.15 25.32 42.38
N ARG A 1976 34.99 25.35 41.05
CA ARG A 1976 34.47 24.20 40.31
C ARG A 1976 35.39 23.90 39.14
N SER A 1977 35.80 22.63 39.03
CA SER A 1977 36.64 22.18 37.94
C SER A 1977 35.83 22.08 36.65
N VAL A 1978 36.51 22.17 35.52
CA VAL A 1978 35.85 22.25 34.22
C VAL A 1978 36.65 21.43 33.21
N MET A 1979 35.97 20.63 32.37
CA MET A 1979 36.77 19.78 31.47
C MET A 1979 36.63 20.39 30.10
N LEU A 1980 37.75 20.52 29.39
CA LEU A 1980 37.77 21.00 28.00
C LEU A 1980 38.47 20.03 27.07
N THR A 1981 37.92 19.91 25.86
CA THR A 1981 38.57 19.24 24.75
C THR A 1981 37.94 19.73 23.45
N SER A 1982 38.70 20.46 22.65
CA SER A 1982 38.17 21.05 21.43
C SER A 1982 39.29 21.20 20.41
N HIS A 1983 38.91 21.53 19.18
CA HIS A 1983 39.84 21.65 18.08
C HIS A 1983 40.49 23.03 17.98
N SER A 1984 40.02 24.01 18.76
CA SER A 1984 40.54 25.38 18.71
C SER A 1984 41.03 25.72 20.12
N MET A 1985 42.33 25.50 20.36
CA MET A 1985 42.87 25.44 21.71
C MET A 1985 43.27 26.80 22.27
N GLU A 1986 42.75 27.90 21.71
CA GLU A 1986 43.00 29.21 22.32
C GLU A 1986 42.14 29.45 23.55
N GLU A 1987 41.03 28.71 23.70
CA GLU A 1987 40.20 28.84 24.89
C GLU A 1987 40.97 28.38 26.13
N CYS A 1988 41.69 27.26 26.01
CA CYS A 1988 42.45 26.70 27.12
C CYS A 1988 43.47 27.69 27.66
N GLU A 1989 44.20 28.37 26.78
CA GLU A 1989 45.11 29.39 27.24
C GLU A 1989 44.41 30.72 27.52
N ALA A 1990 43.13 30.85 27.17
CA ALA A 1990 42.37 32.05 27.51
C ALA A 1990 41.71 31.98 28.87
N LEU A 1991 41.49 30.77 29.42
CA LEU A 1991 40.79 30.71 30.70
C LEU A 1991 41.51 29.90 31.78
N CYS A 1992 42.16 28.79 31.43
CA CYS A 1992 42.57 27.84 32.44
C CYS A 1992 44.03 28.06 32.84
N SER A 1993 44.58 27.10 33.58
CA SER A 1993 45.95 27.17 34.07
C SER A 1993 46.70 25.86 33.95
N ARG A 1994 46.25 24.93 33.10
CA ARG A 1994 46.92 23.65 32.95
C ARG A 1994 46.66 23.09 31.56
N LEU A 1995 47.72 22.75 30.85
CA LEU A 1995 47.66 22.28 29.47
C LEU A 1995 48.06 20.81 29.39
N ALA A 1996 47.36 20.06 28.55
CA ALA A 1996 47.74 18.67 28.30
C ALA A 1996 47.36 18.31 26.87
N ILE A 1997 48.23 17.54 26.22
CA ILE A 1997 48.05 17.07 24.85
C ILE A 1997 48.28 15.57 24.83
N MET A 1998 47.48 14.85 24.05
CA MET A 1998 47.86 13.50 23.66
C MET A 1998 47.53 13.27 22.19
N VAL A 1999 48.46 12.56 21.52
CA VAL A 1999 48.31 12.21 20.12
C VAL A 1999 48.46 10.69 20.02
N ASN A 2000 47.46 10.03 19.43
CA ASN A 2000 47.37 8.57 19.34
C ASN A 2000 47.45 7.93 20.73
N GLY A 2001 46.84 8.59 21.71
CA GLY A 2001 46.80 8.09 23.08
C GLY A 2001 48.14 8.02 23.78
N ARG A 2002 48.95 9.08 23.66
CA ARG A 2002 50.23 9.15 24.36
C ARG A 2002 50.43 10.57 24.86
N PHE A 2003 50.53 10.73 26.17
CA PHE A 2003 50.78 12.04 26.76
C PHE A 2003 52.20 12.50 26.43
N ARG A 2004 52.33 13.75 26.03
CA ARG A 2004 53.63 14.29 25.63
C ARG A 2004 54.11 15.44 26.51
N CYS A 2005 53.21 16.24 27.07
CA CYS A 2005 53.60 17.35 27.94
C CYS A 2005 53.12 17.17 29.37
N LEU A 2006 51.80 17.11 29.60
CA LEU A 2006 51.17 16.80 30.88
C LEU A 2006 51.73 17.63 32.04
N GLY A 2007 51.78 18.95 31.85
CA GLY A 2007 52.31 19.83 32.88
C GLY A 2007 51.71 21.21 32.81
N SER A 2008 52.16 22.07 33.73
CA SER A 2008 51.73 23.46 33.74
C SER A 2008 52.23 24.17 32.48
N PRO A 2009 51.37 24.97 31.83
CA PRO A 2009 51.69 25.46 30.47
C PRO A 2009 52.95 26.32 30.38
N GLN A 2010 53.29 27.07 31.43
CA GLN A 2010 54.52 27.85 31.39
C GLN A 2010 55.77 26.98 31.53
N HIS A 2011 55.68 25.85 32.24
CA HIS A 2011 56.81 24.93 32.30
C HIS A 2011 57.05 24.26 30.96
N LEU A 2012 55.98 23.84 30.29
CA LEU A 2012 56.10 23.30 28.94
C LEU A 2012 56.57 24.35 27.96
N LYS A 2013 56.21 25.61 28.19
CA LYS A 2013 56.71 26.70 27.36
C LYS A 2013 58.19 26.93 27.58
N GLY A 2014 58.66 26.86 28.83
CA GLY A 2014 60.09 26.90 29.07
C GLY A 2014 60.82 25.68 28.54
N ARG A 2015 60.11 24.57 28.36
CA ARG A 2015 60.73 23.36 27.82
C ARG A 2015 60.87 23.43 26.30
N PHE A 2016 59.78 23.77 25.58
CA PHE A 2016 59.79 23.63 24.13
C PHE A 2016 59.13 24.77 23.37
N ALA A 2017 58.91 25.93 24.00
CA ALA A 2017 58.11 26.98 23.37
C ALA A 2017 58.61 28.33 23.88
N ALA A 2018 57.74 29.35 23.77
CA ALA A 2018 57.92 30.64 24.46
C ALA A 2018 59.12 31.42 23.93
N GLY A 2019 59.37 31.31 22.64
CA GLY A 2019 60.36 32.15 22.01
C GLY A 2019 59.86 33.58 21.86
N HIS A 2020 60.82 34.48 21.61
CA HIS A 2020 60.54 35.90 21.46
C HIS A 2020 60.61 36.25 19.97
N THR A 2021 59.49 36.73 19.43
CA THR A 2021 59.38 36.99 18.00
C THR A 2021 59.14 38.48 17.74
N LEU A 2022 59.03 38.81 16.46
CA LEU A 2022 58.99 40.19 15.98
C LEU A 2022 58.27 40.22 14.64
N THR A 2023 57.39 41.19 14.45
CA THR A 2023 56.75 41.42 13.16
C THR A 2023 57.11 42.82 12.67
N LEU A 2024 57.40 42.92 11.37
CA LEU A 2024 57.90 44.17 10.81
C LEU A 2024 57.04 44.60 9.62
N ARG A 2025 57.24 45.85 9.20
CA ARG A 2025 56.51 46.43 8.08
C ARG A 2025 57.42 47.40 7.37
N VAL A 2026 57.75 47.08 6.11
CA VAL A 2026 58.69 47.81 5.26
C VAL A 2026 58.02 48.08 3.91
N PRO A 2027 58.10 49.31 3.36
CA PRO A 2027 57.40 49.59 2.10
C PRO A 2027 58.08 49.00 0.89
N ALA A 2028 59.41 49.00 0.87
CA ALA A 2028 60.19 48.57 -0.28
C ALA A 2028 60.29 47.06 -0.41
N ALA A 2029 59.82 46.31 0.61
CA ALA A 2029 59.86 44.84 0.64
C ALA A 2029 61.29 44.32 0.47
N ARG A 2030 62.25 45.00 1.08
CA ARG A 2030 63.64 44.57 1.09
C ARG A 2030 63.92 44.02 2.48
N SER A 2031 63.65 42.72 2.64
CA SER A 2031 63.76 42.08 3.96
C SER A 2031 65.20 41.88 4.40
N GLN A 2032 66.09 41.59 3.46
CA GLN A 2032 67.50 41.28 3.73
C GLN A 2032 68.28 42.41 4.42
N PRO A 2033 68.15 43.70 4.03
CA PRO A 2033 68.83 44.74 4.82
C PRO A 2033 68.37 44.82 6.27
N ALA A 2034 67.09 44.58 6.55
CA ALA A 2034 66.63 44.57 7.93
C ALA A 2034 67.14 43.34 8.67
N ALA A 2035 67.02 42.17 8.03
CA ALA A 2035 67.45 40.92 8.64
C ALA A 2035 68.95 40.87 8.88
N ALA A 2036 69.73 41.65 8.11
CA ALA A 2036 71.18 41.69 8.33
C ALA A 2036 71.53 42.21 9.71
N PHE A 2037 71.06 43.42 10.06
CA PHE A 2037 71.37 43.92 11.38
C PHE A 2037 70.55 43.21 12.44
N VAL A 2038 69.46 42.59 12.06
CA VAL A 2038 68.67 42.00 13.12
C VAL A 2038 69.33 40.68 13.56
N ALA A 2039 69.84 39.90 12.59
CA ALA A 2039 70.63 38.70 12.89
C ALA A 2039 72.06 39.03 13.31
N ALA A 2040 72.54 40.25 13.08
CA ALA A 2040 73.79 40.67 13.69
C ALA A 2040 73.61 41.02 15.16
N GLU A 2041 72.47 41.61 15.52
CA GLU A 2041 72.18 41.95 16.91
C GLU A 2041 71.94 40.69 17.74
N PHE A 2042 71.21 39.72 17.19
CA PHE A 2042 70.77 38.54 17.92
C PHE A 2042 71.35 37.28 17.29
N PRO A 2043 71.84 36.33 18.10
CA PRO A 2043 72.51 35.14 17.53
C PRO A 2043 71.62 34.27 16.68
N GLY A 2044 70.31 34.26 16.91
CA GLY A 2044 69.42 33.50 16.05
C GLY A 2044 69.20 34.18 14.71
N ALA A 2045 69.12 33.37 13.66
CA ALA A 2045 68.97 33.87 12.30
C ALA A 2045 67.98 33.01 11.51
N GLU A 2046 66.86 32.63 12.13
CA GLU A 2046 65.84 31.83 11.44
C GLU A 2046 65.05 32.69 10.47
N LEU A 2047 64.18 32.09 9.67
CA LEU A 2047 63.27 32.92 8.91
C LEU A 2047 62.03 32.12 8.57
N ARG A 2048 60.88 32.78 8.63
CA ARG A 2048 59.64 32.16 8.24
C ARG A 2048 58.71 33.26 7.71
N GLU A 2049 57.96 32.91 6.67
CA GLU A 2049 57.04 33.82 5.97
C GLU A 2049 57.81 35.03 5.43
N ALA A 2050 58.78 34.75 4.56
CA ALA A 2050 59.55 35.78 3.87
C ALA A 2050 58.74 36.22 2.65
N HIS A 2051 57.70 37.01 2.92
CA HIS A 2051 56.71 37.37 1.92
C HIS A 2051 56.60 38.89 1.83
N GLY A 2052 55.90 39.34 0.79
CA GLY A 2052 55.81 40.77 0.51
C GLY A 2052 54.93 41.56 1.47
N GLY A 2053 54.08 40.87 2.23
CA GLY A 2053 53.24 41.56 3.19
C GLY A 2053 54.00 42.07 4.40
N ARG A 2054 54.58 41.14 5.16
CA ARG A 2054 55.33 41.48 6.37
C ARG A 2054 56.41 40.43 6.58
N LEU A 2055 57.06 40.47 7.74
CA LEU A 2055 58.09 39.49 8.05
C LEU A 2055 58.08 39.28 9.56
N ARG A 2056 58.16 38.01 9.97
CA ARG A 2056 58.28 37.63 11.36
C ARG A 2056 59.63 36.98 11.64
N PHE A 2057 60.15 37.23 12.82
CA PHE A 2057 61.45 36.74 13.23
C PHE A 2057 61.42 36.17 14.65
N GLN A 2058 62.10 35.06 14.84
CA GLN A 2058 62.19 34.39 16.14
C GLN A 2058 63.63 34.40 16.62
N LEU A 2059 63.83 34.78 17.88
CA LEU A 2059 65.17 34.85 18.43
C LEU A 2059 65.30 33.61 19.30
N PRO A 2060 66.44 33.37 19.98
CA PRO A 2060 66.60 32.13 20.76
C PRO A 2060 65.82 32.28 22.06
N PRO A 2061 65.03 31.27 22.43
CA PRO A 2061 64.12 31.40 23.56
C PRO A 2061 64.84 31.43 24.91
N GLY A 2062 64.14 31.96 25.91
CA GLY A 2062 64.64 32.01 27.27
C GLY A 2062 65.83 32.93 27.47
N GLY A 2063 65.78 34.11 26.86
CA GLY A 2063 66.85 35.08 27.05
C GLY A 2063 66.76 35.77 28.40
N ARG A 2064 67.77 35.57 29.24
CA ARG A 2064 67.80 36.24 30.54
C ARG A 2064 67.97 37.75 30.39
N CYS A 2065 68.80 38.18 29.45
CA CYS A 2065 68.91 39.59 29.14
C CYS A 2065 67.62 40.09 28.50
N ALA A 2066 67.24 41.32 28.82
CA ALA A 2066 66.01 41.89 28.31
C ALA A 2066 66.14 42.21 26.83
N LEU A 2067 65.01 42.50 26.19
CA LEU A 2067 64.95 42.82 24.78
C LEU A 2067 65.30 44.26 24.49
N ALA A 2068 65.69 45.01 25.52
CA ALA A 2068 66.10 46.41 25.39
C ALA A 2068 67.21 46.58 24.39
N ARG A 2069 68.08 45.57 24.26
CA ARG A 2069 69.21 45.62 23.34
C ARG A 2069 68.78 45.73 21.89
N VAL A 2070 67.51 45.49 21.56
CA VAL A 2070 67.01 45.82 20.23
C VAL A 2070 66.18 47.11 20.19
N PHE A 2071 65.51 47.47 21.29
CA PHE A 2071 64.45 48.47 21.25
C PHE A 2071 64.97 49.84 20.82
N GLY A 2072 65.83 50.44 21.65
CA GLY A 2072 66.54 51.63 21.24
C GLY A 2072 67.38 51.44 20.00
N GLU A 2073 67.91 50.21 19.80
CA GLU A 2073 68.59 49.90 18.56
C GLU A 2073 67.65 50.05 17.38
N LEU A 2074 66.42 49.52 17.52
CA LEU A 2074 65.39 49.74 16.51
C LEU A 2074 65.12 51.22 16.32
N ALA A 2075 65.21 52.00 17.41
CA ALA A 2075 64.97 53.45 17.36
C ALA A 2075 65.93 54.17 16.44
N VAL A 2076 67.07 53.58 16.10
CA VAL A 2076 67.85 54.09 14.99
C VAL A 2076 67.79 53.16 13.78
N HIS A 2077 67.69 51.85 14.01
CA HIS A 2077 67.78 50.91 12.90
C HIS A 2077 66.51 50.87 12.06
N GLY A 2078 65.35 51.08 12.69
CA GLY A 2078 64.15 51.34 11.93
C GLY A 2078 64.22 52.62 11.11
N ALA A 2079 65.06 53.56 11.52
CA ALA A 2079 65.35 54.74 10.71
C ALA A 2079 66.53 54.51 9.76
N GLU A 2080 67.16 53.35 9.82
CA GLU A 2080 68.30 53.08 8.95
C GLU A 2080 67.87 52.91 7.50
N HIS A 2081 66.83 52.11 7.28
CA HIS A 2081 66.25 51.92 5.95
C HIS A 2081 64.77 52.34 5.99
N GLY A 2082 64.10 52.17 4.85
CA GLY A 2082 62.68 52.43 4.79
C GLY A 2082 61.89 51.38 5.54
N VAL A 2083 61.30 51.76 6.67
CA VAL A 2083 60.52 50.86 7.52
C VAL A 2083 59.19 51.55 7.83
N GLU A 2084 58.08 50.87 7.56
CA GLU A 2084 56.79 51.42 7.94
C GLU A 2084 56.60 51.38 9.45
N ASP A 2085 56.62 50.19 10.04
CA ASP A 2085 56.21 50.03 11.43
C ASP A 2085 56.79 48.72 11.96
N PHE A 2086 56.70 48.53 13.27
CA PHE A 2086 57.15 47.29 13.89
C PHE A 2086 56.27 46.97 15.09
N SER A 2087 56.11 45.68 15.37
CA SER A 2087 55.40 45.22 16.56
C SER A 2087 56.12 43.98 17.06
N VAL A 2088 56.73 44.07 18.22
CA VAL A 2088 57.49 42.93 18.73
C VAL A 2088 56.52 41.93 19.34
N SER A 2089 56.51 40.72 18.80
CA SER A 2089 55.63 39.67 19.26
C SER A 2089 56.39 38.69 20.17
N GLN A 2090 56.86 39.21 21.30
CA GLN A 2090 57.73 38.44 22.18
C GLN A 2090 56.92 37.93 23.38
N THR A 2091 57.02 36.62 23.62
CA THR A 2091 56.47 35.86 24.76
C THR A 2091 55.03 36.26 25.11
N MET A 2092 54.15 36.06 24.13
CA MET A 2092 52.75 35.89 24.49
C MET A 2092 52.48 34.41 24.74
N LEU A 2093 51.29 34.11 25.24
CA LEU A 2093 50.89 32.72 25.34
C LEU A 2093 50.62 32.12 23.97
N GLU A 2094 50.38 32.97 22.96
CA GLU A 2094 49.93 32.54 21.64
C GLU A 2094 51.09 32.07 20.75
N GLU A 2095 52.33 32.22 21.22
CA GLU A 2095 53.48 31.79 20.43
C GLU A 2095 53.49 30.29 20.16
N VAL A 2096 52.94 29.48 21.07
CA VAL A 2096 52.92 28.04 20.89
C VAL A 2096 52.04 27.62 19.71
N PHE A 2097 51.07 28.44 19.30
CA PHE A 2097 50.31 28.10 18.10
C PHE A 2097 51.17 28.21 16.86
N LEU A 2098 52.13 29.14 16.85
CA LEU A 2098 53.14 29.12 15.80
C LEU A 2098 53.97 27.85 15.87
N TYR A 2099 54.25 27.37 17.10
CA TYR A 2099 54.77 26.02 17.28
C TYR A 2099 53.83 25.00 16.69
N PHE A 2100 52.52 25.14 16.97
CA PHE A 2100 51.52 24.29 16.34
C PHE A 2100 51.39 24.55 14.85
N SER A 2101 51.90 25.69 14.35
CA SER A 2101 51.97 25.93 12.93
C SER A 2101 53.26 25.41 12.30
N LYS A 2102 54.22 24.97 13.12
CA LYS A 2102 55.50 24.48 12.60
C LYS A 2102 55.56 22.97 12.58
N ASP A 2103 55.37 22.33 13.74
CA ASP A 2103 55.45 20.88 13.84
C ASP A 2103 54.64 20.36 15.01
#